data_2M9U
#
_entry.id   2M9U
#
_entity_poly.entity_id   1
_entity_poly.type   'polypeptide(L)'
_entity_poly.pdbx_seq_one_letter_code
;HHHHHHSHMVGDTVWVRRHQTKNLEPRWKGPYTVLLTTPTALKVDGIAAWIHAAHVKAADPGGGPSSRLTWRVQRSQNPL
KIRLTREAP
;
_entity_poly.pdbx_strand_id   A
#
# COMPACT_ATOMS: atom_id res chain seq x y z
N HIS A 1 -9.81 -14.58 -9.53
CA HIS A 1 -10.53 -14.13 -8.33
C HIS A 1 -11.15 -12.74 -8.57
N HIS A 2 -12.24 -12.45 -7.85
CA HIS A 2 -12.95 -11.16 -7.93
C HIS A 2 -13.55 -10.80 -6.56
N HIS A 3 -12.65 -10.64 -5.58
CA HIS A 3 -13.00 -10.17 -4.23
C HIS A 3 -12.63 -8.69 -4.11
N HIS A 4 -13.63 -7.85 -3.79
CA HIS A 4 -13.46 -6.41 -3.64
C HIS A 4 -13.97 -5.96 -2.27
N HIS A 5 -13.41 -4.83 -1.80
CA HIS A 5 -13.89 -4.08 -0.64
C HIS A 5 -13.21 -2.70 -0.64
N HIS A 6 -13.67 -1.79 0.24
CA HIS A 6 -13.08 -0.44 0.36
C HIS A 6 -11.64 -0.53 0.90
N SER A 7 -10.70 -0.66 -0.03
CA SER A 7 -9.26 -0.69 0.19
C SER A 7 -8.65 0.62 -0.29
N HIS A 8 -7.33 0.75 -0.22
CA HIS A 8 -6.60 1.86 -0.86
C HIS A 8 -6.29 1.47 -2.30
N MET A 9 -6.10 2.48 -3.18
CA MET A 9 -5.90 2.28 -4.63
C MET A 9 -4.65 1.40 -4.91
N VAL A 10 -4.76 0.50 -5.92
CA VAL A 10 -3.63 -0.33 -6.37
C VAL A 10 -2.50 0.61 -6.87
N GLY A 11 -1.40 0.71 -6.11
CA GLY A 11 -0.38 1.73 -6.37
C GLY A 11 -0.20 2.72 -5.24
N ASP A 12 -0.81 2.45 -4.07
CA ASP A 12 -0.68 3.35 -2.89
C ASP A 12 0.82 3.47 -2.51
N THR A 13 1.40 4.67 -2.73
CA THR A 13 2.82 4.91 -2.52
C THR A 13 3.12 5.00 -1.01
N VAL A 14 3.80 3.96 -0.52
CA VAL A 14 4.14 3.78 0.89
C VAL A 14 5.63 3.42 1.02
N TRP A 15 6.09 3.38 2.27
CA TRP A 15 7.41 2.89 2.64
C TRP A 15 7.22 1.70 3.59
N VAL A 16 8.22 0.79 3.64
CA VAL A 16 8.22 -0.35 4.56
C VAL A 16 9.23 -0.07 5.68
N ARG A 17 8.65 0.18 6.84
CA ARG A 17 9.30 0.51 8.10
C ARG A 17 9.75 -0.79 8.78
N ARG A 18 11.00 -1.20 8.51
CA ARG A 18 11.51 -2.52 8.94
C ARG A 18 13.00 -2.42 9.30
N HIS A 19 13.44 -3.26 10.25
CA HIS A 19 14.84 -3.31 10.70
C HIS A 19 15.14 -4.68 11.29
N GLN A 20 16.32 -5.23 10.93
CA GLN A 20 16.83 -6.49 11.54
C GLN A 20 17.04 -6.28 13.04
N THR A 21 16.73 -7.30 13.86
CA THR A 21 16.71 -7.18 15.34
C THR A 21 18.13 -6.91 15.90
N LYS A 22 18.51 -5.62 15.91
CA LYS A 22 19.79 -5.10 16.46
C LYS A 22 19.55 -4.22 17.70
N ASN A 23 18.25 -4.12 18.12
CA ASN A 23 17.76 -3.17 19.18
C ASN A 23 17.78 -1.69 18.68
N LEU A 24 18.12 -1.50 17.39
CA LEU A 24 18.18 -0.18 16.76
C LEU A 24 16.83 0.14 16.07
N GLU A 25 16.55 1.44 15.83
CA GLU A 25 15.23 1.93 15.38
C GLU A 25 14.83 1.39 13.96
N PRO A 26 13.50 1.13 13.68
CA PRO A 26 13.02 0.63 12.36
C PRO A 26 13.31 1.62 11.20
N ARG A 27 13.81 1.09 10.07
CA ARG A 27 14.30 1.90 8.93
C ARG A 27 13.36 1.75 7.73
N TRP A 28 12.95 2.88 7.13
CA TRP A 28 12.06 2.89 5.96
C TRP A 28 12.84 2.57 4.68
N LYS A 29 12.19 1.83 3.77
CA LYS A 29 12.63 1.69 2.35
C LYS A 29 11.41 1.97 1.46
N GLY A 30 11.64 2.44 0.24
CA GLY A 30 10.53 2.72 -0.68
C GLY A 30 10.99 3.05 -2.09
N PRO A 31 10.05 3.42 -3.00
CA PRO A 31 8.59 3.51 -2.72
C PRO A 31 7.84 2.19 -3.08
N TYR A 32 7.34 1.50 -2.05
CA TYR A 32 6.49 0.30 -2.21
C TYR A 32 5.08 0.72 -2.62
N THR A 33 4.32 -0.18 -3.25
CA THR A 33 2.97 0.12 -3.75
C THR A 33 1.95 -0.92 -3.22
N VAL A 34 1.03 -0.44 -2.35
CA VAL A 34 -0.05 -1.28 -1.80
C VAL A 34 -1.12 -1.51 -2.88
N LEU A 35 -1.39 -2.79 -3.15
CA LEU A 35 -2.41 -3.24 -4.11
C LEU A 35 -3.75 -3.49 -3.38
N LEU A 36 -3.65 -3.95 -2.12
CA LEU A 36 -4.84 -4.28 -1.31
C LEU A 36 -4.51 -4.05 0.17
N THR A 37 -5.51 -3.58 0.91
CA THR A 37 -5.42 -3.41 2.36
C THR A 37 -6.30 -4.46 3.04
N THR A 38 -5.85 -4.95 4.16
CA THR A 38 -6.56 -5.90 5.02
C THR A 38 -6.37 -5.38 6.48
N PRO A 39 -7.35 -5.60 7.44
CA PRO A 39 -7.19 -5.22 8.87
C PRO A 39 -5.78 -5.53 9.44
N THR A 40 -4.99 -4.44 9.63
CA THR A 40 -3.66 -4.44 10.24
C THR A 40 -2.61 -5.29 9.44
N ALA A 41 -2.85 -5.41 8.11
CA ALA A 41 -1.97 -6.18 7.20
C ALA A 41 -2.20 -5.70 5.75
N LEU A 42 -1.15 -5.26 5.05
CA LEU A 42 -1.27 -4.69 3.70
C LEU A 42 -0.62 -5.63 2.67
N LYS A 43 -1.39 -5.96 1.61
CA LYS A 43 -0.90 -6.75 0.48
C LYS A 43 -0.24 -5.76 -0.51
N VAL A 44 1.09 -5.83 -0.57
CA VAL A 44 1.94 -4.91 -1.33
C VAL A 44 2.66 -5.68 -2.45
N ASP A 45 2.93 -5.00 -3.58
CA ASP A 45 3.77 -5.55 -4.66
C ASP A 45 5.20 -5.82 -4.12
N GLY A 46 5.74 -7.02 -4.42
CA GLY A 46 7.07 -7.42 -3.97
C GLY A 46 7.05 -8.26 -2.70
N ILE A 47 5.88 -8.33 -2.03
CA ILE A 47 5.70 -9.06 -0.76
C ILE A 47 5.09 -10.45 -1.02
N ALA A 48 5.40 -11.42 -0.13
CA ALA A 48 4.90 -12.81 -0.20
C ALA A 48 3.36 -12.87 -0.21
N ALA A 49 2.72 -12.18 0.78
CA ALA A 49 1.26 -12.04 0.83
C ALA A 49 0.85 -10.74 1.55
N TRP A 50 1.26 -10.61 2.83
CA TRP A 50 0.91 -9.43 3.68
C TRP A 50 2.09 -9.04 4.57
N ILE A 51 2.19 -7.74 4.83
CA ILE A 51 3.06 -7.17 5.89
C ILE A 51 2.15 -6.53 6.94
N HIS A 52 2.38 -6.86 8.23
CA HIS A 52 1.67 -6.23 9.36
C HIS A 52 1.86 -4.69 9.27
N ALA A 53 0.74 -3.95 9.24
CA ALA A 53 0.68 -2.53 8.84
C ALA A 53 1.55 -1.58 9.70
N ALA A 54 1.96 -2.02 10.91
CA ALA A 54 2.90 -1.26 11.76
C ALA A 54 4.30 -1.12 11.12
N HIS A 55 4.61 -2.05 10.21
CA HIS A 55 5.87 -2.07 9.44
C HIS A 55 5.69 -1.42 8.06
N VAL A 56 4.58 -0.68 7.88
CA VAL A 56 4.32 0.11 6.67
C VAL A 56 3.88 1.53 7.12
N LYS A 57 4.14 2.53 6.28
CA LYS A 57 3.73 3.91 6.53
C LYS A 57 3.53 4.61 5.18
N ALA A 58 2.42 5.34 5.02
CA ALA A 58 2.10 6.06 3.77
C ALA A 58 3.19 7.12 3.44
N ALA A 59 3.36 7.40 2.14
CA ALA A 59 4.38 8.34 1.64
C ALA A 59 3.72 9.36 0.69
N ASP A 60 4.43 10.46 0.40
CA ASP A 60 4.02 11.42 -0.63
C ASP A 60 4.76 11.11 -1.94
N PRO A 61 4.05 10.62 -3.01
CA PRO A 61 4.68 10.37 -4.32
C PRO A 61 5.06 11.66 -5.07
N GLY A 62 4.53 12.82 -4.60
CA GLY A 62 4.72 14.10 -5.28
C GLY A 62 3.74 14.28 -6.43
N GLY A 63 3.77 13.34 -7.39
CA GLY A 63 2.85 13.31 -8.51
C GLY A 63 3.44 12.57 -9.69
N GLY A 64 2.80 12.72 -10.86
CA GLY A 64 3.29 12.19 -12.13
C GLY A 64 3.49 10.66 -12.13
N PRO A 65 4.58 10.13 -12.77
CA PRO A 65 4.85 8.68 -12.86
C PRO A 65 5.51 8.08 -11.59
N SER A 66 5.04 8.49 -10.39
CA SER A 66 5.50 7.91 -9.12
C SER A 66 4.45 6.89 -8.63
N SER A 67 3.27 7.40 -8.22
CA SER A 67 2.14 6.56 -7.81
C SER A 67 1.51 5.85 -9.02
N ARG A 68 1.69 6.45 -10.21
CA ARG A 68 1.05 6.03 -11.46
C ARG A 68 1.64 4.71 -12.00
N LEU A 69 2.96 4.49 -11.82
CA LEU A 69 3.65 3.30 -12.33
C LEU A 69 3.41 2.09 -11.41
N THR A 70 2.21 1.51 -11.53
CA THR A 70 1.80 0.32 -10.79
C THR A 70 0.72 -0.44 -11.59
N TRP A 71 0.65 -1.77 -11.33
CA TRP A 71 -0.40 -2.67 -11.87
C TRP A 71 -1.79 -2.07 -11.62
N ARG A 72 -2.53 -1.81 -12.71
CA ARG A 72 -3.83 -1.08 -12.68
C ARG A 72 -5.01 -2.06 -12.45
N VAL A 73 -4.78 -3.07 -11.57
CA VAL A 73 -5.73 -4.17 -11.28
C VAL A 73 -7.15 -3.65 -10.93
N GLN A 74 -7.19 -2.73 -9.97
CA GLN A 74 -8.43 -2.09 -9.49
C GLN A 74 -8.24 -0.56 -9.42
N ARG A 75 -7.43 0.00 -10.35
CA ARG A 75 -7.15 1.45 -10.40
C ARG A 75 -8.42 2.21 -10.86
N SER A 76 -9.22 2.57 -9.85
CA SER A 76 -10.53 3.20 -10.01
C SER A 76 -10.88 3.92 -8.70
N GLN A 77 -11.06 5.24 -8.78
CA GLN A 77 -11.27 6.10 -7.61
C GLN A 77 -12.76 6.15 -7.25
N ASN A 78 -13.29 4.98 -6.83
CA ASN A 78 -14.69 4.80 -6.42
C ASN A 78 -14.79 3.58 -5.46
N PRO A 79 -14.38 2.30 -5.84
CA PRO A 79 -14.34 1.18 -4.88
C PRO A 79 -13.17 1.33 -3.88
N LEU A 80 -12.03 1.85 -4.36
CA LEU A 80 -10.81 2.02 -3.57
C LEU A 80 -10.62 3.50 -3.22
N LYS A 81 -10.47 3.79 -1.92
CA LYS A 81 -10.32 5.15 -1.38
C LYS A 81 -9.01 5.26 -0.59
N ILE A 82 -8.35 6.42 -0.70
CA ILE A 82 -7.18 6.79 0.13
C ILE A 82 -7.55 8.06 0.94
N ARG A 83 -6.56 8.66 1.62
CA ARG A 83 -6.75 9.90 2.40
C ARG A 83 -5.63 10.91 2.09
N LEU A 84 -5.71 12.11 2.70
CA LEU A 84 -4.73 13.20 2.49
C LEU A 84 -3.32 12.76 2.93
N THR A 85 -2.35 12.83 2.00
CA THR A 85 -0.93 12.53 2.29
C THR A 85 -0.33 13.63 3.20
N ARG A 86 0.95 13.46 3.58
CA ARG A 86 1.65 14.42 4.45
C ARG A 86 1.85 15.79 3.76
N GLU A 87 2.05 15.76 2.43
CA GLU A 87 2.50 16.94 1.65
C GLU A 87 3.92 17.32 2.11
N ALA A 88 4.94 16.74 1.45
CA ALA A 88 6.36 16.94 1.76
C ALA A 88 7.13 17.11 0.44
N PRO A 89 7.75 18.32 0.19
CA PRO A 89 8.50 18.58 -1.07
C PRO A 89 9.86 17.84 -1.09
N HIS A 1 -16.01 -19.32 -0.58
CA HIS A 1 -16.32 -18.20 0.33
C HIS A 1 -15.61 -16.92 -0.16
N HIS A 2 -16.20 -15.74 0.10
CA HIS A 2 -15.63 -14.45 -0.30
C HIS A 2 -15.84 -13.40 0.80
N HIS A 3 -15.02 -12.34 0.77
CA HIS A 3 -15.06 -11.24 1.74
C HIS A 3 -15.18 -9.89 1.01
N HIS A 4 -16.27 -9.15 1.28
CA HIS A 4 -16.47 -7.79 0.77
C HIS A 4 -15.59 -6.79 1.54
N HIS A 5 -14.96 -5.84 0.84
CA HIS A 5 -13.95 -4.92 1.43
C HIS A 5 -14.04 -3.52 0.82
N HIS A 6 -13.74 -2.51 1.66
CA HIS A 6 -13.50 -1.12 1.24
C HIS A 6 -12.04 -0.76 1.55
N SER A 7 -11.16 -1.16 0.64
CA SER A 7 -9.71 -1.03 0.81
C SER A 7 -9.17 0.23 0.11
N HIS A 8 -7.89 0.57 0.37
CA HIS A 8 -7.19 1.61 -0.40
C HIS A 8 -6.81 0.99 -1.76
N MET A 9 -7.11 1.72 -2.84
CA MET A 9 -6.92 1.24 -4.21
C MET A 9 -5.44 1.07 -4.57
N VAL A 10 -5.22 0.31 -5.65
CA VAL A 10 -3.90 -0.10 -6.13
C VAL A 10 -3.00 1.09 -6.52
N GLY A 11 -1.70 0.96 -6.19
CA GLY A 11 -0.69 1.95 -6.58
C GLY A 11 -0.31 2.89 -5.45
N ASP A 12 -0.79 2.58 -4.21
CA ASP A 12 -0.59 3.43 -3.02
C ASP A 12 0.91 3.54 -2.69
N THR A 13 1.52 4.69 -3.03
CA THR A 13 2.96 4.90 -2.84
C THR A 13 3.25 5.05 -1.33
N VAL A 14 3.94 4.03 -0.79
CA VAL A 14 4.27 3.91 0.64
C VAL A 14 5.75 3.54 0.83
N TRP A 15 6.17 3.42 2.09
CA TRP A 15 7.48 2.92 2.48
C TRP A 15 7.27 1.73 3.44
N VAL A 16 8.21 0.78 3.46
CA VAL A 16 8.14 -0.39 4.34
C VAL A 16 9.19 -0.26 5.46
N ARG A 17 8.68 0.01 6.67
CA ARG A 17 9.46 0.15 7.90
C ARG A 17 9.89 -1.24 8.42
N ARG A 18 11.15 -1.35 8.87
CA ARG A 18 11.70 -2.61 9.42
C ARG A 18 12.46 -2.32 10.72
N HIS A 19 11.94 -2.84 11.85
CA HIS A 19 12.63 -2.79 13.15
C HIS A 19 13.75 -3.84 13.13
N GLN A 20 15.01 -3.36 13.03
CA GLN A 20 16.18 -4.21 12.84
C GLN A 20 16.39 -5.14 14.04
N THR A 21 16.63 -4.53 15.22
CA THR A 21 16.72 -5.23 16.52
C THR A 21 16.02 -4.37 17.59
N LYS A 22 15.92 -4.90 18.82
CA LYS A 22 15.35 -4.16 19.98
C LYS A 22 16.26 -2.96 20.36
N ASN A 23 17.54 -3.05 19.96
CA ASN A 23 18.51 -1.93 20.10
C ASN A 23 18.35 -0.97 18.92
N LEU A 24 18.52 -1.49 17.69
CA LEU A 24 18.49 -0.68 16.46
C LEU A 24 17.06 -0.27 16.12
N GLU A 25 16.80 1.05 16.20
CA GLU A 25 15.50 1.67 15.91
C GLU A 25 15.04 1.40 14.44
N PRO A 26 13.69 1.47 14.14
CA PRO A 26 13.13 1.10 12.81
C PRO A 26 13.74 1.89 11.61
N ARG A 27 14.28 1.13 10.64
CA ARG A 27 14.80 1.65 9.37
C ARG A 27 13.88 1.20 8.21
N TRP A 28 13.42 2.16 7.39
CA TRP A 28 12.49 1.91 6.26
C TRP A 28 13.21 1.93 4.90
N LYS A 29 12.54 1.35 3.89
CA LYS A 29 12.97 1.39 2.47
C LYS A 29 11.76 1.81 1.60
N GLY A 30 12.02 2.28 0.37
CA GLY A 30 10.95 2.69 -0.54
C GLY A 30 11.46 3.07 -1.94
N PRO A 31 10.58 3.56 -2.87
CA PRO A 31 9.11 3.62 -2.67
C PRO A 31 8.39 2.32 -3.13
N TYR A 32 7.57 1.76 -2.22
CA TYR A 32 6.69 0.61 -2.49
C TYR A 32 5.29 1.10 -2.92
N THR A 33 4.41 0.14 -3.28
CA THR A 33 3.02 0.42 -3.67
C THR A 33 2.07 -0.65 -3.09
N VAL A 34 1.15 -0.24 -2.20
CA VAL A 34 0.08 -1.11 -1.70
C VAL A 34 -0.96 -1.32 -2.82
N LEU A 35 -1.34 -2.59 -2.99
CA LEU A 35 -2.37 -3.01 -3.95
C LEU A 35 -3.72 -3.17 -3.23
N LEU A 36 -3.68 -3.79 -2.03
CA LEU A 36 -4.90 -4.11 -1.26
C LEU A 36 -4.63 -3.89 0.24
N THR A 37 -5.63 -3.35 0.98
CA THR A 37 -5.53 -3.20 2.44
C THR A 37 -6.54 -4.13 3.13
N THR A 38 -6.06 -4.93 4.10
CA THR A 38 -6.88 -5.87 4.88
C THR A 38 -6.66 -5.60 6.40
N PRO A 39 -7.57 -6.10 7.31
CA PRO A 39 -7.40 -5.99 8.78
C PRO A 39 -5.95 -6.30 9.28
N THR A 40 -5.30 -5.26 9.84
CA THR A 40 -3.96 -5.28 10.50
C THR A 40 -2.79 -5.66 9.55
N ALA A 41 -3.07 -5.81 8.24
CA ALA A 41 -2.07 -6.31 7.26
C ALA A 41 -2.34 -5.68 5.89
N LEU A 42 -1.27 -5.23 5.22
CA LEU A 42 -1.37 -4.54 3.92
C LEU A 42 -0.66 -5.35 2.85
N LYS A 43 -1.40 -5.67 1.78
CA LYS A 43 -0.86 -6.40 0.64
C LYS A 43 -0.16 -5.39 -0.29
N VAL A 44 1.18 -5.46 -0.29
CA VAL A 44 2.06 -4.58 -1.08
C VAL A 44 2.66 -5.41 -2.23
N ASP A 45 2.95 -4.76 -3.36
CA ASP A 45 3.65 -5.40 -4.49
C ASP A 45 5.12 -5.70 -4.11
N GLY A 46 5.62 -6.86 -4.55
CA GLY A 46 6.96 -7.32 -4.19
C GLY A 46 7.00 -8.13 -2.91
N ILE A 47 5.81 -8.41 -2.34
CA ILE A 47 5.66 -9.11 -1.05
C ILE A 47 4.91 -10.45 -1.25
N ALA A 48 5.23 -11.44 -0.38
CA ALA A 48 4.64 -12.80 -0.44
C ALA A 48 3.11 -12.79 -0.37
N ALA A 49 2.55 -12.09 0.65
CA ALA A 49 1.09 -11.98 0.82
C ALA A 49 0.70 -10.66 1.50
N TRP A 50 1.27 -10.41 2.69
CA TRP A 50 0.97 -9.19 3.50
C TRP A 50 2.21 -8.67 4.22
N ILE A 51 2.16 -7.37 4.57
CA ILE A 51 3.09 -6.72 5.52
C ILE A 51 2.22 -6.14 6.65
N HIS A 52 2.43 -6.61 7.90
CA HIS A 52 1.66 -6.14 9.07
C HIS A 52 1.81 -4.60 9.17
N ALA A 53 0.67 -3.88 9.24
CA ALA A 53 0.54 -2.43 8.91
C ALA A 53 1.51 -1.47 9.65
N ALA A 54 2.01 -1.89 10.83
CA ALA A 54 2.99 -1.08 11.61
C ALA A 54 4.38 -1.02 10.92
N HIS A 55 4.57 -1.85 9.89
CA HIS A 55 5.77 -1.90 9.04
C HIS A 55 5.52 -1.19 7.69
N VAL A 56 4.48 -0.36 7.61
CA VAL A 56 4.18 0.46 6.43
C VAL A 56 3.89 1.90 6.88
N LYS A 57 4.26 2.90 6.05
CA LYS A 57 3.90 4.30 6.27
C LYS A 57 3.68 4.98 4.91
N ALA A 58 2.58 5.74 4.77
CA ALA A 58 2.21 6.43 3.51
C ALA A 58 3.29 7.43 3.07
N ALA A 59 3.51 7.52 1.75
CA ALA A 59 4.55 8.37 1.13
C ALA A 59 3.96 9.23 0.01
N ASP A 60 4.53 10.43 -0.17
CA ASP A 60 4.14 11.35 -1.26
C ASP A 60 4.95 10.96 -2.54
N PRO A 61 4.25 10.62 -3.67
CA PRO A 61 4.93 10.36 -4.97
C PRO A 61 5.64 11.63 -5.53
N GLY A 62 5.17 12.81 -5.08
CA GLY A 62 5.70 14.11 -5.51
C GLY A 62 4.88 14.71 -6.65
N GLY A 63 4.52 13.87 -7.62
CA GLY A 63 3.67 14.25 -8.75
C GLY A 63 2.89 13.06 -9.25
N GLY A 64 2.36 12.25 -8.30
CA GLY A 64 1.61 11.03 -8.63
C GLY A 64 0.16 11.30 -9.00
N PRO A 65 -0.63 10.24 -9.36
CA PRO A 65 -2.02 10.40 -9.86
C PRO A 65 -3.01 10.85 -8.77
N SER A 66 -4.21 11.27 -9.21
CA SER A 66 -5.31 11.68 -8.32
C SER A 66 -5.85 10.47 -7.52
N SER A 67 -5.71 9.27 -8.10
CA SER A 67 -6.23 8.02 -7.52
C SER A 67 -5.31 6.83 -7.91
N ARG A 68 -5.21 6.58 -9.24
CA ARG A 68 -4.36 5.51 -9.81
C ARG A 68 -4.05 5.83 -11.29
N LEU A 69 -3.01 5.19 -11.85
CA LEU A 69 -2.65 5.34 -13.28
C LEU A 69 -3.56 4.45 -14.15
N THR A 70 -3.26 3.14 -14.16
CA THR A 70 -4.02 2.12 -14.90
C THR A 70 -3.54 0.72 -14.45
N TRP A 71 -4.44 -0.03 -13.77
CA TRP A 71 -4.16 -1.39 -13.27
C TRP A 71 -5.43 -2.24 -13.43
N ARG A 72 -6.52 -1.79 -12.76
CA ARG A 72 -7.83 -2.46 -12.70
C ARG A 72 -7.72 -3.84 -12.03
N VAL A 73 -7.72 -3.85 -10.69
CA VAL A 73 -7.71 -5.10 -9.89
C VAL A 73 -9.10 -5.33 -9.28
N GLN A 74 -9.65 -4.28 -8.65
CA GLN A 74 -11.01 -4.32 -8.06
C GLN A 74 -12.02 -3.70 -9.06
N ARG A 75 -12.69 -4.55 -9.83
CA ARG A 75 -13.78 -4.13 -10.73
C ARG A 75 -15.09 -4.73 -10.20
N SER A 76 -15.09 -6.07 -10.07
CA SER A 76 -16.24 -6.84 -9.56
C SER A 76 -16.33 -6.73 -8.03
N GLN A 77 -17.52 -7.12 -7.48
CA GLN A 77 -17.81 -7.16 -6.03
C GLN A 77 -17.64 -5.76 -5.40
N ASN A 78 -18.41 -4.79 -5.94
CA ASN A 78 -18.40 -3.37 -5.51
C ASN A 78 -17.03 -2.69 -5.81
N PRO A 79 -16.99 -1.63 -6.67
CA PRO A 79 -15.74 -0.87 -6.91
C PRO A 79 -15.36 -0.03 -5.67
N LEU A 80 -14.05 0.16 -5.46
CA LEU A 80 -13.54 0.98 -4.35
C LEU A 80 -13.64 2.48 -4.69
N LYS A 81 -13.42 3.34 -3.68
CA LYS A 81 -13.43 4.80 -3.84
C LYS A 81 -12.81 5.41 -2.57
N ILE A 82 -11.68 6.12 -2.71
CA ILE A 82 -11.01 6.81 -1.60
C ILE A 82 -11.16 8.34 -1.78
N ARG A 83 -10.71 9.09 -0.77
CA ARG A 83 -10.73 10.56 -0.75
C ARG A 83 -9.64 11.09 0.22
N LEU A 84 -8.43 11.28 -0.33
CA LEU A 84 -7.25 11.73 0.45
C LEU A 84 -6.81 13.10 -0.05
N THR A 85 -7.40 14.15 0.53
CA THR A 85 -7.09 15.55 0.22
C THR A 85 -6.45 16.21 1.45
N ARG A 86 -5.16 16.57 1.36
CA ARG A 86 -4.44 17.28 2.42
C ARG A 86 -4.17 18.72 1.95
N GLU A 87 -4.57 19.68 2.79
CA GLU A 87 -4.49 21.12 2.50
C GLU A 87 -3.53 21.78 3.51
N ALA A 88 -2.34 22.13 3.02
CA ALA A 88 -1.26 22.74 3.82
C ALA A 88 -1.68 24.17 4.28
N PRO A 89 -1.67 24.46 5.64
CA PRO A 89 -2.10 25.78 6.19
C PRO A 89 -1.19 26.94 5.72
N HIS A 1 -6.37 -19.29 -7.82
CA HIS A 1 -6.38 -18.25 -6.76
C HIS A 1 -6.93 -16.92 -7.32
N HIS A 2 -8.22 -16.64 -7.04
CA HIS A 2 -8.91 -15.40 -7.46
C HIS A 2 -9.68 -14.81 -6.25
N HIS A 3 -9.45 -13.51 -5.96
CA HIS A 3 -10.12 -12.77 -4.85
C HIS A 3 -9.95 -11.25 -5.04
N HIS A 4 -11.08 -10.52 -4.92
CA HIS A 4 -11.10 -9.04 -5.04
C HIS A 4 -11.88 -8.46 -3.84
N HIS A 5 -11.25 -7.53 -3.09
CA HIS A 5 -11.81 -6.97 -1.84
C HIS A 5 -11.82 -5.43 -1.85
N HIS A 6 -12.53 -4.86 -0.86
CA HIS A 6 -12.61 -3.40 -0.65
C HIS A 6 -11.28 -2.92 -0.06
N SER A 7 -10.54 -2.13 -0.83
CA SER A 7 -9.16 -1.74 -0.49
C SER A 7 -8.83 -0.31 -0.95
N HIS A 8 -7.59 0.12 -0.63
CA HIS A 8 -7.00 1.36 -1.16
C HIS A 8 -6.70 1.17 -2.66
N MET A 9 -6.52 2.31 -3.38
CA MET A 9 -6.21 2.29 -4.82
C MET A 9 -4.89 1.54 -5.06
N VAL A 10 -4.89 0.64 -6.06
CA VAL A 10 -3.72 -0.21 -6.37
C VAL A 10 -2.51 0.64 -6.82
N GLY A 11 -1.35 0.34 -6.23
CA GLY A 11 -0.14 1.12 -6.45
C GLY A 11 0.10 2.18 -5.37
N ASP A 12 -0.69 2.13 -4.26
CA ASP A 12 -0.64 3.14 -3.17
C ASP A 12 0.80 3.29 -2.61
N THR A 13 1.37 4.50 -2.76
CA THR A 13 2.77 4.78 -2.41
C THR A 13 2.93 4.83 -0.88
N VAL A 14 3.67 3.85 -0.34
CA VAL A 14 3.96 3.74 1.09
C VAL A 14 5.45 3.39 1.32
N TRP A 15 5.85 3.33 2.58
CA TRP A 15 7.19 2.90 3.01
C TRP A 15 7.04 1.73 3.98
N VAL A 16 7.87 0.70 3.82
CA VAL A 16 7.85 -0.47 4.72
C VAL A 16 9.13 -0.43 5.57
N ARG A 17 8.92 -0.10 6.85
CA ARG A 17 9.94 -0.04 7.87
C ARG A 17 10.29 -1.46 8.35
N ARG A 18 11.49 -1.92 8.02
CA ARG A 18 12.00 -3.25 8.42
C ARG A 18 13.04 -3.08 9.54
N HIS A 19 13.19 -4.13 10.39
CA HIS A 19 14.14 -4.13 11.53
C HIS A 19 15.54 -3.67 11.10
N GLN A 20 16.11 -4.37 10.10
CA GLN A 20 17.48 -4.13 9.57
C GLN A 20 18.53 -4.38 10.68
N THR A 21 18.61 -3.42 11.62
CA THR A 21 19.35 -3.52 12.88
C THR A 21 18.56 -4.36 13.92
N LYS A 22 19.26 -4.80 14.99
CA LYS A 22 18.69 -5.72 15.99
C LYS A 22 17.91 -4.98 17.09
N ASN A 23 18.55 -3.96 17.70
CA ASN A 23 17.99 -3.20 18.84
C ASN A 23 17.82 -1.71 18.50
N LEU A 24 18.55 -1.22 17.50
CA LEU A 24 18.38 0.16 17.01
C LEU A 24 17.04 0.31 16.27
N GLU A 25 16.64 1.58 16.05
CA GLU A 25 15.39 1.95 15.37
C GLU A 25 15.31 1.27 13.98
N PRO A 26 14.23 0.47 13.70
CA PRO A 26 14.01 -0.17 12.39
C PRO A 26 13.97 0.88 11.25
N ARG A 27 14.59 0.55 10.11
CA ARG A 27 14.81 1.50 9.00
C ARG A 27 13.77 1.30 7.90
N TRP A 28 13.15 2.42 7.47
CA TRP A 28 12.16 2.44 6.37
C TRP A 28 12.86 2.30 5.02
N LYS A 29 12.20 1.59 4.10
CA LYS A 29 12.58 1.53 2.68
C LYS A 29 11.34 1.90 1.84
N GLY A 30 11.57 2.31 0.59
CA GLY A 30 10.49 2.64 -0.31
C GLY A 30 10.99 3.30 -1.61
N PRO A 31 10.07 3.81 -2.49
CA PRO A 31 8.60 3.80 -2.28
C PRO A 31 7.94 2.47 -2.72
N TYR A 32 7.37 1.75 -1.74
CA TYR A 32 6.55 0.54 -1.98
C TYR A 32 5.16 0.91 -2.52
N THR A 33 4.45 -0.06 -3.12
CA THR A 33 3.11 0.17 -3.73
C THR A 33 2.10 -0.90 -3.27
N VAL A 34 1.09 -0.48 -2.46
CA VAL A 34 0.04 -1.37 -1.94
C VAL A 34 -1.04 -1.61 -3.01
N LEU A 35 -1.31 -2.89 -3.29
CA LEU A 35 -2.38 -3.31 -4.21
C LEU A 35 -3.64 -3.69 -3.40
N LEU A 36 -3.44 -4.25 -2.19
CA LEU A 36 -4.56 -4.80 -1.37
C LEU A 36 -4.41 -4.36 0.09
N THR A 37 -5.53 -4.02 0.74
CA THR A 37 -5.55 -3.65 2.18
C THR A 37 -6.62 -4.47 2.92
N THR A 38 -6.20 -5.09 4.03
CA THR A 38 -7.06 -5.90 4.92
C THR A 38 -6.74 -5.50 6.41
N PRO A 39 -7.63 -5.85 7.41
CA PRO A 39 -7.42 -5.50 8.84
C PRO A 39 -5.99 -5.79 9.38
N THR A 40 -5.23 -4.68 9.66
CA THR A 40 -3.90 -4.73 10.32
C THR A 40 -2.79 -5.35 9.40
N ALA A 41 -3.13 -5.59 8.12
CA ALA A 41 -2.19 -6.20 7.15
C ALA A 41 -2.44 -5.64 5.76
N LEU A 42 -1.42 -5.03 5.14
CA LEU A 42 -1.53 -4.37 3.83
C LEU A 42 -0.59 -5.07 2.84
N LYS A 43 -1.12 -5.59 1.72
CA LYS A 43 -0.32 -6.28 0.71
C LYS A 43 0.26 -5.29 -0.32
N VAL A 44 1.59 -5.17 -0.29
CA VAL A 44 2.38 -4.47 -1.31
C VAL A 44 2.76 -5.47 -2.43
N ASP A 45 2.91 -4.96 -3.68
CA ASP A 45 3.37 -5.76 -4.84
C ASP A 45 4.83 -6.21 -4.62
N GLY A 46 5.08 -7.51 -4.78
CA GLY A 46 6.40 -8.11 -4.56
C GLY A 46 6.45 -8.91 -3.26
N ILE A 47 5.61 -8.51 -2.28
CA ILE A 47 5.51 -9.18 -0.97
C ILE A 47 4.75 -10.52 -1.13
N ALA A 48 5.14 -11.52 -0.29
CA ALA A 48 4.61 -12.89 -0.36
C ALA A 48 3.08 -12.94 -0.20
N ALA A 49 2.55 -12.24 0.82
CA ALA A 49 1.09 -12.15 1.03
C ALA A 49 0.67 -10.83 1.69
N TRP A 50 1.25 -10.49 2.87
CA TRP A 50 0.92 -9.22 3.60
C TRP A 50 2.13 -8.63 4.34
N ILE A 51 2.06 -7.31 4.60
CA ILE A 51 2.94 -6.59 5.54
C ILE A 51 2.09 -6.13 6.74
N HIS A 52 2.61 -6.30 7.96
CA HIS A 52 1.95 -5.84 9.20
C HIS A 52 1.93 -4.29 9.18
N ALA A 53 0.72 -3.71 9.32
CA ALA A 53 0.44 -2.28 9.01
C ALA A 53 1.22 -1.27 9.88
N ALA A 54 1.72 -1.72 11.05
CA ALA A 54 2.56 -0.91 11.95
C ALA A 54 3.93 -0.55 11.32
N HIS A 55 4.27 -1.20 10.21
CA HIS A 55 5.51 -0.93 9.45
C HIS A 55 5.25 -0.01 8.25
N VAL A 56 3.97 0.21 7.91
CA VAL A 56 3.57 0.91 6.67
C VAL A 56 3.29 2.40 6.95
N LYS A 57 4.00 3.27 6.21
CA LYS A 57 3.88 4.74 6.30
C LYS A 57 3.40 5.29 4.95
N ALA A 58 2.23 5.96 4.93
CA ALA A 58 1.69 6.60 3.72
C ALA A 58 2.68 7.65 3.17
N ALA A 59 3.33 7.31 2.05
CA ALA A 59 4.36 8.13 1.41
C ALA A 59 3.76 8.99 0.28
N ASP A 60 4.26 10.23 0.18
CA ASP A 60 3.91 11.15 -0.90
C ASP A 60 5.08 11.17 -1.93
N PRO A 61 4.88 10.62 -3.16
CA PRO A 61 5.92 10.61 -4.22
C PRO A 61 5.93 11.91 -5.07
N GLY A 62 5.07 12.87 -4.68
CA GLY A 62 4.75 14.03 -5.49
C GLY A 62 3.45 13.78 -6.27
N GLY A 63 2.54 13.01 -5.63
CA GLY A 63 1.31 12.54 -6.28
C GLY A 63 1.58 11.36 -7.22
N GLY A 64 2.13 11.68 -8.41
CA GLY A 64 2.51 10.68 -9.41
C GLY A 64 1.32 9.94 -10.06
N PRO A 65 0.34 10.64 -10.70
CA PRO A 65 -0.79 9.99 -11.39
C PRO A 65 -0.53 9.79 -12.91
N SER A 66 -0.33 8.53 -13.33
CA SER A 66 -0.08 8.18 -14.74
C SER A 66 -0.39 6.67 -15.01
N SER A 67 0.54 5.78 -14.60
CA SER A 67 0.44 4.32 -14.81
C SER A 67 -0.64 3.69 -13.90
N ARG A 68 -0.93 4.36 -12.78
CA ARG A 68 -1.93 3.89 -11.81
C ARG A 68 -3.36 4.34 -12.18
N LEU A 69 -3.52 5.17 -13.23
CA LEU A 69 -4.82 5.72 -13.65
C LEU A 69 -5.61 4.70 -14.51
N THR A 70 -5.86 3.52 -13.94
CA THR A 70 -6.53 2.39 -14.61
C THR A 70 -7.25 1.55 -13.53
N TRP A 71 -6.43 1.14 -12.53
CA TRP A 71 -6.88 0.38 -11.36
C TRP A 71 -7.63 -0.91 -11.77
N ARG A 72 -7.00 -1.66 -12.69
CA ARG A 72 -7.56 -2.90 -13.27
C ARG A 72 -7.95 -3.97 -12.21
N VAL A 73 -7.21 -3.98 -11.09
CA VAL A 73 -7.49 -4.91 -9.96
C VAL A 73 -8.71 -4.41 -9.14
N GLN A 74 -8.87 -3.07 -9.07
CA GLN A 74 -10.02 -2.42 -8.39
C GLN A 74 -11.27 -2.35 -9.32
N ARG A 75 -11.12 -2.79 -10.60
CA ARG A 75 -12.27 -2.98 -11.53
C ARG A 75 -13.06 -4.24 -11.10
N SER A 76 -13.79 -4.13 -9.97
CA SER A 76 -14.55 -5.25 -9.39
C SER A 76 -15.86 -4.69 -8.76
N GLN A 77 -15.85 -4.39 -7.44
CA GLN A 77 -16.91 -3.61 -6.79
C GLN A 77 -16.60 -2.12 -6.95
N ASN A 78 -15.28 -1.80 -7.01
CA ASN A 78 -14.73 -0.43 -7.14
C ASN A 78 -14.94 0.36 -5.82
N PRO A 79 -13.94 0.35 -4.89
CA PRO A 79 -13.94 1.20 -3.67
C PRO A 79 -13.20 2.55 -3.91
N LEU A 80 -12.95 2.86 -5.19
CA LEU A 80 -12.24 4.06 -5.60
C LEU A 80 -13.14 5.30 -5.46
N LYS A 81 -12.83 6.15 -4.47
CA LYS A 81 -13.60 7.37 -4.18
C LYS A 81 -12.94 8.58 -4.86
N ILE A 82 -13.76 9.58 -5.24
CA ILE A 82 -13.28 10.83 -5.85
C ILE A 82 -12.46 11.66 -4.83
N ARG A 83 -11.15 11.71 -5.07
CA ARG A 83 -10.20 12.41 -4.19
C ARG A 83 -9.98 13.84 -4.71
N LEU A 84 -9.84 14.80 -3.79
CA LEU A 84 -9.63 16.22 -4.11
C LEU A 84 -8.19 16.42 -4.65
N THR A 85 -8.05 16.15 -5.96
CA THR A 85 -6.76 16.21 -6.68
C THR A 85 -6.64 17.53 -7.44
N ARG A 86 -5.44 18.13 -7.40
CA ARG A 86 -5.14 19.38 -8.12
C ARG A 86 -4.95 19.10 -9.62
N GLU A 87 -6.06 19.17 -10.35
CA GLU A 87 -6.10 18.99 -11.81
C GLU A 87 -5.86 20.34 -12.52
N ALA A 88 -4.60 20.60 -12.92
CA ALA A 88 -4.23 21.81 -13.67
C ALA A 88 -3.18 21.45 -14.74
N PRO A 89 -3.60 20.84 -15.90
CA PRO A 89 -2.70 20.49 -17.01
C PRO A 89 -2.16 21.76 -17.74
N HIS A 1 -12.38 -14.54 -4.52
CA HIS A 1 -12.36 -13.27 -5.28
C HIS A 1 -13.04 -12.18 -4.45
N HIS A 2 -14.19 -12.53 -3.86
CA HIS A 2 -14.96 -11.64 -2.98
C HIS A 2 -14.36 -11.66 -1.55
N HIS A 3 -13.40 -10.74 -1.31
CA HIS A 3 -12.81 -10.51 0.02
C HIS A 3 -13.79 -9.68 0.89
N HIS A 4 -14.58 -8.81 0.20
CA HIS A 4 -15.56 -7.88 0.80
C HIS A 4 -14.91 -6.64 1.44
N HIS A 5 -13.68 -6.79 1.97
CA HIS A 5 -12.92 -5.67 2.56
C HIS A 5 -12.53 -4.66 1.46
N HIS A 6 -13.11 -3.45 1.56
CA HIS A 6 -12.83 -2.31 0.67
C HIS A 6 -11.37 -1.87 0.86
N SER A 7 -10.64 -1.77 -0.25
CA SER A 7 -9.18 -1.57 -0.24
C SER A 7 -8.78 -0.09 -0.39
N HIS A 8 -7.48 0.18 -0.13
CA HIS A 8 -6.83 1.45 -0.50
C HIS A 8 -6.54 1.44 -2.01
N MET A 9 -6.34 2.63 -2.59
CA MET A 9 -6.08 2.82 -4.02
C MET A 9 -4.91 1.93 -4.51
N VAL A 10 -5.09 1.26 -5.66
CA VAL A 10 -4.06 0.39 -6.24
C VAL A 10 -2.86 1.25 -6.68
N GLY A 11 -1.69 1.02 -6.07
CA GLY A 11 -0.54 1.89 -6.24
C GLY A 11 -0.31 2.84 -5.04
N ASP A 12 -1.04 2.63 -3.91
CA ASP A 12 -0.90 3.50 -2.69
C ASP A 12 0.57 3.49 -2.20
N THR A 13 1.32 4.56 -2.49
CA THR A 13 2.77 4.57 -2.26
C THR A 13 3.07 4.66 -0.76
N VAL A 14 3.65 3.58 -0.27
CA VAL A 14 4.06 3.41 1.11
C VAL A 14 5.54 3.03 1.15
N TRP A 15 6.03 2.85 2.36
CA TRP A 15 7.38 2.39 2.66
C TRP A 15 7.25 1.16 3.56
N VAL A 16 8.21 0.23 3.47
CA VAL A 16 8.23 -0.95 4.35
C VAL A 16 9.32 -0.73 5.41
N ARG A 17 8.82 -0.40 6.60
CA ARG A 17 9.60 0.01 7.75
C ARG A 17 10.17 -1.23 8.47
N ARG A 18 11.39 -1.62 8.09
CA ARG A 18 12.02 -2.89 8.51
C ARG A 18 12.71 -2.75 9.89
N HIS A 19 12.33 -3.63 10.83
CA HIS A 19 12.87 -3.64 12.22
C HIS A 19 13.58 -4.97 12.49
N GLN A 20 14.92 -4.93 12.59
CA GLN A 20 15.74 -6.13 12.82
C GLN A 20 15.96 -6.37 14.33
N THR A 21 16.52 -5.37 15.03
CA THR A 21 16.81 -5.47 16.47
C THR A 21 16.03 -4.38 17.27
N LYS A 22 15.64 -4.74 18.51
CA LYS A 22 14.74 -3.95 19.37
C LYS A 22 15.40 -2.65 19.86
N ASN A 23 16.72 -2.72 20.12
CA ASN A 23 17.51 -1.57 20.61
C ASN A 23 17.57 -0.45 19.56
N LEU A 24 17.50 -0.83 18.27
CA LEU A 24 17.58 0.10 17.14
C LEU A 24 16.17 0.42 16.59
N GLU A 25 16.07 1.61 15.97
CA GLU A 25 14.83 2.10 15.37
C GLU A 25 14.60 1.41 14.00
N PRO A 26 13.31 1.14 13.60
CA PRO A 26 13.00 0.52 12.30
C PRO A 26 13.34 1.46 11.13
N ARG A 27 14.08 0.94 10.13
CA ARG A 27 14.51 1.71 8.95
C ARG A 27 13.56 1.46 7.77
N TRP A 28 12.88 2.54 7.32
CA TRP A 28 11.95 2.47 6.17
C TRP A 28 12.72 2.24 4.85
N LYS A 29 12.11 1.45 3.95
CA LYS A 29 12.59 1.23 2.57
C LYS A 29 11.50 1.66 1.59
N GLY A 30 11.89 2.19 0.42
CA GLY A 30 10.92 2.62 -0.58
C GLY A 30 11.53 2.70 -1.99
N PRO A 31 10.70 3.01 -3.04
CA PRO A 31 9.23 3.20 -2.92
C PRO A 31 8.41 1.89 -3.14
N TYR A 32 7.54 1.56 -2.18
CA TYR A 32 6.58 0.45 -2.27
C TYR A 32 5.19 1.00 -2.57
N THR A 33 4.25 0.13 -3.04
CA THR A 33 2.89 0.55 -3.44
C THR A 33 1.84 -0.54 -3.11
N VAL A 34 0.93 -0.25 -2.16
CA VAL A 34 -0.18 -1.14 -1.78
C VAL A 34 -1.20 -1.29 -2.92
N LEU A 35 -1.58 -2.54 -3.20
CA LEU A 35 -2.55 -2.89 -4.27
C LEU A 35 -3.88 -3.34 -3.65
N LEU A 36 -3.78 -4.15 -2.57
CA LEU A 36 -4.96 -4.66 -1.81
C LEU A 36 -4.66 -4.52 -0.31
N THR A 37 -5.71 -4.34 0.52
CA THR A 37 -5.55 -4.20 1.98
C THR A 37 -6.38 -5.25 2.73
N THR A 38 -5.91 -5.60 3.94
CA THR A 38 -6.62 -6.44 4.92
C THR A 38 -6.44 -5.76 6.30
N PRO A 39 -7.43 -5.85 7.27
CA PRO A 39 -7.28 -5.27 8.65
C PRO A 39 -5.88 -5.49 9.29
N THR A 40 -5.14 -4.36 9.41
CA THR A 40 -3.83 -4.26 10.11
C THR A 40 -2.70 -5.05 9.37
N ALA A 41 -2.91 -5.38 8.09
CA ALA A 41 -1.90 -6.02 7.22
C ALA A 41 -2.21 -5.73 5.74
N LEU A 42 -1.27 -5.10 5.03
CA LEU A 42 -1.49 -4.59 3.67
C LEU A 42 -0.79 -5.48 2.64
N LYS A 43 -1.50 -5.83 1.56
CA LYS A 43 -0.91 -6.56 0.43
C LYS A 43 -0.28 -5.52 -0.52
N VAL A 44 1.05 -5.50 -0.51
CA VAL A 44 1.88 -4.52 -1.21
C VAL A 44 2.60 -5.18 -2.41
N ASP A 45 2.94 -4.37 -3.42
CA ASP A 45 3.73 -4.80 -4.58
C ASP A 45 5.13 -5.32 -4.14
N GLY A 46 5.51 -6.51 -4.63
CA GLY A 46 6.81 -7.12 -4.33
C GLY A 46 6.83 -7.96 -3.07
N ILE A 47 5.74 -7.92 -2.28
CA ILE A 47 5.60 -8.64 -1.01
C ILE A 47 4.97 -10.04 -1.24
N ALA A 48 5.32 -11.00 -0.35
CA ALA A 48 4.89 -12.40 -0.43
C ALA A 48 3.35 -12.52 -0.32
N ALA A 49 2.76 -11.89 0.71
CA ALA A 49 1.30 -11.83 0.86
C ALA A 49 0.84 -10.55 1.59
N TRP A 50 1.35 -10.32 2.83
CA TRP A 50 0.96 -9.16 3.66
C TRP A 50 2.17 -8.61 4.46
N ILE A 51 2.10 -7.31 4.78
CA ILE A 51 2.99 -6.64 5.75
C ILE A 51 2.11 -5.99 6.83
N HIS A 52 2.31 -6.39 8.10
CA HIS A 52 1.56 -5.85 9.25
C HIS A 52 1.84 -4.32 9.37
N ALA A 53 0.79 -3.56 9.73
CA ALA A 53 0.71 -2.08 9.55
C ALA A 53 1.87 -1.27 10.17
N ALA A 54 2.48 -1.78 11.26
CA ALA A 54 3.61 -1.09 11.94
C ALA A 54 4.88 -1.01 11.07
N HIS A 55 5.00 -1.99 10.16
CA HIS A 55 6.11 -2.06 9.18
C HIS A 55 5.69 -1.45 7.83
N VAL A 56 4.69 -0.55 7.87
CA VAL A 56 4.25 0.23 6.70
C VAL A 56 4.35 1.74 7.05
N LYS A 57 4.55 2.61 6.03
CA LYS A 57 4.52 4.07 6.21
C LYS A 57 4.19 4.75 4.87
N ALA A 58 2.99 5.35 4.79
CA ALA A 58 2.52 6.02 3.57
C ALA A 58 3.35 7.29 3.25
N ALA A 59 3.51 7.59 1.96
CA ALA A 59 4.35 8.70 1.46
C ALA A 59 4.02 8.95 -0.02
N ASP A 60 3.47 10.15 -0.32
CA ASP A 60 3.02 10.54 -1.67
C ASP A 60 4.23 10.97 -2.54
N PRO A 61 4.43 10.38 -3.79
CA PRO A 61 5.50 10.80 -4.73
C PRO A 61 5.21 12.19 -5.37
N GLY A 62 3.92 12.59 -5.37
CA GLY A 62 3.47 13.87 -5.93
C GLY A 62 2.18 13.71 -6.73
N GLY A 63 1.04 13.53 -6.01
CA GLY A 63 -0.28 13.33 -6.62
C GLY A 63 -0.65 11.85 -6.76
N GLY A 64 0.27 10.97 -6.31
CA GLY A 64 0.09 9.53 -6.37
C GLY A 64 0.50 8.95 -7.72
N PRO A 65 0.81 7.61 -7.80
CA PRO A 65 1.06 6.95 -9.10
C PRO A 65 -0.23 6.88 -9.94
N SER A 66 -0.43 7.93 -10.76
CA SER A 66 -1.55 8.01 -11.71
C SER A 66 -1.45 6.87 -12.73
N SER A 67 -0.20 6.46 -13.04
CA SER A 67 0.11 5.28 -13.85
C SER A 67 -0.36 3.99 -13.13
N ARG A 68 -1.13 3.15 -13.85
CA ARG A 68 -1.54 1.83 -13.37
C ARG A 68 -0.30 0.92 -13.23
N LEU A 69 -0.02 0.50 -11.99
CA LEU A 69 1.11 -0.41 -11.65
C LEU A 69 0.65 -1.89 -11.65
N THR A 70 -0.62 -2.06 -12.01
CA THR A 70 -1.30 -3.35 -12.20
C THR A 70 -2.24 -3.21 -13.41
N TRP A 71 -2.95 -4.30 -13.78
CA TRP A 71 -3.92 -4.27 -14.88
C TRP A 71 -5.13 -3.40 -14.48
N ARG A 72 -5.87 -3.83 -13.43
CA ARG A 72 -6.99 -3.05 -12.87
C ARG A 72 -6.95 -3.16 -11.32
N VAL A 73 -7.46 -4.30 -10.78
CA VAL A 73 -7.66 -4.53 -9.32
C VAL A 73 -8.66 -3.49 -8.70
N GLN A 74 -9.31 -2.69 -9.58
CA GLN A 74 -10.28 -1.64 -9.20
C GLN A 74 -11.68 -2.24 -8.93
N ARG A 75 -11.78 -3.58 -9.09
CA ARG A 75 -13.00 -4.37 -8.83
C ARG A 75 -13.03 -4.87 -7.36
N SER A 76 -11.94 -4.59 -6.60
CA SER A 76 -11.77 -5.05 -5.22
C SER A 76 -12.48 -4.11 -4.22
N GLN A 77 -13.84 -4.03 -4.36
CA GLN A 77 -14.73 -3.23 -3.48
C GLN A 77 -14.34 -1.74 -3.49
N ASN A 78 -14.09 -1.22 -4.70
CA ASN A 78 -13.75 0.20 -4.96
C ASN A 78 -12.49 0.66 -4.15
N PRO A 79 -11.25 0.20 -4.56
CA PRO A 79 -9.98 0.65 -3.94
C PRO A 79 -9.67 2.13 -4.25
N LEU A 80 -9.69 2.46 -5.56
CA LEU A 80 -9.28 3.77 -6.09
C LEU A 80 -10.19 4.90 -5.56
N LYS A 81 -9.68 5.59 -4.53
CA LYS A 81 -10.34 6.74 -3.89
C LYS A 81 -9.34 7.90 -3.78
N ILE A 82 -9.86 9.13 -3.69
CA ILE A 82 -9.07 10.38 -3.77
C ILE A 82 -8.48 10.79 -2.39
N ARG A 83 -8.46 9.83 -1.43
CA ARG A 83 -7.77 10.02 -0.14
C ARG A 83 -6.25 9.78 -0.32
N LEU A 84 -5.59 10.75 -0.96
CA LEU A 84 -4.13 10.74 -1.15
C LEU A 84 -3.44 11.15 0.15
N THR A 85 -2.49 10.33 0.62
CA THR A 85 -1.62 10.66 1.77
C THR A 85 -0.59 11.75 1.35
N ARG A 86 0.27 12.19 2.29
CA ARG A 86 1.34 13.16 1.95
C ARG A 86 2.67 12.77 2.62
N GLU A 87 2.86 13.16 3.90
CA GLU A 87 4.17 13.10 4.56
C GLU A 87 4.01 13.12 6.08
N ALA A 88 4.95 12.44 6.77
CA ALA A 88 5.10 12.46 8.23
C ALA A 88 6.54 12.03 8.57
N PRO A 89 7.28 12.77 9.47
CA PRO A 89 8.63 12.34 9.92
C PRO A 89 8.53 11.04 10.78
N HIS A 1 -8.54 -15.63 -8.80
CA HIS A 1 -9.23 -14.35 -8.53
C HIS A 1 -9.46 -14.18 -7.02
N HIS A 2 -8.95 -13.06 -6.47
CA HIS A 2 -9.14 -12.69 -5.05
C HIS A 2 -10.29 -11.69 -4.96
N HIS A 3 -11.25 -11.96 -4.04
CA HIS A 3 -12.45 -11.13 -3.85
C HIS A 3 -12.08 -9.72 -3.34
N HIS A 4 -12.69 -8.72 -3.97
CA HIS A 4 -12.34 -7.29 -3.81
C HIS A 4 -13.30 -6.62 -2.81
N HIS A 5 -12.75 -5.68 -2.03
CA HIS A 5 -13.50 -5.00 -0.94
C HIS A 5 -12.87 -3.63 -0.66
N HIS A 6 -13.37 -2.93 0.38
CA HIS A 6 -12.81 -1.64 0.85
C HIS A 6 -11.34 -1.82 1.29
N SER A 7 -10.41 -1.24 0.51
CA SER A 7 -8.96 -1.40 0.70
C SER A 7 -8.25 -0.05 0.44
N HIS A 8 -6.90 -0.06 0.43
CA HIS A 8 -6.10 1.07 -0.07
C HIS A 8 -5.99 0.95 -1.59
N MET A 9 -5.87 2.11 -2.27
CA MET A 9 -5.85 2.18 -3.74
C MET A 9 -4.67 1.38 -4.32
N VAL A 10 -4.92 0.69 -5.44
CA VAL A 10 -3.89 -0.03 -6.19
C VAL A 10 -2.79 0.94 -6.67
N GLY A 11 -1.54 0.65 -6.28
CA GLY A 11 -0.42 1.53 -6.56
C GLY A 11 -0.12 2.51 -5.42
N ASP A 12 -0.78 2.35 -4.25
CA ASP A 12 -0.64 3.28 -3.10
C ASP A 12 0.84 3.44 -2.68
N THR A 13 1.45 4.59 -3.00
CA THR A 13 2.90 4.80 -2.86
C THR A 13 3.27 4.93 -1.38
N VAL A 14 3.90 3.87 -0.85
CA VAL A 14 4.22 3.72 0.58
C VAL A 14 5.71 3.37 0.77
N TRP A 15 6.11 3.34 2.03
CA TRP A 15 7.42 2.86 2.48
C TRP A 15 7.22 1.65 3.38
N VAL A 16 8.19 0.73 3.40
CA VAL A 16 8.18 -0.44 4.29
C VAL A 16 9.23 -0.21 5.39
N ARG A 17 8.72 0.03 6.61
CA ARG A 17 9.50 0.32 7.79
C ARG A 17 9.92 -1.00 8.50
N ARG A 18 11.08 -1.51 8.10
CA ARG A 18 11.65 -2.80 8.57
C ARG A 18 12.67 -2.54 9.69
N HIS A 19 12.50 -3.23 10.85
CA HIS A 19 13.41 -3.07 12.00
C HIS A 19 14.80 -3.63 11.65
N GLN A 20 15.84 -2.90 12.08
CA GLN A 20 17.23 -3.35 11.97
C GLN A 20 17.53 -4.26 13.17
N THR A 21 17.14 -3.76 14.33
CA THR A 21 17.20 -4.46 15.62
C THR A 21 15.92 -4.08 16.39
N LYS A 22 15.70 -4.68 17.57
CA LYS A 22 14.66 -4.22 18.51
C LYS A 22 15.11 -2.90 19.16
N ASN A 23 16.44 -2.83 19.42
CA ASN A 23 17.10 -1.64 19.98
C ASN A 23 17.04 -0.48 18.98
N LEU A 24 17.62 -0.70 17.78
CA LEU A 24 17.63 0.28 16.69
C LEU A 24 16.21 0.46 16.12
N GLU A 25 15.82 1.73 15.87
CA GLU A 25 14.48 2.06 15.35
C GLU A 25 14.25 1.40 13.97
N PRO A 26 12.97 0.98 13.66
CA PRO A 26 12.61 0.42 12.35
C PRO A 26 12.90 1.37 11.17
N ARG A 27 13.78 0.92 10.27
CA ARG A 27 14.28 1.70 9.12
C ARG A 27 13.33 1.54 7.92
N TRP A 28 12.79 2.67 7.45
CA TRP A 28 11.90 2.72 6.27
C TRP A 28 12.71 2.54 4.96
N LYS A 29 12.07 1.95 3.94
CA LYS A 29 12.64 1.83 2.56
C LYS A 29 11.54 2.09 1.52
N GLY A 30 11.91 2.56 0.32
CA GLY A 30 10.93 2.81 -0.75
C GLY A 30 11.59 3.07 -2.12
N PRO A 31 10.77 3.30 -3.21
CA PRO A 31 9.29 3.34 -3.17
C PRO A 31 8.63 1.93 -3.29
N TYR A 32 7.65 1.68 -2.41
CA TYR A 32 6.73 0.53 -2.47
C TYR A 32 5.34 1.01 -2.86
N THR A 33 4.44 0.06 -3.20
CA THR A 33 3.08 0.37 -3.71
C THR A 33 2.07 -0.72 -3.28
N VAL A 34 1.11 -0.33 -2.42
CA VAL A 34 0.03 -1.23 -1.94
C VAL A 34 -0.99 -1.49 -3.05
N LEU A 35 -1.38 -2.77 -3.23
CA LEU A 35 -2.42 -3.18 -4.20
C LEU A 35 -3.72 -3.56 -3.47
N LEU A 36 -3.59 -4.10 -2.24
CA LEU A 36 -4.75 -4.61 -1.46
C LEU A 36 -4.44 -4.44 0.03
N THR A 37 -5.47 -4.42 0.88
CA THR A 37 -5.29 -4.39 2.35
C THR A 37 -6.30 -5.31 3.06
N THR A 38 -5.97 -5.60 4.33
CA THR A 38 -6.79 -6.34 5.29
C THR A 38 -6.60 -5.68 6.68
N PRO A 39 -7.50 -5.98 7.71
CA PRO A 39 -7.35 -5.42 9.08
C PRO A 39 -5.94 -5.59 9.67
N THR A 40 -5.21 -4.44 9.76
CA THR A 40 -3.87 -4.32 10.38
C THR A 40 -2.78 -5.14 9.62
N ALA A 41 -3.02 -5.43 8.33
CA ALA A 41 -2.01 -6.04 7.43
C ALA A 41 -2.25 -5.53 6.01
N LEU A 42 -1.23 -4.90 5.42
CA LEU A 42 -1.30 -4.21 4.13
C LEU A 42 -0.57 -5.05 3.08
N LYS A 43 -1.28 -5.42 1.98
CA LYS A 43 -0.67 -6.18 0.88
C LYS A 43 -0.03 -5.20 -0.11
N VAL A 44 1.30 -5.18 -0.08
CA VAL A 44 2.15 -4.38 -0.97
C VAL A 44 2.61 -5.24 -2.16
N ASP A 45 2.92 -4.60 -3.29
CA ASP A 45 3.44 -5.28 -4.47
C ASP A 45 4.87 -5.77 -4.20
N GLY A 46 5.15 -7.02 -4.60
CA GLY A 46 6.44 -7.66 -4.36
C GLY A 46 6.47 -8.46 -3.07
N ILE A 47 5.37 -8.41 -2.30
CA ILE A 47 5.24 -9.17 -1.03
C ILE A 47 4.58 -10.53 -1.30
N ALA A 48 4.96 -11.56 -0.50
CA ALA A 48 4.44 -12.93 -0.58
C ALA A 48 2.90 -12.95 -0.43
N ALA A 49 2.38 -12.26 0.60
CA ALA A 49 0.93 -12.13 0.81
C ALA A 49 0.56 -10.81 1.52
N TRP A 50 1.08 -10.59 2.74
CA TRP A 50 0.82 -9.35 3.53
C TRP A 50 2.05 -8.94 4.34
N ILE A 51 2.08 -7.66 4.71
CA ILE A 51 3.02 -7.10 5.71
C ILE A 51 2.19 -6.42 6.81
N HIS A 52 2.52 -6.67 8.10
CA HIS A 52 1.76 -6.13 9.24
C HIS A 52 1.89 -4.58 9.22
N ALA A 53 0.79 -3.89 9.56
CA ALA A 53 0.55 -2.45 9.24
C ALA A 53 1.67 -1.49 9.70
N ALA A 54 2.29 -1.75 10.88
CA ALA A 54 3.31 -0.84 11.46
C ALA A 54 4.70 -1.03 10.81
N HIS A 55 4.79 -1.94 9.84
CA HIS A 55 5.98 -2.08 8.97
C HIS A 55 5.74 -1.37 7.63
N VAL A 56 4.66 -0.55 7.55
CA VAL A 56 4.34 0.25 6.36
C VAL A 56 3.86 1.65 6.82
N LYS A 57 4.26 2.70 6.09
CA LYS A 57 3.76 4.07 6.30
C LYS A 57 3.52 4.72 4.93
N ALA A 58 2.57 5.66 4.88
CA ALA A 58 2.27 6.44 3.67
C ALA A 58 3.51 7.25 3.20
N ALA A 59 3.89 7.09 1.93
CA ALA A 59 4.97 7.88 1.31
C ALA A 59 4.34 8.97 0.45
N ASP A 60 4.97 10.15 0.44
CA ASP A 60 4.52 11.29 -0.39
C ASP A 60 4.95 11.05 -1.86
N PRO A 61 3.99 10.80 -2.81
CA PRO A 61 4.32 10.59 -4.24
C PRO A 61 4.46 11.93 -5.01
N GLY A 62 4.17 13.04 -4.31
CA GLY A 62 4.15 14.38 -4.90
C GLY A 62 2.92 14.63 -5.78
N GLY A 63 1.96 13.66 -5.75
CA GLY A 63 0.82 13.66 -6.66
C GLY A 63 1.15 13.07 -8.02
N GLY A 64 2.44 12.76 -8.25
CA GLY A 64 2.92 12.24 -9.54
C GLY A 64 4.08 11.26 -9.33
N PRO A 65 3.77 9.96 -8.95
CA PRO A 65 4.79 8.87 -8.81
C PRO A 65 5.61 8.61 -10.10
N SER A 66 5.06 9.06 -11.26
CA SER A 66 5.71 8.96 -12.58
C SER A 66 5.92 7.49 -13.01
N SER A 67 5.02 6.60 -12.56
CA SER A 67 5.13 5.15 -12.78
C SER A 67 3.76 4.56 -13.10
N ARG A 68 3.77 3.36 -13.72
CA ARG A 68 2.54 2.59 -14.01
C ARG A 68 1.94 2.09 -12.70
N LEU A 69 0.88 2.77 -12.25
CA LEU A 69 0.09 2.38 -11.06
C LEU A 69 -1.42 2.32 -11.41
N THR A 70 -1.77 2.89 -12.59
CA THR A 70 -3.15 2.94 -13.08
C THR A 70 -3.52 1.58 -13.71
N TRP A 71 -4.00 0.68 -12.86
CA TRP A 71 -4.57 -0.61 -13.24
C TRP A 71 -5.85 -0.84 -12.44
N ARG A 72 -6.84 -1.47 -13.07
CA ARG A 72 -8.16 -1.72 -12.46
C ARG A 72 -8.19 -3.12 -11.81
N VAL A 73 -7.12 -3.43 -11.06
CA VAL A 73 -7.04 -4.67 -10.26
C VAL A 73 -8.14 -4.68 -9.19
N GLN A 74 -8.10 -3.68 -8.29
CA GLN A 74 -9.18 -3.43 -7.34
C GLN A 74 -10.28 -2.59 -8.03
N ARG A 75 -11.11 -3.29 -8.80
CA ARG A 75 -12.27 -2.71 -9.49
C ARG A 75 -13.41 -3.74 -9.41
N SER A 76 -14.13 -3.70 -8.30
CA SER A 76 -15.32 -4.53 -8.05
C SER A 76 -16.57 -3.75 -8.50
N GLN A 77 -16.69 -2.53 -7.96
CA GLN A 77 -17.79 -1.60 -8.24
C GLN A 77 -17.29 -0.16 -8.03
N ASN A 78 -16.59 0.06 -6.90
CA ASN A 78 -16.04 1.38 -6.51
C ASN A 78 -14.51 1.40 -6.72
N PRO A 79 -13.99 2.17 -7.73
CA PRO A 79 -12.55 2.43 -7.87
C PRO A 79 -12.06 3.39 -6.76
N LEU A 80 -10.96 3.02 -6.06
CA LEU A 80 -10.53 3.64 -4.80
C LEU A 80 -9.79 4.98 -5.00
N LYS A 81 -9.45 5.34 -6.25
CA LYS A 81 -8.86 6.65 -6.56
C LYS A 81 -9.97 7.71 -6.50
N ILE A 82 -10.12 8.32 -5.32
CA ILE A 82 -11.13 9.35 -5.05
C ILE A 82 -10.56 10.76 -5.29
N ARG A 83 -11.40 11.79 -5.05
CA ARG A 83 -11.00 13.19 -5.15
C ARG A 83 -9.96 13.55 -4.06
N LEU A 84 -9.08 14.50 -4.38
CA LEU A 84 -8.03 14.97 -3.46
C LEU A 84 -8.61 15.93 -2.41
N THR A 85 -7.74 16.40 -1.51
CA THR A 85 -8.13 17.19 -0.32
C THR A 85 -8.48 18.66 -0.69
N ARG A 86 -9.70 18.86 -1.23
CA ARG A 86 -10.26 20.18 -1.59
C ARG A 86 -11.75 20.22 -1.24
N GLU A 87 -12.18 21.24 -0.48
CA GLU A 87 -13.59 21.45 -0.12
C GLU A 87 -14.32 22.18 -1.26
N ALA A 88 -15.10 21.42 -2.04
CA ALA A 88 -15.91 21.93 -3.18
C ALA A 88 -16.99 20.89 -3.54
N PRO A 89 -18.22 21.33 -4.00
CA PRO A 89 -19.32 20.40 -4.40
C PRO A 89 -18.88 19.29 -5.40
N HIS A 1 -21.62 -12.15 -13.21
CA HIS A 1 -20.15 -11.97 -13.25
C HIS A 1 -19.50 -12.53 -11.98
N HIS A 2 -18.33 -13.18 -12.14
CA HIS A 2 -17.48 -13.59 -11.02
C HIS A 2 -16.16 -12.83 -11.09
N HIS A 3 -16.25 -11.52 -10.83
CA HIS A 3 -15.09 -10.63 -10.75
C HIS A 3 -15.54 -9.30 -10.12
N HIS A 4 -15.36 -9.20 -8.80
CA HIS A 4 -15.71 -7.99 -8.02
C HIS A 4 -14.96 -7.97 -6.68
N HIS A 5 -14.46 -6.77 -6.32
CA HIS A 5 -13.78 -6.52 -5.04
C HIS A 5 -13.52 -5.02 -4.88
N HIS A 6 -13.48 -4.56 -3.62
CA HIS A 6 -13.09 -3.19 -3.25
C HIS A 6 -11.98 -3.26 -2.20
N SER A 7 -11.13 -2.23 -2.20
CA SER A 7 -10.06 -2.06 -1.22
C SER A 7 -9.53 -0.62 -1.33
N HIS A 8 -8.46 -0.29 -0.58
CA HIS A 8 -7.77 1.00 -0.74
C HIS A 8 -7.09 1.01 -2.12
N MET A 9 -7.15 2.16 -2.81
CA MET A 9 -6.71 2.30 -4.20
C MET A 9 -5.31 1.71 -4.46
N VAL A 10 -5.20 0.92 -5.55
CA VAL A 10 -3.94 0.30 -6.00
C VAL A 10 -2.91 1.39 -6.38
N GLY A 11 -1.63 1.07 -6.21
CA GLY A 11 -0.57 2.00 -6.54
C GLY A 11 -0.23 2.92 -5.36
N ASP A 12 -0.75 2.60 -4.15
CA ASP A 12 -0.55 3.45 -2.94
C ASP A 12 0.95 3.53 -2.61
N THR A 13 1.55 4.72 -2.78
CA THR A 13 2.99 4.91 -2.59
C THR A 13 3.32 4.83 -1.09
N VAL A 14 4.05 3.77 -0.72
CA VAL A 14 4.36 3.48 0.68
C VAL A 14 5.83 3.05 0.84
N TRP A 15 6.29 3.09 2.08
CA TRP A 15 7.63 2.61 2.47
C TRP A 15 7.45 1.53 3.54
N VAL A 16 8.34 0.51 3.53
CA VAL A 16 8.27 -0.63 4.46
C VAL A 16 9.39 -0.51 5.50
N ARG A 17 8.99 -0.13 6.71
CA ARG A 17 9.88 0.03 7.88
C ARG A 17 9.99 -1.30 8.65
N ARG A 18 11.21 -1.63 9.10
CA ARG A 18 11.46 -2.89 9.81
C ARG A 18 12.64 -2.71 10.80
N HIS A 19 12.50 -3.29 12.00
CA HIS A 19 13.56 -3.28 13.02
C HIS A 19 14.82 -4.01 12.52
N GLN A 20 15.95 -3.27 12.46
CA GLN A 20 17.28 -3.87 12.18
C GLN A 20 17.62 -4.88 13.29
N THR A 21 17.41 -4.40 14.53
CA THR A 21 17.48 -5.19 15.76
C THR A 21 16.47 -4.56 16.75
N LYS A 22 15.98 -5.34 17.75
CA LYS A 22 15.09 -4.79 18.80
C LYS A 22 15.85 -3.81 19.73
N ASN A 23 17.16 -4.04 19.85
CA ASN A 23 18.10 -3.15 20.57
C ASN A 23 18.30 -1.82 19.80
N LEU A 24 18.33 -1.93 18.45
CA LEU A 24 18.49 -0.77 17.56
C LEU A 24 17.12 -0.19 17.18
N GLU A 25 17.13 0.94 16.46
CA GLU A 25 15.91 1.55 15.91
C GLU A 25 15.60 0.94 14.52
N PRO A 26 14.31 1.00 14.06
CA PRO A 26 13.92 0.49 12.72
C PRO A 26 14.44 1.36 11.55
N ARG A 27 14.39 0.79 10.34
CA ARG A 27 14.84 1.44 9.11
C ARG A 27 13.91 1.04 7.96
N TRP A 28 13.52 2.02 7.13
CA TRP A 28 12.55 1.82 6.04
C TRP A 28 13.26 1.58 4.69
N LYS A 29 12.49 1.05 3.73
CA LYS A 29 12.91 0.91 2.32
C LYS A 29 11.76 1.37 1.42
N GLY A 30 12.08 1.90 0.23
CA GLY A 30 11.07 2.34 -0.71
C GLY A 30 11.65 2.81 -2.04
N PRO A 31 10.79 3.23 -3.02
CA PRO A 31 9.32 3.28 -2.88
C PRO A 31 8.60 1.98 -3.30
N TYR A 32 7.48 1.70 -2.64
CA TYR A 32 6.60 0.53 -2.90
C TYR A 32 5.18 1.03 -3.28
N THR A 33 4.29 0.08 -3.63
CA THR A 33 2.88 0.40 -4.00
C THR A 33 1.90 -0.68 -3.47
N VAL A 34 0.98 -0.28 -2.56
CA VAL A 34 -0.06 -1.18 -2.04
C VAL A 34 -1.14 -1.42 -3.11
N LEU A 35 -1.60 -2.67 -3.20
CA LEU A 35 -2.62 -3.12 -4.16
C LEU A 35 -3.90 -3.52 -3.40
N LEU A 36 -3.72 -4.29 -2.32
CA LEU A 36 -4.84 -4.81 -1.50
C LEU A 36 -4.59 -4.46 -0.02
N THR A 37 -5.66 -4.18 0.72
CA THR A 37 -5.61 -3.89 2.16
C THR A 37 -6.64 -4.77 2.89
N THR A 38 -6.18 -5.44 3.95
CA THR A 38 -7.02 -6.26 4.84
C THR A 38 -6.79 -5.78 6.30
N PRO A 39 -7.68 -6.12 7.29
CA PRO A 39 -7.50 -5.71 8.72
C PRO A 39 -6.07 -5.97 9.28
N THR A 40 -5.41 -4.87 9.68
CA THR A 40 -4.06 -4.84 10.31
C THR A 40 -2.94 -5.40 9.42
N ALA A 41 -3.22 -5.64 8.11
CA ALA A 41 -2.23 -6.26 7.19
C ALA A 41 -2.46 -5.74 5.76
N LEU A 42 -1.43 -5.14 5.16
CA LEU A 42 -1.52 -4.52 3.83
C LEU A 42 -0.73 -5.35 2.82
N LYS A 43 -1.39 -5.78 1.74
CA LYS A 43 -0.72 -6.50 0.65
C LYS A 43 -0.14 -5.48 -0.33
N VAL A 44 1.20 -5.40 -0.31
CA VAL A 44 1.99 -4.44 -1.09
C VAL A 44 2.75 -5.21 -2.19
N ASP A 45 2.96 -4.58 -3.35
CA ASP A 45 3.78 -5.18 -4.42
C ASP A 45 5.26 -5.20 -4.00
N GLY A 46 5.91 -6.35 -4.18
CA GLY A 46 7.29 -6.55 -3.71
C GLY A 46 7.33 -7.35 -2.42
N ILE A 47 6.15 -7.60 -1.82
CA ILE A 47 5.99 -8.34 -0.56
C ILE A 47 5.45 -9.76 -0.83
N ALA A 48 5.83 -10.72 0.05
CA ALA A 48 5.46 -12.15 -0.08
C ALA A 48 3.93 -12.34 -0.11
N ALA A 49 3.22 -11.74 0.88
CA ALA A 49 1.74 -11.76 0.90
C ALA A 49 1.19 -10.50 1.62
N TRP A 50 1.59 -10.29 2.88
CA TRP A 50 1.10 -9.14 3.68
C TRP A 50 2.23 -8.58 4.59
N ILE A 51 2.17 -7.26 4.86
CA ILE A 51 2.98 -6.60 5.89
C ILE A 51 2.02 -5.92 6.89
N HIS A 52 2.19 -6.19 8.19
CA HIS A 52 1.35 -5.61 9.25
C HIS A 52 1.44 -4.08 9.22
N ALA A 53 0.27 -3.42 9.35
CA ALA A 53 0.05 -2.00 9.01
C ALA A 53 1.04 -1.00 9.65
N ALA A 54 1.50 -1.29 10.89
CA ALA A 54 2.40 -0.37 11.63
C ALA A 54 3.78 -0.23 10.97
N HIS A 55 4.21 -1.28 10.24
CA HIS A 55 5.47 -1.25 9.45
C HIS A 55 5.35 -0.28 8.26
N VAL A 56 4.12 -0.04 7.79
CA VAL A 56 3.87 0.64 6.52
C VAL A 56 3.61 2.14 6.76
N LYS A 57 4.37 3.00 6.08
CA LYS A 57 4.15 4.44 6.03
C LYS A 57 3.61 4.80 4.65
N ALA A 58 2.47 5.50 4.58
CA ALA A 58 1.94 6.03 3.32
C ALA A 58 2.71 7.32 2.96
N ALA A 59 3.59 7.19 1.95
CA ALA A 59 4.38 8.31 1.43
C ALA A 59 3.61 9.01 0.31
N ASP A 60 3.30 10.30 0.51
CA ASP A 60 2.60 11.14 -0.51
C ASP A 60 3.41 11.13 -1.85
N PRO A 61 2.82 10.57 -2.97
CA PRO A 61 3.48 10.51 -4.30
C PRO A 61 4.05 11.87 -4.76
N GLY A 62 3.23 12.93 -4.55
CA GLY A 62 3.61 14.29 -4.94
C GLY A 62 3.67 14.47 -6.45
N GLY A 63 4.82 14.07 -7.01
CA GLY A 63 5.06 14.07 -8.45
C GLY A 63 6.15 13.06 -8.82
N GLY A 64 6.06 12.48 -10.03
CA GLY A 64 7.01 11.46 -10.46
C GLY A 64 6.47 10.05 -10.17
N PRO A 65 6.12 9.23 -11.21
CA PRO A 65 5.56 7.87 -11.01
C PRO A 65 6.64 6.78 -10.77
N SER A 66 7.76 7.17 -10.13
CA SER A 66 8.90 6.29 -9.82
C SER A 66 8.61 5.35 -8.62
N SER A 67 7.35 5.38 -8.12
CA SER A 67 6.88 4.53 -7.01
C SER A 67 6.67 3.05 -7.44
N ARG A 68 6.90 2.76 -8.75
CA ARG A 68 6.61 1.47 -9.41
C ARG A 68 5.10 1.32 -9.63
N LEU A 69 4.60 1.85 -10.77
CA LEU A 69 3.17 1.74 -11.13
C LEU A 69 2.82 0.27 -11.42
N THR A 70 2.35 -0.45 -10.40
CA THR A 70 1.85 -1.82 -10.56
C THR A 70 0.44 -1.76 -11.16
N TRP A 71 0.08 -2.79 -11.95
CA TRP A 71 -1.16 -2.81 -12.72
C TRP A 71 -2.40 -2.78 -11.80
N ARG A 72 -3.45 -2.10 -12.26
CA ARG A 72 -4.68 -1.89 -11.47
C ARG A 72 -5.42 -3.22 -11.27
N VAL A 73 -5.11 -3.87 -10.13
CA VAL A 73 -5.69 -5.16 -9.73
C VAL A 73 -7.21 -5.02 -9.51
N GLN A 74 -7.62 -3.87 -8.96
CA GLN A 74 -9.04 -3.58 -8.69
C GLN A 74 -9.76 -3.16 -9.98
N ARG A 75 -10.12 -4.18 -10.77
CA ARG A 75 -11.06 -4.05 -11.90
C ARG A 75 -12.34 -4.84 -11.56
N SER A 76 -13.47 -4.35 -12.06
CA SER A 76 -14.79 -4.96 -11.94
C SER A 76 -15.74 -4.12 -12.81
N GLN A 77 -15.94 -2.87 -12.38
CA GLN A 77 -16.71 -1.85 -13.11
C GLN A 77 -16.08 -0.48 -12.82
N ASN A 78 -16.03 -0.11 -11.52
CA ASN A 78 -15.40 1.13 -11.03
C ASN A 78 -15.01 0.98 -9.52
N PRO A 79 -14.10 0.00 -9.17
CA PRO A 79 -13.75 -0.31 -7.75
C PRO A 79 -12.87 0.77 -7.09
N LEU A 80 -12.04 1.41 -7.92
CA LEU A 80 -11.13 2.47 -7.50
C LEU A 80 -11.87 3.81 -7.44
N LYS A 81 -11.75 4.48 -6.30
CA LYS A 81 -12.36 5.79 -6.05
C LYS A 81 -11.42 6.91 -6.51
N ILE A 82 -12.00 8.05 -6.92
CA ILE A 82 -11.24 9.21 -7.41
C ILE A 82 -10.92 10.17 -6.25
N ARG A 83 -9.99 11.10 -6.50
CA ARG A 83 -9.60 12.14 -5.55
C ARG A 83 -9.42 13.47 -6.30
N LEU A 84 -10.44 14.32 -6.22
CA LEU A 84 -10.48 15.63 -6.89
C LEU A 84 -10.11 16.72 -5.86
N THR A 85 -9.19 17.62 -6.26
CA THR A 85 -8.69 18.72 -5.42
C THR A 85 -7.81 18.17 -4.26
N ARG A 86 -6.49 18.25 -4.44
CA ARG A 86 -5.50 18.01 -3.36
C ARG A 86 -5.38 19.26 -2.48
N GLU A 87 -4.76 19.12 -1.30
CA GLU A 87 -4.45 20.23 -0.39
C GLU A 87 -3.46 21.21 -1.06
N ALA A 88 -4.01 22.19 -1.81
CA ALA A 88 -3.21 23.22 -2.49
C ALA A 88 -3.28 24.53 -1.71
N PRO A 89 -2.11 25.16 -1.34
CA PRO A 89 -2.08 26.45 -0.61
C PRO A 89 -2.73 27.61 -1.43
N HIS A 1 -12.76 -10.27 -13.67
CA HIS A 1 -13.68 -11.12 -12.85
C HIS A 1 -13.30 -11.05 -11.35
N HIS A 2 -12.59 -9.98 -10.94
CA HIS A 2 -12.31 -9.72 -9.52
C HIS A 2 -12.34 -8.19 -9.26
N HIS A 3 -13.14 -7.81 -8.28
CA HIS A 3 -13.27 -6.43 -7.79
C HIS A 3 -13.81 -6.49 -6.35
N HIS A 4 -13.49 -7.60 -5.67
CA HIS A 4 -13.90 -7.86 -4.29
C HIS A 4 -12.83 -7.28 -3.34
N HIS A 5 -13.21 -7.09 -2.06
CA HIS A 5 -12.33 -6.51 -1.01
C HIS A 5 -12.14 -5.00 -1.27
N HIS A 6 -13.00 -4.17 -0.65
CA HIS A 6 -12.93 -2.71 -0.75
C HIS A 6 -11.64 -2.22 -0.04
N SER A 7 -10.84 -1.43 -0.76
CA SER A 7 -9.44 -1.14 -0.41
C SER A 7 -9.05 0.30 -0.80
N HIS A 8 -7.79 0.66 -0.51
CA HIS A 8 -7.12 1.84 -1.07
C HIS A 8 -6.84 1.58 -2.56
N MET A 9 -6.62 2.66 -3.31
CA MET A 9 -6.34 2.61 -4.76
C MET A 9 -5.07 1.78 -5.05
N VAL A 10 -5.13 0.94 -6.10
CA VAL A 10 -3.98 0.17 -6.58
C VAL A 10 -2.88 1.14 -7.10
N GLY A 11 -1.66 1.01 -6.57
CA GLY A 11 -0.58 1.96 -6.84
C GLY A 11 -0.25 2.82 -5.63
N ASP A 12 -0.84 2.50 -4.45
CA ASP A 12 -0.72 3.33 -3.22
C ASP A 12 0.74 3.28 -2.70
N THR A 13 1.42 4.42 -2.75
CA THR A 13 2.85 4.51 -2.40
C THR A 13 3.03 4.52 -0.87
N VAL A 14 3.88 3.62 -0.36
CA VAL A 14 4.24 3.55 1.06
C VAL A 14 5.74 3.27 1.20
N TRP A 15 6.17 3.15 2.45
CA TRP A 15 7.48 2.67 2.83
C TRP A 15 7.31 1.38 3.64
N VAL A 16 8.36 0.56 3.68
CA VAL A 16 8.42 -0.64 4.50
C VAL A 16 9.34 -0.32 5.68
N ARG A 17 8.68 -0.09 6.83
CA ARG A 17 9.32 0.26 8.10
C ARG A 17 9.87 -1.03 8.74
N ARG A 18 11.14 -1.33 8.43
CA ARG A 18 11.79 -2.60 8.78
C ARG A 18 12.99 -2.39 9.73
N HIS A 19 13.20 -3.38 10.60
CA HIS A 19 14.37 -3.54 11.47
C HIS A 19 14.23 -4.88 12.21
N GLN A 20 15.35 -5.55 12.51
CA GLN A 20 15.32 -6.83 13.24
C GLN A 20 15.21 -6.56 14.75
N THR A 21 16.29 -5.98 15.30
CA THR A 21 16.40 -5.66 16.73
C THR A 21 15.69 -4.34 17.05
N LYS A 22 15.01 -4.31 18.21
CA LYS A 22 14.28 -3.13 18.73
C LYS A 22 15.26 -2.08 19.29
N ASN A 23 16.49 -2.53 19.64
CA ASN A 23 17.59 -1.64 20.07
C ASN A 23 17.99 -0.69 18.93
N LEU A 24 17.94 -1.19 17.68
CA LEU A 24 18.14 -0.35 16.49
C LEU A 24 16.78 0.26 16.07
N GLU A 25 16.86 1.49 15.56
CA GLU A 25 15.67 2.28 15.14
C GLU A 25 14.89 1.57 14.01
N PRO A 26 13.53 1.71 13.96
CA PRO A 26 12.73 1.25 12.80
C PRO A 26 13.09 2.07 11.54
N ARG A 27 13.86 1.46 10.64
CA ARG A 27 14.30 2.08 9.38
C ARG A 27 13.17 1.91 8.34
N TRP A 28 13.19 2.66 7.23
CA TRP A 28 12.22 2.47 6.14
C TRP A 28 12.93 2.37 4.80
N LYS A 29 12.28 1.70 3.85
CA LYS A 29 12.68 1.68 2.43
C LYS A 29 11.48 2.07 1.58
N GLY A 30 11.71 2.73 0.43
CA GLY A 30 10.62 3.10 -0.47
C GLY A 30 11.13 3.50 -1.85
N PRO A 31 10.23 3.94 -2.79
CA PRO A 31 8.75 3.97 -2.60
C PRO A 31 8.05 2.68 -3.14
N TYR A 32 7.44 1.91 -2.22
CA TYR A 32 6.73 0.65 -2.54
C TYR A 32 5.29 0.89 -2.99
N THR A 33 4.77 -0.05 -3.79
CA THR A 33 3.44 0.01 -4.41
C THR A 33 2.49 -0.97 -3.71
N VAL A 34 1.42 -0.46 -3.10
CA VAL A 34 0.36 -1.27 -2.43
C VAL A 34 -0.80 -1.47 -3.42
N LEU A 35 -1.31 -2.71 -3.46
CA LEU A 35 -2.39 -3.12 -4.37
C LEU A 35 -3.68 -3.41 -3.58
N LEU A 36 -3.54 -3.84 -2.32
CA LEU A 36 -4.70 -4.20 -1.46
C LEU A 36 -4.38 -3.85 0.01
N THR A 37 -5.41 -3.42 0.75
CA THR A 37 -5.29 -3.04 2.17
C THR A 37 -6.42 -3.68 2.98
N THR A 38 -6.05 -4.37 4.07
CA THR A 38 -7.01 -4.94 5.04
C THR A 38 -6.55 -4.61 6.49
N PRO A 39 -7.49 -4.64 7.51
CA PRO A 39 -7.13 -4.43 8.94
C PRO A 39 -5.92 -5.27 9.39
N THR A 40 -4.88 -4.58 9.94
CA THR A 40 -3.67 -5.18 10.52
C THR A 40 -2.66 -5.70 9.44
N ALA A 41 -3.10 -5.82 8.16
CA ALA A 41 -2.27 -6.46 7.10
C ALA A 41 -2.48 -5.76 5.75
N LEU A 42 -1.41 -5.24 5.15
CA LEU A 42 -1.48 -4.51 3.88
C LEU A 42 -0.71 -5.30 2.79
N LYS A 43 -1.40 -5.63 1.69
CA LYS A 43 -0.79 -6.36 0.57
C LYS A 43 -0.07 -5.37 -0.35
N VAL A 44 1.25 -5.43 -0.28
CA VAL A 44 2.18 -4.64 -1.11
C VAL A 44 2.71 -5.56 -2.22
N ASP A 45 2.90 -5.02 -3.42
CA ASP A 45 3.51 -5.74 -4.56
C ASP A 45 4.94 -6.19 -4.20
N GLY A 46 5.28 -7.43 -4.55
CA GLY A 46 6.61 -8.01 -4.25
C GLY A 46 6.60 -8.89 -3.02
N ILE A 47 5.65 -8.64 -2.11
CA ILE A 47 5.57 -9.35 -0.80
C ILE A 47 4.88 -10.72 -0.96
N ALA A 48 5.22 -11.66 -0.02
CA ALA A 48 4.69 -13.04 0.03
C ALA A 48 3.16 -13.05 -0.03
N ALA A 49 2.52 -12.25 0.85
CA ALA A 49 1.09 -11.96 0.77
C ALA A 49 0.78 -10.58 1.38
N TRP A 50 1.16 -10.38 2.66
CA TRP A 50 0.87 -9.13 3.41
C TRP A 50 2.07 -8.71 4.28
N ILE A 51 2.13 -7.42 4.61
CA ILE A 51 3.01 -6.85 5.65
C ILE A 51 2.12 -6.34 6.80
N HIS A 52 2.46 -6.71 8.04
CA HIS A 52 1.79 -6.20 9.25
C HIS A 52 1.91 -4.66 9.27
N ALA A 53 0.76 -3.97 9.45
CA ALA A 53 0.59 -2.52 9.15
C ALA A 53 1.55 -1.60 9.94
N ALA A 54 2.05 -2.08 11.09
CA ALA A 54 3.01 -1.31 11.93
C ALA A 54 4.43 -1.25 11.28
N HIS A 55 4.66 -2.11 10.29
CA HIS A 55 5.88 -2.12 9.44
C HIS A 55 5.61 -1.44 8.08
N VAL A 56 4.55 -0.60 8.03
CA VAL A 56 4.21 0.20 6.86
C VAL A 56 4.13 1.68 7.29
N LYS A 57 4.76 2.57 6.50
CA LYS A 57 4.70 4.01 6.74
C LYS A 57 4.33 4.71 5.42
N ALA A 58 3.10 5.28 5.35
CA ALA A 58 2.52 5.85 4.11
C ALA A 58 3.41 6.95 3.50
N ALA A 59 3.65 6.85 2.19
CA ALA A 59 4.51 7.81 1.45
C ALA A 59 3.70 8.50 0.34
N ASP A 60 3.99 9.77 0.09
CA ASP A 60 3.33 10.53 -0.97
C ASP A 60 4.09 10.28 -2.30
N PRO A 61 3.42 9.69 -3.36
CA PRO A 61 4.06 9.44 -4.67
C PRO A 61 4.51 10.73 -5.37
N GLY A 62 3.85 11.85 -5.01
CA GLY A 62 4.13 13.14 -5.59
C GLY A 62 3.50 13.28 -6.95
N GLY A 63 2.15 13.33 -6.97
CA GLY A 63 1.38 13.31 -8.20
C GLY A 63 1.17 11.88 -8.72
N GLY A 64 0.13 11.70 -9.55
CA GLY A 64 -0.08 10.46 -10.28
C GLY A 64 0.86 10.39 -11.49
N PRO A 65 1.86 9.45 -11.53
CA PRO A 65 2.85 9.37 -12.62
C PRO A 65 2.22 9.08 -13.99
N SER A 66 2.77 9.71 -15.05
CA SER A 66 2.36 9.48 -16.44
C SER A 66 2.74 8.03 -16.88
N SER A 67 3.77 7.48 -16.23
CA SER A 67 4.25 6.12 -16.46
C SER A 67 3.31 5.09 -15.81
N ARG A 68 3.11 3.96 -16.51
CA ARG A 68 2.31 2.84 -16.03
C ARG A 68 3.08 2.07 -14.94
N LEU A 69 2.76 2.37 -13.67
CA LEU A 69 3.41 1.76 -12.49
C LEU A 69 3.14 0.24 -12.45
N THR A 70 1.84 -0.10 -12.49
CA THR A 70 1.35 -1.48 -12.32
C THR A 70 -0.04 -1.62 -12.97
N TRP A 71 -0.62 -2.83 -12.90
CA TRP A 71 -1.99 -3.11 -13.41
C TRP A 71 -3.03 -2.63 -12.39
N ARG A 72 -4.23 -2.28 -12.87
CA ARG A 72 -5.40 -2.02 -12.01
C ARG A 72 -5.97 -3.37 -11.56
N VAL A 73 -5.64 -3.78 -10.33
CA VAL A 73 -6.02 -5.08 -9.78
C VAL A 73 -7.56 -5.13 -9.55
N GLN A 74 -8.07 -4.35 -8.58
CA GLN A 74 -9.54 -4.16 -8.42
C GLN A 74 -10.01 -3.13 -9.47
N ARG A 75 -10.06 -3.56 -10.74
CA ARG A 75 -10.40 -2.71 -11.89
C ARG A 75 -11.91 -2.38 -11.84
N SER A 76 -12.21 -1.27 -11.13
CA SER A 76 -13.56 -0.77 -10.86
C SER A 76 -13.47 0.46 -9.94
N GLN A 77 -14.25 1.50 -10.23
CA GLN A 77 -14.31 2.72 -9.40
C GLN A 77 -15.46 2.57 -8.37
N ASN A 78 -15.21 1.70 -7.37
CA ASN A 78 -16.18 1.35 -6.31
C ASN A 78 -15.44 0.75 -5.07
N PRO A 79 -14.56 -0.33 -5.22
CA PRO A 79 -13.75 -0.84 -4.09
C PRO A 79 -12.59 0.10 -3.75
N LEU A 80 -11.92 0.60 -4.79
CA LEU A 80 -10.73 1.46 -4.66
C LEU A 80 -11.10 2.87 -4.18
N LYS A 81 -10.44 3.31 -3.10
CA LYS A 81 -10.52 4.69 -2.59
C LYS A 81 -9.23 5.41 -2.94
N ILE A 82 -9.36 6.49 -3.70
CA ILE A 82 -8.22 7.32 -4.12
C ILE A 82 -7.63 8.07 -2.90
N ARG A 83 -6.31 8.21 -2.91
CA ARG A 83 -5.56 8.91 -1.86
C ARG A 83 -5.03 10.24 -2.40
N LEU A 84 -5.14 11.29 -1.56
CA LEU A 84 -4.66 12.64 -1.90
C LEU A 84 -3.13 12.65 -2.02
N THR A 85 -2.64 13.02 -3.21
CA THR A 85 -1.20 13.09 -3.53
C THR A 85 -0.78 14.55 -3.78
N ARG A 86 0.52 14.78 -4.04
CA ARG A 86 1.02 16.13 -4.40
C ARG A 86 0.41 16.61 -5.72
N GLU A 87 -0.54 17.54 -5.61
CA GLU A 87 -0.95 18.38 -6.74
C GLU A 87 0.25 19.28 -7.11
N ALA A 88 0.68 19.16 -8.38
CA ALA A 88 1.94 19.75 -8.89
C ALA A 88 3.16 19.04 -8.23
N PRO A 89 3.59 17.85 -8.80
CA PRO A 89 4.83 17.14 -8.37
C PRO A 89 6.06 18.07 -8.20
N HIS A 1 -19.89 -2.82 5.57
CA HIS A 1 -21.00 -3.82 5.54
C HIS A 1 -21.71 -3.77 4.18
N HIS A 2 -21.78 -2.55 3.62
CA HIS A 2 -22.38 -2.29 2.29
C HIS A 2 -21.41 -2.75 1.17
N HIS A 3 -22.00 -3.14 0.02
CA HIS A 3 -21.26 -3.50 -1.21
C HIS A 3 -20.37 -2.34 -1.68
N HIS A 4 -19.04 -2.55 -1.60
CA HIS A 4 -18.04 -1.56 -2.04
C HIS A 4 -17.90 -1.59 -3.57
N HIS A 5 -17.33 -0.51 -4.12
CA HIS A 5 -16.91 -0.44 -5.53
C HIS A 5 -15.58 0.36 -5.62
N HIS A 6 -15.01 0.70 -4.43
CA HIS A 6 -13.77 1.47 -4.32
C HIS A 6 -13.12 1.19 -2.95
N SER A 7 -12.01 0.45 -2.97
CA SER A 7 -11.10 0.31 -1.84
C SER A 7 -9.99 1.37 -1.94
N HIS A 8 -8.92 1.25 -1.11
CA HIS A 8 -7.66 1.99 -1.34
C HIS A 8 -7.16 1.67 -2.76
N MET A 9 -6.87 2.74 -3.55
CA MET A 9 -6.45 2.61 -4.96
C MET A 9 -5.15 1.77 -5.06
N VAL A 10 -5.16 0.81 -5.99
CA VAL A 10 -4.06 -0.14 -6.23
C VAL A 10 -2.80 0.61 -6.68
N GLY A 11 -1.64 0.25 -6.12
CA GLY A 11 -0.42 1.02 -6.33
C GLY A 11 -0.15 2.05 -5.25
N ASP A 12 -0.92 1.97 -4.12
CA ASP A 12 -0.85 2.94 -3.00
C ASP A 12 0.61 3.12 -2.49
N THR A 13 1.16 4.33 -2.70
CA THR A 13 2.59 4.62 -2.49
C THR A 13 2.91 4.64 -0.98
N VAL A 14 3.62 3.61 -0.50
CA VAL A 14 4.00 3.44 0.92
C VAL A 14 5.50 3.08 1.04
N TRP A 15 5.94 2.91 2.29
CA TRP A 15 7.31 2.50 2.66
C TRP A 15 7.21 1.34 3.64
N VAL A 16 8.25 0.49 3.71
CA VAL A 16 8.29 -0.66 4.66
C VAL A 16 9.34 -0.37 5.75
N ARG A 17 8.83 -0.03 6.93
CA ARG A 17 9.58 0.30 8.15
C ARG A 17 9.99 -1.02 8.87
N ARG A 18 11.27 -1.42 8.78
CA ARG A 18 11.73 -2.73 9.29
C ARG A 18 12.95 -2.61 10.22
N HIS A 19 12.88 -3.29 11.37
CA HIS A 19 13.96 -3.38 12.37
C HIS A 19 14.30 -4.85 12.62
N GLN A 20 15.59 -5.15 12.80
CA GLN A 20 16.07 -6.52 13.10
C GLN A 20 15.60 -6.96 14.49
N THR A 21 15.73 -6.05 15.47
CA THR A 21 15.23 -6.23 16.83
C THR A 21 14.58 -4.93 17.32
N LYS A 22 13.91 -5.00 18.49
CA LYS A 22 13.13 -3.88 19.08
C LYS A 22 13.99 -2.62 19.27
N ASN A 23 15.22 -2.85 19.78
CA ASN A 23 16.16 -1.78 20.19
C ASN A 23 16.82 -1.11 18.96
N LEU A 24 16.96 -1.86 17.84
CA LEU A 24 17.49 -1.32 16.57
C LEU A 24 16.43 -0.44 15.87
N GLU A 25 16.93 0.59 15.15
CA GLU A 25 16.11 1.55 14.39
C GLU A 25 15.29 0.85 13.29
N PRO A 26 13.93 1.08 13.24
CA PRO A 26 13.06 0.53 12.18
C PRO A 26 13.30 1.26 10.84
N ARG A 27 14.33 0.80 10.12
CA ARG A 27 14.82 1.41 8.89
C ARG A 27 13.83 1.18 7.75
N TRP A 28 13.25 2.29 7.23
CA TRP A 28 12.26 2.23 6.15
C TRP A 28 12.96 2.10 4.79
N LYS A 29 12.35 1.31 3.90
CA LYS A 29 12.74 1.20 2.49
C LYS A 29 11.60 1.76 1.64
N GLY A 30 11.92 2.16 0.41
CA GLY A 30 10.92 2.71 -0.49
C GLY A 30 11.44 2.98 -1.90
N PRO A 31 10.52 3.30 -2.88
CA PRO A 31 9.04 3.29 -2.67
C PRO A 31 8.42 1.88 -2.84
N TYR A 32 7.21 1.73 -2.30
CA TYR A 32 6.38 0.50 -2.40
C TYR A 32 4.98 0.87 -2.85
N THR A 33 4.21 -0.14 -3.30
CA THR A 33 2.87 0.05 -3.89
C THR A 33 1.89 -1.02 -3.36
N VAL A 34 0.90 -0.60 -2.54
CA VAL A 34 -0.12 -1.49 -1.98
C VAL A 34 -1.19 -1.79 -3.03
N LEU A 35 -1.34 -3.08 -3.38
CA LEU A 35 -2.34 -3.55 -4.37
C LEU A 35 -3.67 -3.90 -3.68
N LEU A 36 -3.62 -4.17 -2.35
CA LEU A 36 -4.83 -4.46 -1.56
C LEU A 36 -4.59 -4.14 -0.08
N THR A 37 -5.61 -3.57 0.58
CA THR A 37 -5.59 -3.30 2.02
C THR A 37 -6.52 -4.28 2.75
N THR A 38 -6.00 -4.92 3.79
CA THR A 38 -6.72 -5.91 4.60
C THR A 38 -6.63 -5.49 6.10
N PRO A 39 -7.49 -6.08 7.03
CA PRO A 39 -7.46 -5.75 8.49
C PRO A 39 -6.03 -5.82 9.08
N THR A 40 -5.55 -4.65 9.57
CA THR A 40 -4.23 -4.43 10.23
C THR A 40 -2.99 -4.93 9.40
N ALA A 41 -3.19 -5.14 8.08
CA ALA A 41 -2.12 -5.63 7.17
C ALA A 41 -2.31 -5.07 5.77
N LEU A 42 -1.22 -4.70 5.10
CA LEU A 42 -1.26 -4.14 3.74
C LEU A 42 -0.55 -5.11 2.76
N LYS A 43 -1.30 -5.54 1.73
CA LYS A 43 -0.77 -6.40 0.68
C LYS A 43 -0.11 -5.53 -0.38
N VAL A 44 1.23 -5.60 -0.41
CA VAL A 44 2.10 -4.74 -1.23
C VAL A 44 2.75 -5.57 -2.37
N ASP A 45 2.89 -4.95 -3.54
CA ASP A 45 3.60 -5.52 -4.70
C ASP A 45 5.09 -5.75 -4.35
N GLY A 46 5.63 -6.92 -4.73
CA GLY A 46 7.02 -7.29 -4.47
C GLY A 46 7.21 -8.01 -3.12
N ILE A 47 6.24 -7.81 -2.21
CA ILE A 47 6.20 -8.46 -0.89
C ILE A 47 5.60 -9.87 -1.01
N ALA A 48 5.97 -10.78 -0.07
CA ALA A 48 5.51 -12.17 -0.07
C ALA A 48 3.96 -12.25 0.01
N ALA A 49 3.34 -11.56 0.99
CA ALA A 49 1.86 -11.49 1.10
C ALA A 49 1.39 -10.19 1.77
N TRP A 50 1.80 -9.96 3.03
CA TRP A 50 1.35 -8.79 3.81
C TRP A 50 2.47 -8.25 4.69
N ILE A 51 2.57 -6.91 4.74
CA ILE A 51 3.35 -6.18 5.73
C ILE A 51 2.35 -5.61 6.75
N HIS A 52 2.45 -6.05 8.04
CA HIS A 52 1.58 -5.56 9.14
C HIS A 52 1.75 -4.03 9.27
N ALA A 53 0.64 -3.33 9.63
CA ALA A 53 0.52 -1.85 9.60
C ALA A 53 1.65 -1.12 10.35
N ALA A 54 2.14 -1.72 11.46
CA ALA A 54 3.25 -1.17 12.29
C ALA A 54 4.56 -0.96 11.49
N HIS A 55 4.70 -1.74 10.41
CA HIS A 55 5.91 -1.78 9.57
C HIS A 55 5.67 -1.09 8.23
N VAL A 56 4.70 -0.16 8.19
CA VAL A 56 4.39 0.63 6.98
C VAL A 56 4.39 2.13 7.32
N LYS A 57 4.75 2.96 6.34
CA LYS A 57 4.53 4.41 6.39
C LYS A 57 3.94 4.86 5.05
N ALA A 58 2.75 5.49 5.10
CA ALA A 58 2.08 6.05 3.90
C ALA A 58 2.96 7.14 3.28
N ALA A 59 3.53 6.86 2.10
CA ALA A 59 4.48 7.75 1.41
C ALA A 59 3.72 8.77 0.57
N ASP A 60 4.23 10.01 0.52
CA ASP A 60 3.68 11.10 -0.29
C ASP A 60 4.01 10.82 -1.78
N PRO A 61 2.96 10.61 -2.66
CA PRO A 61 3.18 10.39 -4.12
C PRO A 61 3.59 11.69 -4.86
N GLY A 62 3.59 12.83 -4.13
CA GLY A 62 3.89 14.14 -4.72
C GLY A 62 2.68 14.75 -5.43
N GLY A 63 1.49 14.15 -5.18
CA GLY A 63 0.25 14.58 -5.81
C GLY A 63 -0.75 13.43 -5.85
N GLY A 64 -0.51 12.49 -6.79
CA GLY A 64 -1.36 11.31 -6.93
C GLY A 64 -0.95 10.47 -8.14
N PRO A 65 -0.66 9.13 -7.97
CA PRO A 65 -0.23 8.26 -9.09
C PRO A 65 -1.41 7.72 -9.91
N SER A 66 -2.64 8.21 -9.57
CA SER A 66 -3.94 7.74 -10.08
C SER A 66 -3.97 7.57 -11.61
N SER A 67 -3.52 8.62 -12.33
CA SER A 67 -3.56 8.66 -13.80
C SER A 67 -2.63 7.60 -14.45
N ARG A 68 -1.66 7.11 -13.66
CA ARG A 68 -0.63 6.16 -14.13
C ARG A 68 -0.79 4.75 -13.51
N LEU A 69 -1.77 4.57 -12.59
CA LEU A 69 -2.00 3.24 -11.94
C LEU A 69 -2.58 2.25 -12.96
N THR A 70 -1.68 1.54 -13.65
CA THR A 70 -2.02 0.55 -14.70
C THR A 70 -2.46 -0.79 -14.08
N TRP A 71 -2.15 -0.97 -12.79
CA TRP A 71 -2.61 -2.14 -12.02
C TRP A 71 -4.15 -2.18 -12.03
N ARG A 72 -4.72 -3.33 -12.35
CA ARG A 72 -6.17 -3.56 -12.38
C ARG A 72 -6.52 -4.75 -11.49
N VAL A 73 -6.54 -4.50 -10.17
CA VAL A 73 -6.90 -5.48 -9.14
C VAL A 73 -8.32 -5.14 -8.59
N GLN A 74 -9.07 -6.18 -8.13
CA GLN A 74 -10.44 -6.08 -7.60
C GLN A 74 -11.44 -5.64 -8.71
N ARG A 75 -11.26 -6.19 -9.92
CA ARG A 75 -12.04 -5.79 -11.13
C ARG A 75 -13.16 -6.80 -11.42
N SER A 76 -14.11 -6.89 -10.47
CA SER A 76 -15.32 -7.72 -10.57
C SER A 76 -16.24 -7.41 -9.36
N GLN A 77 -17.28 -8.23 -9.14
CA GLN A 77 -18.25 -8.02 -8.04
C GLN A 77 -17.62 -8.41 -6.67
N ASN A 78 -16.80 -7.48 -6.15
CA ASN A 78 -16.13 -7.58 -4.83
C ASN A 78 -15.39 -8.94 -4.64
N PRO A 79 -14.32 -9.23 -5.44
CA PRO A 79 -13.54 -10.50 -5.32
C PRO A 79 -12.66 -10.52 -4.05
N LEU A 80 -12.36 -9.32 -3.54
CA LEU A 80 -11.51 -9.11 -2.37
C LEU A 80 -12.35 -8.52 -1.24
N LYS A 81 -12.76 -9.40 -0.30
CA LYS A 81 -13.60 -9.02 0.84
C LYS A 81 -12.73 -8.27 1.88
N ILE A 82 -12.68 -6.94 1.75
CA ILE A 82 -11.96 -6.06 2.67
C ILE A 82 -12.69 -5.97 4.04
N ARG A 83 -12.37 -6.91 4.94
CA ARG A 83 -12.99 -6.97 6.28
C ARG A 83 -12.43 -5.84 7.17
N LEU A 84 -13.13 -4.70 7.16
CA LEU A 84 -12.77 -3.54 8.01
C LEU A 84 -13.33 -3.73 9.43
N THR A 85 -12.70 -3.06 10.41
CA THR A 85 -13.04 -3.16 11.84
C THR A 85 -14.53 -2.81 12.09
N ARG A 86 -15.24 -3.72 12.80
CA ARG A 86 -16.65 -3.56 13.14
C ARG A 86 -16.83 -2.47 14.21
N GLU A 87 -17.90 -1.66 14.08
CA GLU A 87 -18.34 -0.71 15.14
C GLU A 87 -18.89 -1.51 16.33
N ALA A 88 -18.85 -0.90 17.52
CA ALA A 88 -19.21 -1.55 18.81
C ALA A 88 -18.39 -2.86 19.01
N PRO A 89 -17.06 -2.75 19.35
CA PRO A 89 -16.19 -3.91 19.64
C PRO A 89 -16.61 -4.62 20.96
N HIS A 1 -16.47 -10.25 -15.00
CA HIS A 1 -15.69 -9.01 -15.08
C HIS A 1 -16.62 -7.81 -14.76
N HIS A 2 -16.60 -7.37 -13.49
CA HIS A 2 -17.32 -6.17 -13.03
C HIS A 2 -16.67 -5.66 -11.74
N HIS A 3 -16.70 -4.33 -11.52
CA HIS A 3 -16.05 -3.67 -10.37
C HIS A 3 -16.94 -3.71 -9.12
N HIS A 4 -16.40 -3.13 -8.02
CA HIS A 4 -17.07 -3.07 -6.69
C HIS A 4 -16.69 -1.75 -5.98
N HIS A 5 -16.87 -1.74 -4.63
CA HIS A 5 -16.55 -0.60 -3.75
C HIS A 5 -15.08 -0.21 -3.88
N HIS A 6 -14.81 1.12 -3.96
CA HIS A 6 -13.45 1.67 -4.04
C HIS A 6 -12.65 1.32 -2.77
N SER A 7 -11.57 0.57 -2.96
CA SER A 7 -10.59 0.22 -1.91
C SER A 7 -9.36 1.14 -2.04
N HIS A 8 -8.28 0.87 -1.26
CA HIS A 8 -6.98 1.51 -1.50
C HIS A 8 -6.50 1.13 -2.91
N MET A 9 -6.03 2.14 -3.67
CA MET A 9 -5.61 1.97 -5.06
C MET A 9 -4.39 1.03 -5.13
N VAL A 10 -4.44 0.06 -6.08
CA VAL A 10 -3.27 -0.75 -6.45
C VAL A 10 -2.19 0.19 -6.99
N GLY A 11 -1.11 0.39 -6.22
CA GLY A 11 -0.12 1.41 -6.56
C GLY A 11 -0.03 2.50 -5.50
N ASP A 12 -0.70 2.31 -4.33
CA ASP A 12 -0.69 3.29 -3.21
C ASP A 12 0.76 3.51 -2.73
N THR A 13 1.28 4.74 -2.93
CA THR A 13 2.70 5.04 -2.67
C THR A 13 2.95 5.08 -1.16
N VAL A 14 3.76 4.12 -0.68
CA VAL A 14 4.08 3.92 0.73
C VAL A 14 5.57 3.57 0.89
N TRP A 15 6.00 3.44 2.14
CA TRP A 15 7.33 2.95 2.53
C TRP A 15 7.10 1.76 3.48
N VAL A 16 8.02 0.78 3.47
CA VAL A 16 7.96 -0.37 4.39
C VAL A 16 9.08 -0.23 5.44
N ARG A 17 8.67 0.16 6.67
CA ARG A 17 9.54 0.24 7.84
C ARG A 17 9.94 -1.18 8.28
N ARG A 18 11.11 -1.64 7.79
CA ARG A 18 11.62 -2.98 8.05
C ARG A 18 12.43 -3.01 9.37
N HIS A 19 11.96 -3.83 10.33
CA HIS A 19 12.59 -3.98 11.66
C HIS A 19 13.48 -5.23 11.66
N GLN A 20 14.80 -5.02 11.68
CA GLN A 20 15.77 -6.13 11.70
C GLN A 20 15.81 -6.80 13.09
N THR A 21 16.36 -6.10 14.09
CA THR A 21 16.46 -6.60 15.47
C THR A 21 15.65 -5.72 16.42
N LYS A 22 15.23 -6.30 17.56
CA LYS A 22 14.46 -5.60 18.61
C LYS A 22 15.34 -4.59 19.36
N ASN A 23 16.66 -4.89 19.43
CA ASN A 23 17.64 -4.02 20.11
C ASN A 23 17.91 -2.73 19.31
N LEU A 24 17.89 -2.83 17.97
CA LEU A 24 18.11 -1.68 17.07
C LEU A 24 16.79 -1.13 16.53
N GLU A 25 16.83 0.11 16.04
CA GLU A 25 15.68 0.81 15.46
C GLU A 25 15.34 0.23 14.07
N PRO A 26 14.04 0.30 13.63
CA PRO A 26 13.65 -0.10 12.26
C PRO A 26 14.01 1.00 11.22
N ARG A 27 14.35 0.57 10.00
CA ARG A 27 14.68 1.48 8.89
C ARG A 27 13.67 1.28 7.76
N TRP A 28 13.10 2.39 7.27
CA TRP A 28 12.13 2.36 6.17
C TRP A 28 12.87 2.15 4.83
N LYS A 29 12.19 1.50 3.91
CA LYS A 29 12.61 1.34 2.51
C LYS A 29 11.46 1.81 1.62
N GLY A 30 11.76 2.51 0.52
CA GLY A 30 10.70 3.02 -0.36
C GLY A 30 11.25 3.74 -1.60
N PRO A 31 10.37 4.20 -2.54
CA PRO A 31 8.89 4.12 -2.43
C PRO A 31 8.27 2.80 -3.00
N TYR A 32 7.58 2.06 -2.12
CA TYR A 32 6.77 0.87 -2.46
C TYR A 32 5.33 1.26 -2.83
N THR A 33 4.52 0.24 -3.17
CA THR A 33 3.12 0.42 -3.61
C THR A 33 2.20 -0.66 -2.99
N VAL A 34 1.25 -0.25 -2.11
CA VAL A 34 0.18 -1.13 -1.60
C VAL A 34 -0.79 -1.47 -2.75
N LEU A 35 -0.95 -2.79 -2.99
CA LEU A 35 -1.91 -3.33 -3.96
C LEU A 35 -3.24 -3.69 -3.26
N LEU A 36 -3.18 -3.99 -1.95
CA LEU A 36 -4.36 -4.44 -1.19
C LEU A 36 -4.24 -4.07 0.30
N THR A 37 -5.38 -3.73 0.90
CA THR A 37 -5.52 -3.46 2.33
C THR A 37 -6.33 -4.60 2.98
N THR A 38 -5.99 -4.93 4.23
CA THR A 38 -6.63 -6.00 5.01
C THR A 38 -6.63 -5.58 6.51
N PRO A 39 -7.47 -6.23 7.39
CA PRO A 39 -7.49 -5.93 8.84
C PRO A 39 -6.08 -6.03 9.49
N THR A 40 -5.54 -4.84 9.85
CA THR A 40 -4.24 -4.65 10.54
C THR A 40 -3.04 -5.09 9.66
N ALA A 41 -3.24 -5.09 8.33
CA ALA A 41 -2.20 -5.52 7.36
C ALA A 41 -2.39 -4.85 6.01
N LEU A 42 -1.32 -4.81 5.22
CA LEU A 42 -1.29 -4.22 3.87
C LEU A 42 -0.46 -5.13 2.97
N LYS A 43 -1.06 -5.59 1.86
CA LYS A 43 -0.33 -6.31 0.83
C LYS A 43 0.31 -5.26 -0.10
N VAL A 44 1.63 -5.18 0.00
CA VAL A 44 2.45 -4.35 -0.88
C VAL A 44 2.93 -5.22 -2.07
N ASP A 45 3.28 -4.57 -3.18
CA ASP A 45 3.84 -5.21 -4.38
C ASP A 45 5.15 -5.93 -4.02
N GLY A 46 5.30 -7.19 -4.49
CA GLY A 46 6.49 -7.99 -4.25
C GLY A 46 6.47 -8.76 -2.94
N ILE A 47 5.45 -8.50 -2.08
CA ILE A 47 5.31 -9.16 -0.77
C ILE A 47 4.54 -10.50 -0.94
N ALA A 48 4.94 -11.51 -0.12
CA ALA A 48 4.41 -12.88 -0.15
C ALA A 48 2.88 -12.91 0.01
N ALA A 49 2.36 -12.20 1.03
CA ALA A 49 0.91 -12.02 1.22
C ALA A 49 0.57 -10.68 1.88
N TRP A 50 1.11 -10.42 3.08
CA TRP A 50 0.81 -9.19 3.85
C TRP A 50 2.04 -8.70 4.64
N ILE A 51 2.02 -7.40 4.97
CA ILE A 51 2.90 -6.75 5.94
C ILE A 51 2.00 -6.11 7.00
N HIS A 52 2.28 -6.37 8.31
CA HIS A 52 1.52 -5.77 9.42
C HIS A 52 1.57 -4.23 9.27
N ALA A 53 0.39 -3.58 9.31
CA ALA A 53 0.18 -2.18 8.87
C ALA A 53 1.16 -1.17 9.51
N ALA A 54 1.48 -1.37 10.80
CA ALA A 54 2.37 -0.44 11.56
C ALA A 54 3.85 -0.51 11.11
N HIS A 55 4.16 -1.43 10.18
CA HIS A 55 5.48 -1.50 9.49
C HIS A 55 5.40 -0.80 8.12
N VAL A 56 4.36 0.02 7.89
CA VAL A 56 4.15 0.72 6.61
C VAL A 56 3.81 2.20 6.89
N LYS A 57 4.50 3.13 6.21
CA LYS A 57 4.24 4.57 6.29
C LYS A 57 3.71 5.07 4.94
N ALA A 58 2.51 5.66 4.94
CA ALA A 58 1.91 6.24 3.71
C ALA A 58 2.77 7.44 3.23
N ALA A 59 3.19 7.41 1.96
CA ALA A 59 4.02 8.45 1.34
C ALA A 59 3.21 9.20 0.27
N ASP A 60 3.47 10.51 0.13
CA ASP A 60 2.82 11.37 -0.86
C ASP A 60 3.66 11.36 -2.17
N PRO A 61 3.13 10.79 -3.29
CA PRO A 61 3.87 10.73 -4.60
C PRO A 61 3.95 12.11 -5.30
N GLY A 62 3.20 13.09 -4.78
CA GLY A 62 3.12 14.44 -5.35
C GLY A 62 1.71 14.76 -5.83
N GLY A 63 0.70 14.17 -5.16
CA GLY A 63 -0.71 14.32 -5.53
C GLY A 63 -1.33 12.98 -5.88
N GLY A 64 -0.66 12.23 -6.78
CA GLY A 64 -1.13 10.91 -7.21
C GLY A 64 -0.48 10.51 -8.54
N PRO A 65 -1.10 10.88 -9.72
CA PRO A 65 -0.53 10.58 -11.06
C PRO A 65 0.54 11.59 -11.52
N SER A 66 1.29 12.15 -10.54
CA SER A 66 2.42 13.05 -10.80
C SER A 66 3.64 12.27 -11.33
N SER A 67 3.70 10.97 -10.96
CA SER A 67 4.69 10.03 -11.48
C SER A 67 4.12 9.32 -12.74
N ARG A 68 3.22 8.36 -12.52
CA ARG A 68 2.60 7.54 -13.59
C ARG A 68 1.17 7.13 -13.17
N LEU A 69 0.44 6.52 -14.12
CA LEU A 69 -0.87 5.90 -13.86
C LEU A 69 -0.67 4.49 -13.28
N THR A 70 -1.44 4.18 -12.24
CA THR A 70 -1.33 2.92 -11.50
C THR A 70 -2.03 1.78 -12.29
N TRP A 71 -1.30 0.66 -12.51
CA TRP A 71 -1.84 -0.53 -13.21
C TRP A 71 -2.83 -1.26 -12.29
N ARG A 72 -4.05 -1.50 -12.80
CA ARG A 72 -5.20 -2.05 -12.02
C ARG A 72 -5.11 -3.58 -11.84
N VAL A 73 -4.00 -4.04 -11.23
CA VAL A 73 -3.65 -5.47 -11.11
C VAL A 73 -4.72 -6.29 -10.34
N GLN A 74 -5.44 -5.64 -9.42
CA GLN A 74 -6.54 -6.26 -8.63
C GLN A 74 -7.79 -5.38 -8.63
N ARG A 75 -7.88 -4.44 -9.59
CA ARG A 75 -9.03 -3.49 -9.70
C ARG A 75 -9.72 -3.60 -11.07
N SER A 76 -9.30 -4.57 -11.91
CA SER A 76 -9.93 -4.84 -13.22
C SER A 76 -11.30 -5.51 -13.06
N GLN A 77 -11.43 -6.33 -12.02
CA GLN A 77 -12.65 -7.10 -11.74
C GLN A 77 -12.61 -7.62 -10.30
N ASN A 78 -13.76 -7.45 -9.59
CA ASN A 78 -13.96 -7.91 -8.19
C ASN A 78 -12.77 -7.56 -7.27
N PRO A 79 -12.54 -6.24 -6.98
CA PRO A 79 -11.45 -5.78 -6.07
C PRO A 79 -11.60 -6.40 -4.67
N LEU A 80 -10.55 -7.14 -4.25
CA LEU A 80 -10.52 -7.83 -2.94
C LEU A 80 -10.82 -6.84 -1.81
N LYS A 81 -11.86 -7.16 -1.01
CA LYS A 81 -12.47 -6.23 -0.06
C LYS A 81 -11.56 -6.01 1.16
N ILE A 82 -11.51 -4.75 1.61
CA ILE A 82 -10.54 -4.29 2.63
C ILE A 82 -11.25 -3.99 3.96
N ARG A 83 -10.50 -4.08 5.07
CA ARG A 83 -10.93 -3.62 6.41
C ARG A 83 -9.75 -2.91 7.11
N LEU A 84 -10.12 -2.16 8.18
CA LEU A 84 -9.19 -1.32 8.97
C LEU A 84 -8.39 -0.40 8.05
N THR A 85 -9.15 0.46 7.35
CA THR A 85 -8.64 1.44 6.40
C THR A 85 -7.95 2.60 7.16
N ARG A 86 -6.69 2.35 7.55
CA ARG A 86 -5.87 3.30 8.29
C ARG A 86 -5.19 4.26 7.30
N GLU A 87 -5.80 5.47 7.15
CA GLU A 87 -5.22 6.57 6.37
C GLU A 87 -3.91 6.99 7.06
N ALA A 88 -2.76 6.66 6.45
CA ALA A 88 -1.44 6.70 7.08
C ALA A 88 -1.41 5.72 8.29
N PRO A 89 -0.99 4.43 8.08
CA PRO A 89 -0.97 3.38 9.14
C PRO A 89 -0.21 3.84 10.41
N HIS A 1 -14.46 -8.91 -18.14
CA HIS A 1 -15.08 -8.62 -16.83
C HIS A 1 -14.07 -7.85 -15.95
N HIS A 2 -14.11 -6.51 -16.04
CA HIS A 2 -13.24 -5.61 -15.26
C HIS A 2 -14.06 -4.48 -14.66
N HIS A 3 -13.81 -4.17 -13.38
CA HIS A 3 -14.56 -3.17 -12.61
C HIS A 3 -13.61 -2.37 -11.70
N HIS A 4 -14.00 -1.15 -11.34
CA HIS A 4 -13.27 -0.30 -10.37
C HIS A 4 -13.76 -0.58 -8.94
N HIS A 5 -12.95 -0.19 -7.94
CA HIS A 5 -13.28 -0.37 -6.51
C HIS A 5 -13.01 0.94 -5.75
N HIS A 6 -14.00 1.39 -4.97
CA HIS A 6 -13.88 2.62 -4.15
C HIS A 6 -13.21 2.26 -2.80
N SER A 7 -11.87 2.40 -2.74
CA SER A 7 -11.07 2.04 -1.56
C SER A 7 -9.65 2.61 -1.69
N HIS A 8 -8.78 2.27 -0.71
CA HIS A 8 -7.33 2.46 -0.81
C HIS A 8 -6.85 1.65 -2.03
N MET A 9 -6.61 2.35 -3.14
CA MET A 9 -6.42 1.78 -4.48
C MET A 9 -5.07 1.07 -4.65
N VAL A 10 -4.94 0.36 -5.78
CA VAL A 10 -3.71 -0.32 -6.18
C VAL A 10 -2.62 0.71 -6.59
N GLY A 11 -1.36 0.42 -6.23
CA GLY A 11 -0.24 1.27 -6.62
C GLY A 11 0.00 2.45 -5.67
N ASP A 12 -0.68 2.50 -4.50
CA ASP A 12 -0.57 3.66 -3.58
C ASP A 12 0.84 3.71 -2.97
N THR A 13 1.52 4.86 -3.12
CA THR A 13 2.95 5.01 -2.80
C THR A 13 3.17 4.98 -1.28
N VAL A 14 3.86 3.94 -0.81
CA VAL A 14 4.18 3.72 0.62
C VAL A 14 5.65 3.27 0.78
N TRP A 15 6.04 3.09 2.04
CA TRP A 15 7.34 2.56 2.44
C TRP A 15 7.11 1.37 3.39
N VAL A 16 8.06 0.43 3.43
CA VAL A 16 8.04 -0.69 4.38
C VAL A 16 9.13 -0.43 5.42
N ARG A 17 8.69 -0.02 6.62
CA ARG A 17 9.55 0.29 7.75
C ARG A 17 9.96 -1.02 8.47
N ARG A 18 11.11 -1.57 8.06
CA ARG A 18 11.64 -2.84 8.57
C ARG A 18 12.39 -2.61 9.89
N HIS A 19 11.91 -3.27 10.94
CA HIS A 19 12.55 -3.27 12.26
C HIS A 19 13.64 -4.35 12.29
N GLN A 20 14.91 -3.91 12.31
CA GLN A 20 16.08 -4.79 12.30
C GLN A 20 16.17 -5.61 13.60
N THR A 21 16.53 -4.93 14.68
CA THR A 21 16.72 -5.53 16.02
C THR A 21 15.87 -4.74 17.04
N LYS A 22 15.47 -5.40 18.14
CA LYS A 22 14.60 -4.82 19.19
C LYS A 22 15.24 -3.57 19.84
N ASN A 23 16.57 -3.64 20.04
CA ASN A 23 17.36 -2.53 20.63
C ASN A 23 17.84 -1.52 19.55
N LEU A 24 17.34 -1.66 18.31
CA LEU A 24 17.65 -0.74 17.19
C LEU A 24 16.36 -0.13 16.65
N GLU A 25 16.51 0.89 15.79
CA GLU A 25 15.38 1.64 15.21
C GLU A 25 14.77 0.88 14.00
N PRO A 26 13.42 1.03 13.76
CA PRO A 26 12.77 0.54 12.52
C PRO A 26 13.10 1.46 11.32
N ARG A 27 13.91 0.97 10.37
CA ARG A 27 14.35 1.74 9.19
C ARG A 27 13.38 1.53 8.02
N TRP A 28 12.89 2.64 7.44
CA TRP A 28 11.99 2.60 6.28
C TRP A 28 12.76 2.22 4.99
N LYS A 29 12.07 1.58 4.06
CA LYS A 29 12.59 1.22 2.72
C LYS A 29 11.55 1.60 1.67
N GLY A 30 12.00 2.07 0.50
CA GLY A 30 11.11 2.45 -0.59
C GLY A 30 11.78 2.28 -1.96
N PRO A 31 11.11 2.64 -3.10
CA PRO A 31 9.67 3.02 -3.14
C PRO A 31 8.76 1.77 -3.27
N TYR A 32 7.84 1.58 -2.30
CA TYR A 32 6.85 0.48 -2.32
C TYR A 32 5.46 1.03 -2.64
N THR A 33 4.48 0.13 -2.89
CA THR A 33 3.13 0.51 -3.39
C THR A 33 2.05 -0.50 -2.91
N VAL A 34 1.08 -0.06 -2.08
CA VAL A 34 -0.05 -0.89 -1.64
C VAL A 34 -1.00 -1.23 -2.82
N LEU A 35 -1.27 -2.54 -2.99
CA LEU A 35 -2.26 -3.08 -3.93
C LEU A 35 -3.62 -3.32 -3.22
N LEU A 36 -3.57 -3.80 -1.96
CA LEU A 36 -4.77 -4.10 -1.15
C LEU A 36 -4.50 -3.78 0.33
N THR A 37 -5.56 -3.39 1.06
CA THR A 37 -5.51 -3.22 2.52
C THR A 37 -6.42 -4.27 3.17
N THR A 38 -5.89 -4.98 4.18
CA THR A 38 -6.62 -5.97 4.97
C THR A 38 -6.43 -5.61 6.47
N PRO A 39 -7.44 -5.89 7.39
CA PRO A 39 -7.26 -5.69 8.86
C PRO A 39 -5.92 -6.27 9.39
N THR A 40 -5.06 -5.36 9.93
CA THR A 40 -3.76 -5.67 10.58
C THR A 40 -2.64 -6.05 9.57
N ALA A 41 -2.96 -6.10 8.26
CA ALA A 41 -2.02 -6.58 7.24
C ALA A 41 -2.28 -5.87 5.90
N LEU A 42 -1.26 -5.19 5.36
CA LEU A 42 -1.38 -4.42 4.10
C LEU A 42 -0.60 -5.14 2.98
N LYS A 43 -1.30 -5.44 1.88
CA LYS A 43 -0.73 -6.12 0.72
C LYS A 43 -0.04 -5.09 -0.18
N VAL A 44 1.29 -5.18 -0.21
CA VAL A 44 2.17 -4.27 -0.95
C VAL A 44 2.86 -5.03 -2.11
N ASP A 45 3.10 -4.34 -3.23
CA ASP A 45 3.80 -4.89 -4.40
C ASP A 45 5.30 -5.07 -4.07
N GLY A 46 5.80 -6.28 -4.32
CA GLY A 46 7.17 -6.67 -3.93
C GLY A 46 7.20 -7.53 -2.69
N ILE A 47 6.02 -7.80 -2.11
CA ILE A 47 5.87 -8.58 -0.87
C ILE A 47 5.13 -9.90 -1.19
N ALA A 48 5.46 -10.97 -0.44
CA ALA A 48 4.92 -12.33 -0.65
C ALA A 48 3.38 -12.38 -0.59
N ALA A 49 2.80 -11.73 0.44
CA ALA A 49 1.34 -11.57 0.54
C ALA A 49 0.96 -10.28 1.28
N TRP A 50 1.43 -10.14 2.54
CA TRP A 50 1.11 -8.97 3.41
C TRP A 50 2.31 -8.58 4.28
N ILE A 51 2.43 -7.27 4.55
CA ILE A 51 3.27 -6.71 5.64
C ILE A 51 2.35 -6.35 6.82
N HIS A 52 2.79 -6.66 8.04
CA HIS A 52 2.07 -6.30 9.27
C HIS A 52 1.95 -4.75 9.31
N ALA A 53 0.69 -4.23 9.32
CA ALA A 53 0.35 -2.81 9.02
C ALA A 53 1.13 -1.77 9.84
N ALA A 54 1.57 -2.16 11.05
CA ALA A 54 2.38 -1.31 11.94
C ALA A 54 3.83 -1.09 11.42
N HIS A 55 4.18 -1.73 10.29
CA HIS A 55 5.49 -1.59 9.63
C HIS A 55 5.33 -0.94 8.24
N VAL A 56 4.18 -0.30 7.97
CA VAL A 56 3.93 0.40 6.70
C VAL A 56 3.74 1.91 6.97
N LYS A 57 4.41 2.75 6.18
CA LYS A 57 4.33 4.20 6.28
C LYS A 57 3.84 4.78 4.95
N ALA A 58 2.71 5.52 4.98
CA ALA A 58 2.13 6.16 3.80
C ALA A 58 3.08 7.25 3.24
N ALA A 59 3.54 7.07 2.00
CA ALA A 59 4.46 8.02 1.32
C ALA A 59 3.67 8.92 0.36
N ASP A 60 4.31 10.00 -0.12
CA ASP A 60 3.68 10.99 -1.00
C ASP A 60 3.55 10.40 -2.44
N PRO A 61 2.28 10.24 -2.97
CA PRO A 61 2.03 9.78 -4.37
C PRO A 61 2.46 10.79 -5.46
N GLY A 62 3.08 11.92 -5.03
CA GLY A 62 3.72 12.87 -5.94
C GLY A 62 4.86 12.22 -6.73
N GLY A 63 4.50 11.74 -7.93
CA GLY A 63 5.35 10.89 -8.76
C GLY A 63 4.69 9.54 -8.97
N GLY A 64 4.50 8.81 -7.85
CA GLY A 64 3.75 7.54 -7.84
C GLY A 64 4.51 6.37 -8.47
N PRO A 65 3.81 5.24 -8.80
CA PRO A 65 4.43 4.10 -9.51
C PRO A 65 4.60 4.39 -11.03
N SER A 66 5.87 4.52 -11.46
CA SER A 66 6.23 4.66 -12.89
C SER A 66 6.01 3.32 -13.63
N SER A 67 5.94 2.22 -12.87
CA SER A 67 5.69 0.88 -13.36
C SER A 67 4.18 0.57 -13.35
N ARG A 68 3.65 0.01 -14.47
CA ARG A 68 2.28 -0.50 -14.55
C ARG A 68 2.18 -1.83 -13.77
N LEU A 69 1.61 -1.75 -12.56
CA LEU A 69 1.48 -2.90 -11.63
C LEU A 69 0.24 -3.76 -11.97
N THR A 70 -0.09 -4.70 -11.06
CA THR A 70 -1.33 -5.49 -11.16
C THR A 70 -2.54 -4.55 -10.99
N TRP A 71 -3.14 -4.18 -12.15
CA TRP A 71 -4.20 -3.16 -12.22
C TRP A 71 -5.52 -3.74 -11.67
N ARG A 72 -5.96 -3.15 -10.54
CA ARG A 72 -7.18 -3.52 -9.83
C ARG A 72 -7.18 -5.01 -9.42
N VAL A 73 -6.43 -5.31 -8.37
CA VAL A 73 -6.50 -6.62 -7.67
C VAL A 73 -7.89 -6.74 -7.02
N GLN A 74 -8.33 -5.63 -6.44
CA GLN A 74 -9.67 -5.45 -5.88
C GLN A 74 -10.57 -4.70 -6.89
N ARG A 75 -11.64 -5.37 -7.35
CA ARG A 75 -12.68 -4.76 -8.22
C ARG A 75 -13.96 -4.55 -7.38
N SER A 76 -15.05 -4.10 -8.02
CA SER A 76 -16.38 -3.95 -7.37
C SER A 76 -16.95 -5.33 -6.94
N GLN A 77 -18.13 -5.35 -6.27
CA GLN A 77 -18.78 -6.57 -5.73
C GLN A 77 -17.80 -7.19 -4.69
N ASN A 78 -17.87 -6.64 -3.43
CA ASN A 78 -16.87 -6.80 -2.33
C ASN A 78 -16.15 -8.17 -2.33
N PRO A 79 -14.94 -8.28 -2.99
CA PRO A 79 -14.16 -9.54 -3.06
C PRO A 79 -13.15 -9.70 -1.90
N LEU A 80 -12.80 -8.56 -1.26
CA LEU A 80 -11.68 -8.45 -0.31
C LEU A 80 -12.11 -7.52 0.84
N LYS A 81 -11.65 -7.83 2.07
CA LYS A 81 -12.00 -7.05 3.28
C LYS A 81 -10.96 -5.94 3.50
N ILE A 82 -11.43 -4.69 3.47
CA ILE A 82 -10.60 -3.49 3.68
C ILE A 82 -10.83 -2.94 5.09
N ARG A 83 -9.73 -2.64 5.81
CA ARG A 83 -9.78 -2.06 7.16
C ARG A 83 -8.36 -1.64 7.59
N LEU A 84 -8.13 -0.31 7.64
CA LEU A 84 -6.89 0.26 8.18
C LEU A 84 -7.02 0.34 9.72
N THR A 85 -6.51 -0.70 10.39
CA THR A 85 -6.51 -0.80 11.85
C THR A 85 -5.40 0.09 12.45
N ARG A 86 -5.62 1.42 12.43
CA ARG A 86 -4.71 2.41 13.02
C ARG A 86 -5.07 2.56 14.51
N GLU A 87 -4.31 1.86 15.36
CA GLU A 87 -4.53 1.83 16.82
C GLU A 87 -3.67 2.90 17.50
N ALA A 88 -4.20 3.42 18.63
CA ALA A 88 -3.52 4.45 19.43
C ALA A 88 -2.23 3.87 20.08
N PRO A 89 -1.02 4.43 19.74
CA PRO A 89 0.28 3.93 20.28
C PRO A 89 0.34 3.96 21.84
N HIS A 1 -7.62 -16.80 -11.97
CA HIS A 1 -8.67 -16.56 -10.94
C HIS A 1 -8.77 -15.05 -10.65
N HIS A 2 -10.00 -14.53 -10.65
CA HIS A 2 -10.29 -13.10 -10.47
C HIS A 2 -11.36 -12.94 -9.39
N HIS A 3 -11.17 -11.93 -8.53
CA HIS A 3 -12.11 -11.57 -7.45
C HIS A 3 -12.29 -10.05 -7.38
N HIS A 4 -13.40 -9.62 -6.77
CA HIS A 4 -13.65 -8.21 -6.41
C HIS A 4 -12.68 -7.81 -5.27
N HIS A 5 -12.53 -6.50 -5.05
CA HIS A 5 -11.73 -5.97 -3.93
C HIS A 5 -12.54 -4.88 -3.20
N HIS A 6 -12.84 -3.78 -3.93
CA HIS A 6 -13.53 -2.58 -3.37
C HIS A 6 -12.67 -1.98 -2.22
N SER A 7 -11.35 -2.14 -2.38
CA SER A 7 -10.34 -1.79 -1.38
C SER A 7 -9.73 -0.42 -1.72
N HIS A 8 -8.79 0.04 -0.87
CA HIS A 8 -8.09 1.32 -1.09
C HIS A 8 -7.20 1.20 -2.37
N MET A 9 -6.89 2.37 -2.96
CA MET A 9 -6.23 2.50 -4.29
C MET A 9 -4.99 1.59 -4.44
N VAL A 10 -4.90 0.88 -5.57
CA VAL A 10 -3.73 0.07 -5.94
C VAL A 10 -2.61 1.04 -6.35
N GLY A 11 -1.38 0.77 -5.92
CA GLY A 11 -0.29 1.71 -6.12
C GLY A 11 -0.15 2.69 -4.98
N ASP A 12 -0.87 2.43 -3.85
CA ASP A 12 -0.83 3.28 -2.64
C ASP A 12 0.62 3.38 -2.13
N THR A 13 1.31 4.48 -2.50
CA THR A 13 2.75 4.60 -2.30
C THR A 13 3.05 4.77 -0.81
N VAL A 14 3.79 3.81 -0.28
CA VAL A 14 4.14 3.68 1.12
C VAL A 14 5.63 3.34 1.27
N TRP A 15 6.10 3.39 2.51
CA TRP A 15 7.42 2.94 2.92
C TRP A 15 7.24 1.80 3.92
N VAL A 16 8.12 0.80 3.81
CA VAL A 16 8.13 -0.38 4.71
C VAL A 16 9.34 -0.22 5.64
N ARG A 17 9.03 0.06 6.91
CA ARG A 17 9.99 0.42 7.95
C ARG A 17 10.48 -0.86 8.68
N ARG A 18 11.68 -1.31 8.29
CA ARG A 18 12.27 -2.59 8.74
C ARG A 18 13.30 -2.36 9.87
N HIS A 19 13.35 -3.31 10.84
CA HIS A 19 14.38 -3.36 11.90
C HIS A 19 14.61 -4.81 12.36
N GLN A 20 15.89 -5.17 12.55
CA GLN A 20 16.28 -6.52 12.99
C GLN A 20 15.89 -6.77 14.45
N THR A 21 16.21 -5.80 15.31
CA THR A 21 15.79 -5.76 16.73
C THR A 21 15.13 -4.41 17.02
N LYS A 22 14.42 -4.32 18.15
CA LYS A 22 13.82 -3.06 18.63
C LYS A 22 14.91 -2.11 19.16
N ASN A 23 16.05 -2.69 19.60
CA ASN A 23 17.24 -1.92 20.03
C ASN A 23 17.82 -1.13 18.84
N LEU A 24 17.79 -1.75 17.64
CA LEU A 24 18.15 -1.06 16.40
C LEU A 24 16.98 -0.18 15.91
N GLU A 25 17.29 1.08 15.59
CA GLU A 25 16.30 2.06 15.13
C GLU A 25 15.78 1.66 13.72
N PRO A 26 14.42 1.62 13.50
CA PRO A 26 13.82 1.11 12.26
C PRO A 26 14.05 2.04 11.06
N ARG A 27 14.66 1.50 10.00
CA ARG A 27 14.93 2.23 8.76
C ARG A 27 13.87 1.87 7.71
N TRP A 28 13.21 2.91 7.17
CA TRP A 28 12.21 2.74 6.09
C TRP A 28 12.89 2.37 4.76
N LYS A 29 12.12 1.77 3.85
CA LYS A 29 12.50 1.57 2.44
C LYS A 29 11.34 1.98 1.54
N GLY A 30 11.64 2.47 0.34
CA GLY A 30 10.61 2.92 -0.60
C GLY A 30 11.14 3.09 -2.02
N PRO A 31 10.26 3.45 -3.01
CA PRO A 31 8.81 3.65 -2.80
C PRO A 31 7.99 2.36 -3.08
N TYR A 32 7.53 1.70 -1.99
CA TYR A 32 6.64 0.53 -2.08
C TYR A 32 5.23 1.01 -2.44
N THR A 33 4.37 0.11 -2.95
CA THR A 33 3.03 0.47 -3.42
C THR A 33 2.01 -0.62 -3.04
N VAL A 34 1.09 -0.30 -2.11
CA VAL A 34 0.05 -1.23 -1.65
C VAL A 34 -0.96 -1.49 -2.78
N LEU A 35 -1.14 -2.78 -3.10
CA LEU A 35 -2.03 -3.27 -4.17
C LEU A 35 -3.37 -3.74 -3.59
N LEU A 36 -3.39 -4.06 -2.28
CA LEU A 36 -4.60 -4.44 -1.55
C LEU A 36 -4.44 -4.10 -0.06
N THR A 37 -5.50 -3.54 0.54
CA THR A 37 -5.53 -3.22 1.98
C THR A 37 -6.56 -4.16 2.67
N THR A 38 -6.15 -4.83 3.76
CA THR A 38 -7.01 -5.77 4.54
C THR A 38 -6.85 -5.46 6.06
N PRO A 39 -7.77 -5.99 6.97
CA PRO A 39 -7.69 -5.77 8.44
C PRO A 39 -6.27 -6.00 9.03
N THR A 40 -5.63 -4.87 9.44
CA THR A 40 -4.30 -4.81 10.11
C THR A 40 -3.16 -5.50 9.29
N ALA A 41 -3.38 -5.67 7.98
CA ALA A 41 -2.44 -6.36 7.08
C ALA A 41 -2.58 -5.79 5.67
N LEU A 42 -1.46 -5.58 4.96
CA LEU A 42 -1.46 -4.93 3.64
C LEU A 42 -0.71 -5.82 2.65
N LYS A 43 -1.33 -6.09 1.49
CA LYS A 43 -0.63 -6.71 0.36
C LYS A 43 0.00 -5.59 -0.43
N VAL A 44 1.33 -5.49 -0.33
CA VAL A 44 2.13 -4.46 -0.99
C VAL A 44 2.86 -5.09 -2.20
N ASP A 45 3.30 -4.26 -3.14
CA ASP A 45 4.06 -4.69 -4.31
C ASP A 45 5.43 -5.23 -3.88
N GLY A 46 5.77 -6.44 -4.35
CA GLY A 46 7.02 -7.13 -3.96
C GLY A 46 6.87 -7.96 -2.69
N ILE A 47 5.68 -7.89 -2.06
CA ILE A 47 5.35 -8.66 -0.84
C ILE A 47 4.59 -9.93 -1.23
N ALA A 48 4.96 -11.05 -0.58
CA ALA A 48 4.42 -12.39 -0.89
C ALA A 48 2.89 -12.44 -0.74
N ALA A 49 2.37 -11.96 0.41
CA ALA A 49 0.92 -11.85 0.63
C ALA A 49 0.55 -10.70 1.59
N TRP A 50 1.11 -10.68 2.81
CA TRP A 50 0.71 -9.70 3.85
C TRP A 50 1.92 -9.21 4.67
N ILE A 51 1.94 -7.89 4.93
CA ILE A 51 2.77 -7.25 5.97
C ILE A 51 1.82 -6.54 6.94
N HIS A 52 1.96 -6.83 8.24
CA HIS A 52 1.16 -6.19 9.30
C HIS A 52 1.33 -4.65 9.19
N ALA A 53 0.18 -3.95 9.03
CA ALA A 53 0.08 -2.52 8.63
C ALA A 53 0.91 -1.55 9.51
N ALA A 54 1.24 -1.98 10.74
CA ALA A 54 1.97 -1.14 11.73
C ALA A 54 3.43 -0.85 11.31
N HIS A 55 3.99 -1.70 10.43
CA HIS A 55 5.36 -1.51 9.89
C HIS A 55 5.34 -0.61 8.64
N VAL A 56 4.14 -0.39 8.09
CA VAL A 56 3.93 0.37 6.85
C VAL A 56 3.46 1.81 7.18
N LYS A 57 3.98 2.79 6.43
CA LYS A 57 3.69 4.22 6.64
C LYS A 57 3.50 4.91 5.27
N ALA A 58 2.39 5.67 5.11
CA ALA A 58 1.99 6.25 3.80
C ALA A 58 2.97 7.34 3.32
N ALA A 59 3.47 7.17 2.08
CA ALA A 59 4.42 8.09 1.44
C ALA A 59 3.77 8.87 0.28
N ASP A 60 4.41 10.00 -0.09
CA ASP A 60 4.02 10.81 -1.25
C ASP A 60 4.93 10.41 -2.43
N PRO A 61 4.36 9.86 -3.56
CA PRO A 61 5.17 9.39 -4.72
C PRO A 61 5.77 10.55 -5.55
N GLY A 62 5.08 11.71 -5.56
CA GLY A 62 5.33 12.75 -6.56
C GLY A 62 4.80 12.32 -7.93
N GLY A 63 5.55 11.40 -8.58
CA GLY A 63 5.11 10.70 -9.79
C GLY A 63 4.96 9.20 -9.51
N GLY A 64 6.11 8.49 -9.47
CA GLY A 64 6.17 7.09 -9.03
C GLY A 64 5.32 6.12 -9.87
N PRO A 65 4.36 5.34 -9.24
CA PRO A 65 3.63 4.24 -9.90
C PRO A 65 2.54 4.74 -10.87
N SER A 66 2.88 4.81 -12.15
CA SER A 66 1.93 5.14 -13.23
C SER A 66 1.78 3.91 -14.14
N SER A 67 2.84 3.61 -14.93
CA SER A 67 2.86 2.58 -15.98
C SER A 67 3.12 1.18 -15.38
N ARG A 68 2.12 0.70 -14.61
CA ARG A 68 2.19 -0.55 -13.83
C ARG A 68 0.78 -0.92 -13.32
N LEU A 69 -0.02 0.12 -13.00
CA LEU A 69 -1.34 -0.03 -12.35
C LEU A 69 -2.48 -0.37 -13.34
N THR A 70 -2.08 -0.74 -14.58
CA THR A 70 -2.99 -1.16 -15.68
C THR A 70 -3.89 -2.37 -15.29
N TRP A 71 -3.44 -3.14 -14.28
CA TRP A 71 -4.17 -4.31 -13.75
C TRP A 71 -5.50 -3.91 -13.09
N ARG A 72 -6.49 -4.80 -13.17
CA ARG A 72 -7.83 -4.61 -12.59
C ARG A 72 -7.91 -5.29 -11.20
N VAL A 73 -7.02 -4.82 -10.32
CA VAL A 73 -7.01 -5.16 -8.88
C VAL A 73 -7.79 -4.06 -8.10
N GLN A 74 -7.99 -2.91 -8.76
CA GLN A 74 -8.69 -1.73 -8.20
C GLN A 74 -10.23 -1.81 -8.42
N ARG A 75 -10.78 -3.05 -8.54
CA ARG A 75 -12.21 -3.30 -8.88
C ARG A 75 -13.15 -2.71 -7.81
N SER A 76 -13.61 -1.48 -8.09
CA SER A 76 -14.47 -0.68 -7.23
C SER A 76 -15.11 0.44 -8.08
N GLN A 77 -15.80 1.40 -7.41
CA GLN A 77 -16.44 2.55 -8.08
C GLN A 77 -15.38 3.43 -8.79
N ASN A 78 -14.46 4.02 -7.99
CA ASN A 78 -13.27 4.73 -8.48
C ASN A 78 -12.32 5.03 -7.29
N PRO A 79 -11.50 4.02 -6.84
CA PRO A 79 -10.54 4.19 -5.72
C PRO A 79 -9.29 5.01 -6.12
N LEU A 80 -8.94 4.95 -7.43
CA LEU A 80 -7.75 5.65 -7.97
C LEU A 80 -8.02 7.15 -8.18
N LYS A 81 -6.93 7.86 -8.53
CA LYS A 81 -6.93 9.31 -8.76
C LYS A 81 -5.83 9.65 -9.78
N ILE A 82 -6.09 10.60 -10.69
CA ILE A 82 -5.07 11.11 -11.62
C ILE A 82 -3.96 11.86 -10.83
N ARG A 83 -2.73 11.79 -11.34
CA ARG A 83 -1.55 12.38 -10.69
C ARG A 83 -0.88 13.38 -11.66
N LEU A 84 -1.58 13.69 -12.78
CA LEU A 84 -1.13 14.61 -13.86
C LEU A 84 0.19 14.14 -14.50
N THR A 85 0.52 12.85 -14.31
CA THR A 85 1.76 12.25 -14.80
C THR A 85 1.60 11.83 -16.27
N ARG A 86 2.68 11.99 -17.04
CA ARG A 86 2.72 11.65 -18.47
C ARG A 86 2.77 10.11 -18.63
N GLU A 87 1.59 9.50 -18.85
CA GLU A 87 1.46 8.06 -19.12
C GLU A 87 1.73 7.78 -20.60
N ALA A 88 0.96 8.43 -21.48
CA ALA A 88 1.17 8.36 -22.93
C ALA A 88 2.43 9.16 -23.33
N PRO A 89 3.26 8.67 -24.30
CA PRO A 89 4.45 9.43 -24.79
C PRO A 89 4.02 10.63 -25.69
N HIS A 1 -16.80 -8.35 -14.75
CA HIS A 1 -16.74 -8.21 -13.29
C HIS A 1 -15.80 -7.06 -12.89
N HIS A 2 -16.37 -6.08 -12.14
CA HIS A 2 -15.65 -4.91 -11.62
C HIS A 2 -16.45 -4.31 -10.45
N HIS A 3 -15.75 -3.70 -9.47
CA HIS A 3 -16.40 -3.19 -8.24
C HIS A 3 -15.49 -2.18 -7.51
N HIS A 4 -16.10 -1.13 -6.93
CA HIS A 4 -15.38 -0.05 -6.21
C HIS A 4 -15.00 -0.46 -4.76
N HIS A 5 -14.10 0.33 -4.15
CA HIS A 5 -13.79 0.26 -2.71
C HIS A 5 -13.28 1.65 -2.25
N HIS A 6 -13.94 2.24 -1.24
CA HIS A 6 -13.56 3.56 -0.69
C HIS A 6 -12.38 3.41 0.32
N SER A 7 -11.21 3.12 -0.25
CA SER A 7 -10.01 2.75 0.52
C SER A 7 -8.76 2.94 -0.38
N HIS A 8 -7.59 2.47 0.12
CA HIS A 8 -6.30 2.58 -0.60
C HIS A 8 -6.32 1.68 -1.85
N MET A 9 -6.01 2.28 -3.02
CA MET A 9 -6.07 1.57 -4.32
C MET A 9 -4.71 0.96 -4.70
N VAL A 10 -4.70 0.21 -5.81
CA VAL A 10 -3.50 -0.43 -6.36
C VAL A 10 -2.50 0.63 -6.89
N GLY A 11 -1.20 0.45 -6.56
CA GLY A 11 -0.14 1.38 -6.99
C GLY A 11 0.13 2.48 -5.97
N ASP A 12 -0.49 2.35 -4.77
CA ASP A 12 -0.39 3.37 -3.68
C ASP A 12 1.05 3.48 -3.17
N THR A 13 1.67 4.65 -3.35
CA THR A 13 3.08 4.86 -3.04
C THR A 13 3.30 4.94 -1.52
N VAL A 14 3.99 3.91 -0.99
CA VAL A 14 4.21 3.72 0.46
C VAL A 14 5.67 3.31 0.73
N TRP A 15 5.97 3.02 2.01
CA TRP A 15 7.27 2.55 2.50
C TRP A 15 7.02 1.35 3.41
N VAL A 16 8.03 0.50 3.61
CA VAL A 16 7.97 -0.61 4.59
C VAL A 16 8.95 -0.29 5.75
N ARG A 17 8.38 0.13 6.88
CA ARG A 17 9.13 0.51 8.10
C ARG A 17 9.57 -0.76 8.87
N ARG A 18 10.82 -1.21 8.65
CA ARG A 18 11.32 -2.48 9.22
C ARG A 18 12.15 -2.25 10.49
N HIS A 19 11.68 -2.83 11.61
CA HIS A 19 12.37 -2.79 12.91
C HIS A 19 12.95 -4.19 13.20
N GLN A 20 14.24 -4.38 12.82
CA GLN A 20 14.92 -5.70 12.86
C GLN A 20 14.92 -6.32 14.27
N THR A 21 15.69 -5.71 15.19
CA THR A 21 15.76 -6.12 16.59
C THR A 21 15.25 -4.98 17.48
N LYS A 22 15.14 -5.25 18.79
CA LYS A 22 14.65 -4.28 19.79
C LYS A 22 15.66 -3.13 20.04
N ASN A 23 16.95 -3.38 19.71
CA ASN A 23 18.01 -2.37 19.86
C ASN A 23 18.21 -1.57 18.56
N LEU A 24 17.97 -2.22 17.41
CA LEU A 24 18.08 -1.56 16.08
C LEU A 24 16.87 -0.63 15.83
N GLU A 25 17.02 0.27 14.85
CA GLU A 25 16.02 1.30 14.54
C GLU A 25 14.94 0.75 13.55
N PRO A 26 13.73 1.40 13.48
CA PRO A 26 12.69 1.04 12.48
C PRO A 26 13.02 1.67 11.11
N ARG A 27 14.00 1.06 10.42
CA ARG A 27 14.52 1.56 9.14
C ARG A 27 13.53 1.25 8.00
N TRP A 28 12.99 2.28 7.37
CA TRP A 28 12.07 2.11 6.24
C TRP A 28 12.86 1.87 4.94
N LYS A 29 12.20 1.17 4.02
CA LYS A 29 12.67 0.99 2.63
C LYS A 29 11.52 1.40 1.71
N GLY A 30 11.82 2.12 0.63
CA GLY A 30 10.80 2.56 -0.30
C GLY A 30 11.36 3.06 -1.63
N PRO A 31 10.49 3.53 -2.56
CA PRO A 31 9.02 3.52 -2.41
C PRO A 31 8.37 2.20 -2.92
N TYR A 32 7.65 1.50 -2.02
CA TYR A 32 6.80 0.34 -2.37
C TYR A 32 5.42 0.83 -2.83
N THR A 33 4.54 -0.12 -3.20
CA THR A 33 3.17 0.20 -3.69
C THR A 33 2.14 -0.77 -3.10
N VAL A 34 1.22 -0.27 -2.23
CA VAL A 34 0.06 -1.06 -1.76
C VAL A 34 -0.88 -1.36 -2.95
N LEU A 35 -1.34 -2.62 -3.00
CA LEU A 35 -2.33 -3.07 -3.97
C LEU A 35 -3.68 -3.23 -3.27
N LEU A 36 -3.66 -3.84 -2.08
CA LEU A 36 -4.88 -4.19 -1.34
C LEU A 36 -4.64 -3.98 0.17
N THR A 37 -5.71 -3.60 0.89
CA THR A 37 -5.69 -3.44 2.35
C THR A 37 -6.41 -4.63 3.01
N THR A 38 -5.91 -5.07 4.18
CA THR A 38 -6.51 -6.16 4.98
C THR A 38 -6.42 -5.76 6.48
N PRO A 39 -7.38 -6.18 7.38
CA PRO A 39 -7.24 -6.02 8.85
C PRO A 39 -5.81 -6.29 9.38
N THR A 40 -5.21 -5.26 10.06
CA THR A 40 -3.84 -5.25 10.68
C THR A 40 -2.68 -5.68 9.71
N ALA A 41 -2.95 -5.71 8.39
CA ALA A 41 -1.98 -6.19 7.39
C ALA A 41 -2.25 -5.54 6.02
N LEU A 42 -1.24 -4.88 5.44
CA LEU A 42 -1.35 -4.24 4.12
C LEU A 42 -0.66 -5.11 3.06
N LYS A 43 -1.40 -5.45 2.00
CA LYS A 43 -0.91 -6.28 0.91
C LYS A 43 -0.21 -5.37 -0.12
N VAL A 44 1.12 -5.49 -0.16
CA VAL A 44 2.01 -4.59 -0.90
C VAL A 44 2.73 -5.38 -2.01
N ASP A 45 2.89 -4.76 -3.18
CA ASP A 45 3.63 -5.34 -4.31
C ASP A 45 5.13 -5.50 -3.96
N GLY A 46 5.70 -6.66 -4.35
CA GLY A 46 7.07 -7.03 -3.99
C GLY A 46 7.11 -7.95 -2.79
N ILE A 47 6.09 -7.84 -1.92
CA ILE A 47 5.95 -8.64 -0.69
C ILE A 47 5.25 -9.97 -1.00
N ALA A 48 5.64 -11.05 -0.27
CA ALA A 48 5.12 -12.41 -0.44
C ALA A 48 3.59 -12.43 -0.41
N ALA A 49 3.00 -11.80 0.62
CA ALA A 49 1.56 -11.50 0.63
C ALA A 49 1.24 -10.24 1.45
N TRP A 50 1.59 -10.22 2.75
CA TRP A 50 1.22 -9.11 3.66
C TRP A 50 2.40 -8.68 4.54
N ILE A 51 2.44 -7.38 4.80
CA ILE A 51 3.25 -6.77 5.87
C ILE A 51 2.29 -6.25 6.94
N HIS A 52 2.61 -6.48 8.23
CA HIS A 52 1.83 -5.92 9.36
C HIS A 52 1.76 -4.39 9.22
N ALA A 53 0.54 -3.82 9.30
CA ALA A 53 0.23 -2.43 8.86
C ALA A 53 1.10 -1.35 9.54
N ALA A 54 1.50 -1.57 10.81
CA ALA A 54 2.35 -0.63 11.57
C ALA A 54 3.81 -0.57 11.02
N HIS A 55 4.14 -1.51 10.13
CA HIS A 55 5.43 -1.55 9.41
C HIS A 55 5.26 -1.04 7.95
N VAL A 56 4.22 -0.22 7.69
CA VAL A 56 4.00 0.42 6.37
C VAL A 56 3.61 1.89 6.59
N LYS A 57 4.36 2.82 5.96
CA LYS A 57 4.09 4.27 6.02
C LYS A 57 3.69 4.80 4.64
N ALA A 58 2.58 5.54 4.55
CA ALA A 58 2.13 6.14 3.27
C ALA A 58 3.10 7.25 2.84
N ALA A 59 3.69 7.11 1.65
CA ALA A 59 4.65 8.09 1.09
C ALA A 59 3.90 9.21 0.34
N ASP A 60 4.56 10.36 0.20
CA ASP A 60 4.01 11.54 -0.49
C ASP A 60 4.09 11.36 -2.02
N PRO A 61 2.92 11.33 -2.74
CA PRO A 61 2.88 11.29 -4.23
C PRO A 61 3.58 12.50 -4.90
N GLY A 62 3.79 13.58 -4.12
CA GLY A 62 4.46 14.78 -4.59
C GLY A 62 5.93 14.56 -4.96
N GLY A 63 6.14 14.16 -6.23
CA GLY A 63 7.47 13.93 -6.79
C GLY A 63 7.44 12.99 -7.99
N GLY A 64 6.30 12.29 -8.18
CA GLY A 64 6.15 11.33 -9.28
C GLY A 64 4.67 10.99 -9.54
N PRO A 65 4.02 10.20 -8.66
CA PRO A 65 2.57 9.85 -8.79
C PRO A 65 1.67 11.10 -8.74
N SER A 66 1.01 11.41 -9.89
CA SER A 66 0.09 12.55 -10.00
C SER A 66 -1.13 12.35 -9.07
N SER A 67 -1.75 11.15 -9.16
CA SER A 67 -2.81 10.68 -8.24
C SER A 67 -2.76 9.14 -8.16
N ARG A 68 -3.14 8.47 -9.27
CA ARG A 68 -3.24 7.00 -9.35
C ARG A 68 -2.28 6.46 -10.42
N LEU A 69 -1.52 5.41 -10.08
CA LEU A 69 -0.54 4.80 -10.98
C LEU A 69 -1.18 3.60 -11.71
N THR A 70 -1.41 2.53 -10.95
CA THR A 70 -1.97 1.29 -11.50
C THR A 70 -3.51 1.37 -11.49
N TRP A 71 -4.13 0.71 -12.48
CA TRP A 71 -5.60 0.68 -12.62
C TRP A 71 -6.17 -0.47 -11.77
N ARG A 72 -5.78 -1.72 -12.12
CA ARG A 72 -6.19 -2.97 -11.42
C ARG A 72 -5.09 -4.03 -11.60
N VAL A 73 -4.93 -4.94 -10.62
CA VAL A 73 -3.85 -5.96 -10.61
C VAL A 73 -4.38 -7.40 -10.60
N GLN A 74 -5.71 -7.60 -10.47
CA GLN A 74 -6.29 -8.96 -10.33
C GLN A 74 -6.15 -9.78 -11.63
N ARG A 75 -6.11 -9.08 -12.78
CA ARG A 75 -5.98 -9.72 -14.10
C ARG A 75 -4.62 -10.42 -14.26
N SER A 76 -3.64 -10.00 -13.43
CA SER A 76 -2.27 -10.51 -13.43
C SER A 76 -2.10 -11.75 -12.50
N GLN A 77 -2.90 -11.82 -11.40
CA GLN A 77 -2.72 -12.88 -10.36
C GLN A 77 -3.97 -13.05 -9.48
N ASN A 78 -4.67 -11.92 -9.19
CA ASN A 78 -5.85 -11.84 -8.30
C ASN A 78 -5.43 -11.92 -6.81
N PRO A 79 -5.22 -10.74 -6.14
CA PRO A 79 -5.06 -10.65 -4.67
C PRO A 79 -6.42 -10.68 -3.94
N LEU A 80 -7.51 -10.70 -4.73
CA LEU A 80 -8.88 -10.57 -4.24
C LEU A 80 -9.48 -11.91 -3.77
N LYS A 81 -8.63 -12.94 -3.60
CA LYS A 81 -9.04 -14.29 -3.15
C LYS A 81 -9.50 -14.30 -1.67
N ILE A 82 -9.25 -13.20 -0.94
CA ILE A 82 -9.79 -12.98 0.42
C ILE A 82 -11.22 -12.39 0.33
N ARG A 83 -11.79 -12.01 1.49
CA ARG A 83 -13.14 -11.41 1.58
C ARG A 83 -13.21 -10.07 0.79
N LEU A 84 -12.12 -9.29 0.87
CA LEU A 84 -12.02 -7.98 0.20
C LEU A 84 -11.64 -8.19 -1.28
N THR A 85 -12.70 -8.38 -2.10
CA THR A 85 -12.59 -8.65 -3.53
C THR A 85 -13.16 -7.48 -4.36
N ARG A 86 -12.48 -6.31 -4.24
CA ARG A 86 -12.92 -5.03 -4.84
C ARG A 86 -11.69 -4.17 -5.23
N GLU A 87 -11.71 -3.63 -6.47
CA GLU A 87 -10.66 -2.70 -6.96
C GLU A 87 -11.33 -1.44 -7.56
N ALA A 88 -11.80 -1.54 -8.82
CA ALA A 88 -12.31 -0.40 -9.60
C ALA A 88 -13.08 -0.91 -10.86
N PRO A 89 -13.85 -0.03 -11.58
CA PRO A 89 -14.40 -0.34 -12.93
C PRO A 89 -13.27 -0.46 -14.01
N HIS A 1 -8.25 -18.69 -5.93
CA HIS A 1 -7.89 -17.58 -5.02
C HIS A 1 -8.56 -16.28 -5.52
N HIS A 2 -9.81 -16.06 -5.07
CA HIS A 2 -10.65 -14.91 -5.47
C HIS A 2 -11.50 -14.43 -4.28
N HIS A 3 -11.24 -13.20 -3.81
CA HIS A 3 -12.01 -12.58 -2.70
C HIS A 3 -11.88 -11.04 -2.75
N HIS A 4 -12.18 -10.46 -3.94
CA HIS A 4 -12.16 -9.00 -4.16
C HIS A 4 -13.33 -8.32 -3.39
N HIS A 5 -13.10 -8.08 -2.07
CA HIS A 5 -14.09 -7.42 -1.19
C HIS A 5 -14.09 -5.90 -1.48
N HIS A 6 -13.12 -5.18 -0.86
CA HIS A 6 -12.92 -3.74 -1.13
C HIS A 6 -11.58 -3.28 -0.51
N SER A 7 -10.87 -2.39 -1.20
CA SER A 7 -9.57 -1.88 -0.77
C SER A 7 -9.36 -0.41 -1.23
N HIS A 8 -8.14 0.10 -1.00
CA HIS A 8 -7.68 1.40 -1.51
C HIS A 8 -7.10 1.19 -2.93
N MET A 9 -7.00 2.30 -3.72
CA MET A 9 -6.46 2.28 -5.09
C MET A 9 -5.06 1.61 -5.13
N VAL A 10 -4.86 0.69 -6.10
CA VAL A 10 -3.60 -0.06 -6.26
C VAL A 10 -2.50 0.90 -6.76
N GLY A 11 -1.30 0.73 -6.20
CA GLY A 11 -0.19 1.64 -6.48
C GLY A 11 0.04 2.65 -5.37
N ASP A 12 -0.64 2.47 -4.22
CA ASP A 12 -0.55 3.40 -3.07
C ASP A 12 0.91 3.53 -2.58
N THR A 13 1.54 4.69 -2.82
CA THR A 13 2.97 4.90 -2.55
C THR A 13 3.20 4.96 -1.03
N VAL A 14 3.87 3.93 -0.50
CA VAL A 14 4.20 3.80 0.92
C VAL A 14 5.69 3.42 1.07
N TRP A 15 6.09 3.17 2.32
CA TRP A 15 7.42 2.67 2.69
C TRP A 15 7.22 1.39 3.50
N VAL A 16 8.25 0.54 3.53
CA VAL A 16 8.27 -0.64 4.42
C VAL A 16 9.31 -0.40 5.51
N ARG A 17 8.81 -0.30 6.76
CA ARG A 17 9.64 -0.18 7.95
C ARG A 17 10.25 -1.54 8.33
N ARG A 18 11.59 -1.59 8.43
CA ARG A 18 12.32 -2.72 9.02
C ARG A 18 13.45 -2.18 9.89
N HIS A 19 13.68 -2.83 11.05
CA HIS A 19 14.70 -2.43 12.02
C HIS A 19 16.12 -2.41 11.39
N GLN A 20 16.44 -3.49 10.63
CA GLN A 20 17.79 -3.78 10.09
C GLN A 20 18.76 -4.08 11.27
N THR A 21 19.08 -3.04 12.03
CA THR A 21 19.78 -3.12 13.31
C THR A 21 18.77 -3.51 14.42
N LYS A 22 19.19 -4.43 15.32
CA LYS A 22 18.30 -5.11 16.29
C LYS A 22 17.62 -4.12 17.28
N ASN A 23 18.47 -3.29 17.93
CA ASN A 23 18.08 -2.43 19.08
C ASN A 23 18.00 -0.95 18.70
N LEU A 24 18.59 -0.57 17.55
CA LEU A 24 18.57 0.84 17.09
C LEU A 24 17.24 1.17 16.42
N GLU A 25 17.05 2.46 16.09
CA GLU A 25 15.79 3.01 15.55
C GLU A 25 15.34 2.26 14.26
N PRO A 26 14.06 1.75 14.19
CA PRO A 26 13.52 1.06 12.99
C PRO A 26 13.60 1.96 11.73
N ARG A 27 14.24 1.42 10.69
CA ARG A 27 14.50 2.13 9.43
C ARG A 27 13.36 1.82 8.42
N TRP A 28 13.41 2.39 7.21
CA TRP A 28 12.43 2.11 6.13
C TRP A 28 13.13 2.16 4.77
N LYS A 29 12.45 1.59 3.76
CA LYS A 29 12.84 1.72 2.33
C LYS A 29 11.59 2.11 1.51
N GLY A 30 11.81 2.65 0.30
CA GLY A 30 10.71 3.03 -0.60
C GLY A 30 11.22 3.41 -2.00
N PRO A 31 10.33 3.84 -2.94
CA PRO A 31 8.86 3.87 -2.76
C PRO A 31 8.17 2.52 -3.12
N TYR A 32 7.56 1.90 -2.12
CA TYR A 32 6.68 0.72 -2.30
C TYR A 32 5.28 1.16 -2.75
N THR A 33 4.44 0.18 -3.16
CA THR A 33 3.08 0.45 -3.68
C THR A 33 2.08 -0.61 -3.17
N VAL A 34 1.14 -0.22 -2.28
CA VAL A 34 0.09 -1.10 -1.75
C VAL A 34 -0.97 -1.35 -2.85
N LEU A 35 -1.29 -2.63 -3.06
CA LEU A 35 -2.37 -3.07 -3.95
C LEU A 35 -3.64 -3.36 -3.14
N LEU A 36 -3.49 -4.23 -2.12
CA LEU A 36 -4.63 -4.74 -1.31
C LEU A 36 -4.54 -4.16 0.11
N THR A 37 -5.70 -3.77 0.68
CA THR A 37 -5.79 -3.23 2.06
C THR A 37 -6.86 -4.01 2.84
N THR A 38 -6.47 -4.47 4.05
CA THR A 38 -7.34 -5.25 4.97
C THR A 38 -6.96 -4.86 6.43
N PRO A 39 -7.85 -5.13 7.46
CA PRO A 39 -7.55 -4.86 8.91
C PRO A 39 -6.12 -5.29 9.37
N THR A 40 -5.26 -4.28 9.63
CA THR A 40 -3.89 -4.44 10.19
C THR A 40 -2.93 -5.21 9.20
N ALA A 41 -3.36 -5.36 7.93
CA ALA A 41 -2.58 -6.06 6.89
C ALA A 41 -2.71 -5.32 5.55
N LEU A 42 -1.56 -4.90 4.99
CA LEU A 42 -1.49 -4.24 3.68
C LEU A 42 -0.58 -5.07 2.78
N LYS A 43 -1.10 -5.53 1.64
CA LYS A 43 -0.32 -6.28 0.66
C LYS A 43 0.23 -5.30 -0.39
N VAL A 44 1.56 -5.13 -0.37
CA VAL A 44 2.30 -4.34 -1.37
C VAL A 44 2.66 -5.24 -2.58
N ASP A 45 2.89 -4.61 -3.74
CA ASP A 45 3.35 -5.30 -4.96
C ASP A 45 4.72 -5.96 -4.72
N GLY A 46 4.75 -7.31 -4.82
CA GLY A 46 5.97 -8.09 -4.62
C GLY A 46 5.96 -8.90 -3.33
N ILE A 47 5.03 -8.58 -2.41
CA ILE A 47 4.92 -9.24 -1.09
C ILE A 47 4.26 -10.63 -1.21
N ALA A 48 4.76 -11.59 -0.37
CA ALA A 48 4.34 -12.99 -0.37
C ALA A 48 2.82 -13.14 -0.17
N ALA A 49 2.28 -12.48 0.88
CA ALA A 49 0.82 -12.48 1.14
C ALA A 49 0.35 -11.18 1.82
N TRP A 50 0.92 -10.86 3.00
CA TRP A 50 0.50 -9.67 3.80
C TRP A 50 1.70 -9.02 4.50
N ILE A 51 1.63 -7.69 4.69
CA ILE A 51 2.53 -6.96 5.59
C ILE A 51 1.71 -6.42 6.78
N HIS A 52 2.11 -6.80 8.00
CA HIS A 52 1.49 -6.30 9.24
C HIS A 52 1.77 -4.78 9.28
N ALA A 53 0.70 -3.97 9.41
CA ALA A 53 0.69 -2.52 9.07
C ALA A 53 1.76 -1.65 9.79
N ALA A 54 2.33 -2.17 10.89
CA ALA A 54 3.42 -1.49 11.63
C ALA A 54 4.78 -1.55 10.86
N HIS A 55 4.80 -2.26 9.72
CA HIS A 55 5.91 -2.25 8.76
C HIS A 55 5.54 -1.39 7.53
N VAL A 56 4.50 -0.54 7.65
CA VAL A 56 4.07 0.36 6.54
C VAL A 56 4.07 1.81 7.04
N LYS A 57 4.58 2.73 6.19
CA LYS A 57 4.59 4.19 6.44
C LYS A 57 4.12 4.89 5.14
N ALA A 58 2.96 5.57 5.19
CA ALA A 58 2.36 6.24 4.01
C ALA A 58 3.30 7.33 3.43
N ALA A 59 3.66 7.18 2.14
CA ALA A 59 4.63 8.07 1.46
C ALA A 59 3.92 8.98 0.44
N ASP A 60 4.55 10.12 0.15
CA ASP A 60 4.07 11.10 -0.84
C ASP A 60 4.87 10.91 -2.15
N PRO A 61 4.20 10.47 -3.26
CA PRO A 61 4.87 10.32 -4.58
C PRO A 61 5.07 11.67 -5.32
N GLY A 62 4.31 12.70 -4.89
CA GLY A 62 4.20 13.97 -5.63
C GLY A 62 3.16 13.85 -6.73
N GLY A 63 3.46 12.96 -7.68
CA GLY A 63 2.53 12.59 -8.73
C GLY A 63 2.99 11.28 -9.34
N GLY A 64 3.33 11.29 -10.64
CA GLY A 64 3.80 10.11 -11.38
C GLY A 64 2.82 8.94 -11.35
N PRO A 65 1.60 9.07 -11.97
CA PRO A 65 0.58 7.99 -11.97
C PRO A 65 0.73 7.02 -13.15
N SER A 66 1.73 7.27 -14.00
CA SER A 66 1.90 6.66 -15.34
C SER A 66 1.76 5.11 -15.35
N SER A 67 2.67 4.44 -14.60
CA SER A 67 2.72 2.96 -14.54
C SER A 67 1.61 2.40 -13.62
N ARG A 68 0.97 3.29 -12.83
CA ARG A 68 -0.11 2.92 -11.89
C ARG A 68 -1.51 3.22 -12.48
N LEU A 69 -1.56 3.71 -13.75
CA LEU A 69 -2.83 3.98 -14.48
C LEU A 69 -3.56 2.67 -14.91
N THR A 70 -2.95 1.51 -14.61
CA THR A 70 -3.50 0.19 -14.98
C THR A 70 -4.81 -0.10 -14.21
N TRP A 71 -4.71 -0.17 -12.85
CA TRP A 71 -5.86 -0.41 -11.94
C TRP A 71 -6.70 -1.67 -12.31
N ARG A 72 -6.00 -2.72 -12.78
CA ARG A 72 -6.62 -3.98 -13.23
C ARG A 72 -7.21 -4.79 -12.06
N VAL A 73 -6.63 -4.64 -10.85
CA VAL A 73 -7.07 -5.32 -9.62
C VAL A 73 -8.34 -4.63 -9.05
N GLN A 74 -8.54 -3.35 -9.43
CA GLN A 74 -9.65 -2.50 -8.97
C GLN A 74 -10.96 -2.77 -9.76
N ARG A 75 -10.94 -3.78 -10.65
CA ARG A 75 -12.12 -4.16 -11.45
C ARG A 75 -13.05 -5.06 -10.62
N SER A 76 -13.78 -4.41 -9.70
CA SER A 76 -14.69 -5.03 -8.73
C SER A 76 -15.74 -3.95 -8.38
N GLN A 77 -16.17 -3.85 -7.09
CA GLN A 77 -16.82 -2.64 -6.55
C GLN A 77 -15.76 -1.51 -6.63
N ASN A 78 -15.97 -0.54 -7.55
CA ASN A 78 -14.95 0.47 -7.94
C ASN A 78 -14.49 1.32 -6.72
N PRO A 79 -13.23 1.11 -6.22
CA PRO A 79 -12.64 1.90 -5.12
C PRO A 79 -11.91 3.16 -5.62
N LEU A 80 -11.87 3.34 -6.96
CA LEU A 80 -11.19 4.47 -7.61
C LEU A 80 -12.05 5.73 -7.44
N LYS A 81 -11.79 6.47 -6.36
CA LYS A 81 -12.57 7.66 -6.00
C LYS A 81 -11.79 8.90 -6.45
N ILE A 82 -12.26 9.50 -7.57
CA ILE A 82 -11.58 10.64 -8.23
C ILE A 82 -11.77 11.94 -7.41
N ARG A 83 -10.72 12.29 -6.65
CA ARG A 83 -10.67 13.50 -5.81
C ARG A 83 -10.13 14.70 -6.61
N LEU A 84 -10.01 15.87 -5.96
CA LEU A 84 -9.51 17.10 -6.58
C LEU A 84 -7.97 17.12 -6.60
N THR A 85 -7.39 16.28 -7.46
CA THR A 85 -5.94 16.24 -7.70
C THR A 85 -5.57 17.28 -8.78
N ARG A 86 -4.50 18.04 -8.52
CA ARG A 86 -3.93 19.01 -9.47
C ARG A 86 -3.23 18.24 -10.62
N GLU A 87 -4.00 17.95 -11.67
CA GLU A 87 -3.54 17.19 -12.86
C GLU A 87 -3.01 18.16 -13.94
N ALA A 88 -1.92 17.76 -14.62
CA ALA A 88 -1.33 18.52 -15.73
C ALA A 88 -1.62 17.79 -17.07
N PRO A 89 -2.61 18.27 -17.89
CA PRO A 89 -2.90 17.71 -19.24
C PRO A 89 -1.66 17.71 -20.18
N HIS A 1 -8.83 -16.12 -10.41
CA HIS A 1 -10.02 -15.50 -9.81
C HIS A 1 -9.61 -14.17 -9.16
N HIS A 2 -10.34 -13.08 -9.47
CA HIS A 2 -10.14 -11.75 -8.85
C HIS A 2 -10.91 -11.68 -7.52
N HIS A 3 -10.34 -10.94 -6.56
CA HIS A 3 -10.96 -10.66 -5.25
C HIS A 3 -10.33 -9.39 -4.64
N HIS A 4 -11.14 -8.64 -3.86
CA HIS A 4 -10.70 -7.39 -3.21
C HIS A 4 -11.52 -7.09 -1.96
N HIS A 5 -11.14 -6.01 -1.27
CA HIS A 5 -11.83 -5.48 -0.08
C HIS A 5 -12.04 -3.96 -0.29
N HIS A 6 -12.62 -3.29 0.71
CA HIS A 6 -12.72 -1.81 0.74
C HIS A 6 -11.38 -1.25 1.22
N SER A 7 -10.43 -1.21 0.27
CA SER A 7 -8.99 -1.09 0.53
C SER A 7 -8.42 0.29 0.13
N HIS A 8 -7.08 0.41 0.25
CA HIS A 8 -6.31 1.45 -0.43
C HIS A 8 -6.27 1.11 -1.93
N MET A 9 -6.36 2.13 -2.83
CA MET A 9 -6.36 1.89 -4.29
C MET A 9 -4.99 1.36 -4.73
N VAL A 10 -4.99 0.55 -5.82
CA VAL A 10 -3.79 -0.14 -6.34
C VAL A 10 -2.68 0.88 -6.67
N GLY A 11 -1.44 0.56 -6.29
CA GLY A 11 -0.30 1.45 -6.59
C GLY A 11 0.01 2.45 -5.49
N ASP A 12 -0.64 2.30 -4.30
CA ASP A 12 -0.51 3.24 -3.15
C ASP A 12 0.98 3.42 -2.74
N THR A 13 1.51 4.65 -2.90
CA THR A 13 2.92 4.95 -2.64
C THR A 13 3.16 4.99 -1.12
N VAL A 14 3.84 3.97 -0.58
CA VAL A 14 4.10 3.83 0.86
C VAL A 14 5.56 3.42 1.12
N TRP A 15 5.98 3.56 2.39
CA TRP A 15 7.27 3.07 2.90
C TRP A 15 6.99 2.00 3.95
N VAL A 16 7.68 0.86 3.84
CA VAL A 16 7.57 -0.27 4.78
C VAL A 16 8.86 -0.31 5.62
N ARG A 17 8.73 0.03 6.92
CA ARG A 17 9.86 0.16 7.84
C ARG A 17 10.22 -1.22 8.45
N ARG A 18 11.34 -1.78 7.98
CA ARG A 18 11.86 -3.10 8.38
C ARG A 18 12.84 -2.99 9.55
N HIS A 19 12.73 -3.94 10.51
CA HIS A 19 13.72 -4.10 11.60
C HIS A 19 15.01 -4.71 11.02
N GLN A 20 15.99 -3.85 10.67
CA GLN A 20 17.34 -4.31 10.31
C GLN A 20 18.02 -4.89 11.58
N THR A 21 17.70 -4.25 12.71
CA THR A 21 17.99 -4.74 14.06
C THR A 21 16.77 -4.41 14.95
N LYS A 22 16.48 -5.26 15.96
CA LYS A 22 15.31 -5.09 16.85
C LYS A 22 15.57 -3.99 17.90
N ASN A 23 16.75 -4.05 18.56
CA ASN A 23 17.11 -3.11 19.65
C ASN A 23 17.56 -1.73 19.12
N LEU A 24 17.97 -1.69 17.84
CA LEU A 24 18.28 -0.43 17.13
C LEU A 24 17.05 0.05 16.34
N GLU A 25 17.04 1.36 15.97
CA GLU A 25 15.90 1.97 15.26
C GLU A 25 15.77 1.41 13.82
N PRO A 26 14.54 1.00 13.39
CA PRO A 26 14.33 0.29 12.11
C PRO A 26 14.45 1.22 10.86
N ARG A 27 14.82 0.62 9.71
CA ARG A 27 15.05 1.34 8.45
C ARG A 27 13.80 1.24 7.55
N TRP A 28 13.25 2.40 7.14
CA TRP A 28 12.16 2.44 6.17
C TRP A 28 12.70 2.11 4.77
N LYS A 29 11.90 1.37 3.99
CA LYS A 29 12.22 0.98 2.62
C LYS A 29 11.08 1.43 1.70
N GLY A 30 11.40 1.86 0.46
CA GLY A 30 10.34 2.23 -0.48
C GLY A 30 10.87 2.91 -1.74
N PRO A 31 9.97 3.41 -2.65
CA PRO A 31 8.50 3.44 -2.44
C PRO A 31 7.79 2.14 -2.91
N TYR A 32 7.19 1.42 -1.96
CA TYR A 32 6.33 0.26 -2.23
C TYR A 32 4.93 0.73 -2.71
N THR A 33 4.14 -0.23 -3.25
CA THR A 33 2.80 0.07 -3.78
C THR A 33 1.76 -0.92 -3.22
N VAL A 34 0.84 -0.43 -2.36
CA VAL A 34 -0.27 -1.26 -1.83
C VAL A 34 -1.28 -1.52 -2.96
N LEU A 35 -1.62 -2.81 -3.14
CA LEU A 35 -2.58 -3.26 -4.17
C LEU A 35 -3.91 -3.64 -3.50
N LEU A 36 -3.82 -4.17 -2.26
CA LEU A 36 -4.97 -4.65 -1.50
C LEU A 36 -4.75 -4.40 0.01
N THR A 37 -5.85 -4.25 0.76
CA THR A 37 -5.83 -4.03 2.20
C THR A 37 -6.86 -4.98 2.86
N THR A 38 -6.38 -5.70 3.86
CA THR A 38 -7.16 -6.64 4.68
C THR A 38 -7.01 -6.21 6.18
N PRO A 39 -7.90 -6.67 7.12
CA PRO A 39 -7.78 -6.36 8.58
C PRO A 39 -6.34 -6.53 9.15
N THR A 40 -5.69 -5.36 9.44
CA THR A 40 -4.37 -5.25 10.11
C THR A 40 -3.17 -5.65 9.18
N ALA A 41 -3.47 -6.02 7.93
CA ALA A 41 -2.47 -6.55 6.98
C ALA A 41 -2.64 -5.86 5.60
N LEU A 42 -1.57 -5.26 5.09
CA LEU A 42 -1.54 -4.64 3.75
C LEU A 42 -0.88 -5.60 2.77
N LYS A 43 -1.61 -5.99 1.70
CA LYS A 43 -1.04 -6.76 0.61
C LYS A 43 -0.40 -5.76 -0.37
N VAL A 44 0.94 -5.77 -0.37
CA VAL A 44 1.76 -4.79 -1.08
C VAL A 44 2.60 -5.52 -2.17
N ASP A 45 2.84 -4.83 -3.29
CA ASP A 45 3.74 -5.31 -4.35
C ASP A 45 5.21 -5.24 -3.88
N GLY A 46 5.99 -6.29 -4.18
CA GLY A 46 7.37 -6.41 -3.68
C GLY A 46 7.45 -7.08 -2.30
N ILE A 47 6.28 -7.54 -1.80
CA ILE A 47 6.14 -8.21 -0.49
C ILE A 47 5.64 -9.65 -0.71
N ALA A 48 6.07 -10.58 0.19
CA ALA A 48 5.75 -12.03 0.09
C ALA A 48 4.23 -12.28 0.00
N ALA A 49 3.46 -11.69 0.94
CA ALA A 49 1.98 -11.74 0.91
C ALA A 49 1.36 -10.49 1.56
N TRP A 50 1.71 -10.24 2.84
CA TRP A 50 1.15 -9.11 3.64
C TRP A 50 2.23 -8.50 4.56
N ILE A 51 2.02 -7.24 4.96
CA ILE A 51 2.78 -6.55 6.02
C ILE A 51 1.80 -6.08 7.10
N HIS A 52 2.15 -6.30 8.39
CA HIS A 52 1.41 -5.73 9.52
C HIS A 52 1.49 -4.18 9.42
N ALA A 53 0.32 -3.53 9.17
CA ALA A 53 0.18 -2.13 8.69
C ALA A 53 0.92 -1.07 9.54
N ALA A 54 1.25 -1.41 10.80
CA ALA A 54 2.02 -0.52 11.72
C ALA A 54 3.42 -0.18 11.19
N HIS A 55 4.01 -1.10 10.40
CA HIS A 55 5.33 -0.89 9.75
C HIS A 55 5.23 0.13 8.61
N VAL A 56 4.03 0.27 8.04
CA VAL A 56 3.81 1.06 6.82
C VAL A 56 3.32 2.47 7.17
N LYS A 57 3.87 3.44 6.43
CA LYS A 57 3.51 4.86 6.53
C LYS A 57 3.34 5.40 5.10
N ALA A 58 2.37 6.31 4.89
CA ALA A 58 2.09 6.91 3.58
C ALA A 58 3.31 7.72 3.08
N ALA A 59 3.85 7.33 1.91
CA ALA A 59 4.98 8.01 1.26
C ALA A 59 4.47 9.15 0.40
N ASP A 60 5.25 10.23 0.32
CA ASP A 60 4.95 11.39 -0.54
C ASP A 60 5.82 11.31 -1.82
N PRO A 61 5.24 10.92 -3.00
CA PRO A 61 5.96 10.92 -4.29
C PRO A 61 5.85 12.27 -5.04
N GLY A 62 5.02 13.18 -4.48
CA GLY A 62 4.59 14.38 -5.15
C GLY A 62 3.07 14.49 -5.11
N GLY A 63 2.39 13.35 -5.31
CA GLY A 63 0.92 13.25 -5.19
C GLY A 63 0.35 12.19 -6.12
N GLY A 64 -0.72 11.49 -5.66
CA GLY A 64 -1.38 10.44 -6.45
C GLY A 64 -0.66 9.08 -6.40
N PRO A 65 -1.04 8.10 -7.26
CA PRO A 65 -0.48 6.71 -7.22
C PRO A 65 0.93 6.62 -7.85
N SER A 66 1.72 5.61 -7.42
CA SER A 66 3.06 5.32 -7.97
C SER A 66 2.91 4.48 -9.26
N SER A 67 2.08 3.41 -9.17
CA SER A 67 1.78 2.51 -10.30
C SER A 67 0.68 3.10 -11.19
N ARG A 68 0.50 2.50 -12.39
CA ARG A 68 -0.61 2.84 -13.31
C ARG A 68 -1.86 2.05 -12.87
N LEU A 69 -3.02 2.73 -12.86
CA LEU A 69 -4.29 2.21 -12.29
C LEU A 69 -5.07 1.32 -13.31
N THR A 70 -4.33 0.66 -14.21
CA THR A 70 -4.91 -0.19 -15.28
C THR A 70 -5.46 -1.52 -14.71
N TRP A 71 -4.76 -2.03 -13.66
CA TRP A 71 -5.12 -3.29 -12.98
C TRP A 71 -6.44 -3.15 -12.19
N ARG A 72 -7.49 -3.84 -12.69
CA ARG A 72 -8.81 -3.91 -12.02
C ARG A 72 -8.80 -5.01 -10.94
N VAL A 73 -7.93 -4.84 -9.95
CA VAL A 73 -7.95 -5.63 -8.71
C VAL A 73 -9.04 -5.07 -7.79
N GLN A 74 -9.09 -3.72 -7.76
CA GLN A 74 -10.01 -2.94 -6.92
C GLN A 74 -11.41 -2.71 -7.58
N ARG A 75 -11.70 -3.44 -8.69
CA ARG A 75 -12.92 -3.22 -9.52
C ARG A 75 -14.21 -3.41 -8.68
N SER A 76 -15.04 -2.34 -8.61
CA SER A 76 -16.21 -2.27 -7.72
C SER A 76 -17.22 -1.24 -8.27
N GLN A 77 -18.24 -0.88 -7.45
CA GLN A 77 -19.21 0.20 -7.77
C GLN A 77 -18.49 1.56 -7.80
N ASN A 78 -17.62 1.77 -6.81
CA ASN A 78 -16.80 3.00 -6.66
C ASN A 78 -15.31 2.60 -6.63
N PRO A 79 -14.38 3.46 -7.19
CA PRO A 79 -12.93 3.27 -7.01
C PRO A 79 -12.51 3.59 -5.57
N LEU A 80 -11.46 2.92 -5.08
CA LEU A 80 -10.92 3.13 -3.73
C LEU A 80 -10.07 4.41 -3.70
N LYS A 81 -9.64 4.86 -2.50
CA LYS A 81 -8.94 6.15 -2.34
C LYS A 81 -7.76 6.03 -1.37
N ILE A 82 -6.68 6.77 -1.68
CA ILE A 82 -5.51 6.95 -0.78
C ILE A 82 -5.31 8.47 -0.55
N ARG A 83 -4.70 8.81 0.59
CA ARG A 83 -4.37 10.21 0.94
C ARG A 83 -2.91 10.26 1.39
N LEU A 84 -2.01 10.56 0.44
CA LEU A 84 -0.56 10.67 0.71
C LEU A 84 -0.25 12.10 1.18
N THR A 85 -0.25 12.26 2.52
CA THR A 85 -0.07 13.56 3.18
C THR A 85 1.38 14.07 2.99
N ARG A 86 1.55 15.39 2.79
CA ARG A 86 2.86 16.00 2.52
C ARG A 86 3.70 16.06 3.81
N GLU A 87 4.54 15.04 4.00
CA GLU A 87 5.50 14.99 5.12
C GLU A 87 6.71 15.87 4.81
N ALA A 88 7.24 16.56 5.84
CA ALA A 88 8.46 17.39 5.71
C ALA A 88 9.67 16.50 5.35
N PRO A 89 10.40 16.78 4.22
CA PRO A 89 11.51 15.92 3.73
C PRO A 89 12.74 15.99 4.68
N HIS A 1 -7.59 -17.60 -6.71
CA HIS A 1 -8.09 -17.02 -5.45
C HIS A 1 -8.85 -15.71 -5.74
N HIS A 2 -10.16 -15.85 -6.00
CA HIS A 2 -11.05 -14.69 -6.23
C HIS A 2 -11.44 -14.07 -4.88
N HIS A 3 -10.65 -13.10 -4.41
CA HIS A 3 -10.92 -12.38 -3.16
C HIS A 3 -10.35 -10.95 -3.26
N HIS A 4 -11.19 -9.96 -2.93
CA HIS A 4 -10.84 -8.52 -2.95
C HIS A 4 -11.48 -7.84 -1.74
N HIS A 5 -11.13 -6.55 -1.53
CA HIS A 5 -11.70 -5.72 -0.44
C HIS A 5 -11.81 -4.26 -0.87
N HIS A 6 -12.51 -3.47 -0.03
CA HIS A 6 -12.58 -2.02 -0.15
C HIS A 6 -11.23 -1.43 0.31
N SER A 7 -10.32 -1.21 -0.65
CA SER A 7 -8.92 -0.88 -0.36
C SER A 7 -8.58 0.55 -0.80
N HIS A 8 -7.29 0.89 -0.63
CA HIS A 8 -6.69 2.10 -1.18
C HIS A 8 -6.39 1.88 -2.67
N MET A 9 -6.17 2.99 -3.41
CA MET A 9 -5.76 2.96 -4.84
C MET A 9 -4.57 1.98 -5.04
N VAL A 10 -4.61 1.16 -6.11
CA VAL A 10 -3.55 0.17 -6.36
C VAL A 10 -2.23 0.90 -6.64
N GLY A 11 -1.14 0.36 -6.11
CA GLY A 11 0.14 0.99 -6.23
C GLY A 11 0.37 2.08 -5.19
N ASP A 12 -0.52 2.18 -4.17
CA ASP A 12 -0.46 3.25 -3.13
C ASP A 12 0.96 3.36 -2.55
N THR A 13 1.57 4.55 -2.71
CA THR A 13 2.98 4.76 -2.42
C THR A 13 3.19 4.78 -0.90
N VAL A 14 3.86 3.74 -0.39
CA VAL A 14 4.14 3.57 1.04
C VAL A 14 5.62 3.20 1.25
N TRP A 15 6.13 3.47 2.44
CA TRP A 15 7.42 2.97 2.92
C TRP A 15 7.17 1.79 3.85
N VAL A 16 8.04 0.77 3.80
CA VAL A 16 8.00 -0.35 4.73
C VAL A 16 9.21 -0.24 5.68
N ARG A 17 8.88 0.02 6.95
CA ARG A 17 9.79 0.06 8.09
C ARG A 17 10.40 -1.33 8.36
N ARG A 18 11.70 -1.48 8.05
CA ARG A 18 12.46 -2.74 8.26
C ARG A 18 13.62 -2.50 9.24
N HIS A 19 13.91 -3.49 10.10
CA HIS A 19 14.97 -3.39 11.12
C HIS A 19 16.36 -3.59 10.47
N GLN A 20 16.71 -4.88 10.20
CA GLN A 20 18.08 -5.32 9.80
C GLN A 20 19.14 -4.90 10.85
N THR A 21 18.67 -4.67 12.07
CA THR A 21 19.44 -4.11 13.18
C THR A 21 18.98 -4.78 14.48
N LYS A 22 19.92 -5.04 15.41
CA LYS A 22 19.62 -5.74 16.66
C LYS A 22 19.13 -4.79 17.77
N ASN A 23 19.66 -3.55 17.79
CA ASN A 23 19.29 -2.53 18.81
C ASN A 23 18.96 -1.17 18.16
N LEU A 24 19.59 -0.88 17.00
CA LEU A 24 19.33 0.38 16.27
C LEU A 24 17.87 0.43 15.76
N GLU A 25 17.39 1.66 15.53
CA GLU A 25 15.99 1.93 15.18
C GLU A 25 15.58 1.27 13.83
N PRO A 26 14.29 0.78 13.71
CA PRO A 26 13.77 0.20 12.45
C PRO A 26 13.61 1.28 11.35
N ARG A 27 14.42 1.13 10.29
CA ARG A 27 14.58 2.10 9.20
C ARG A 27 13.64 1.77 8.03
N TRP A 28 12.86 2.75 7.57
CA TRP A 28 11.95 2.58 6.41
C TRP A 28 12.75 2.61 5.10
N LYS A 29 12.23 1.92 4.08
CA LYS A 29 12.62 2.15 2.66
C LYS A 29 11.40 2.05 1.75
N GLY A 30 11.54 2.56 0.53
CA GLY A 30 10.48 2.55 -0.47
C GLY A 30 11.02 2.93 -1.85
N PRO A 31 10.15 3.34 -2.83
CA PRO A 31 8.68 3.38 -2.65
C PRO A 31 7.99 2.02 -2.94
N TYR A 32 7.40 1.44 -1.88
CA TYR A 32 6.51 0.26 -2.00
C TYR A 32 5.12 0.71 -2.49
N THR A 33 4.30 -0.26 -2.90
CA THR A 33 3.04 -0.02 -3.61
C THR A 33 1.92 -0.97 -3.13
N VAL A 34 0.89 -0.43 -2.44
CA VAL A 34 -0.23 -1.24 -1.91
C VAL A 34 -1.30 -1.48 -2.99
N LEU A 35 -1.62 -2.77 -3.23
CA LEU A 35 -2.64 -3.18 -4.21
C LEU A 35 -3.97 -3.49 -3.49
N LEU A 36 -3.87 -4.24 -2.37
CA LEU A 36 -5.04 -4.75 -1.62
C LEU A 36 -4.85 -4.47 -0.12
N THR A 37 -5.95 -4.35 0.62
CA THR A 37 -5.92 -4.15 2.09
C THR A 37 -6.76 -5.22 2.78
N THR A 38 -6.36 -5.59 4.01
CA THR A 38 -7.08 -6.53 4.90
C THR A 38 -6.97 -5.97 6.36
N PRO A 39 -7.78 -6.48 7.36
CA PRO A 39 -7.73 -5.99 8.76
C PRO A 39 -6.29 -5.98 9.35
N THR A 40 -5.75 -4.75 9.52
CA THR A 40 -4.45 -4.46 10.16
C THR A 40 -3.25 -5.09 9.38
N ALA A 41 -3.46 -5.38 8.09
CA ALA A 41 -2.41 -5.94 7.20
C ALA A 41 -2.69 -5.51 5.76
N LEU A 42 -1.68 -4.97 5.07
CA LEU A 42 -1.85 -4.46 3.69
C LEU A 42 -1.05 -5.33 2.71
N LYS A 43 -1.68 -5.77 1.62
CA LYS A 43 -0.98 -6.52 0.57
C LYS A 43 -0.32 -5.53 -0.39
N VAL A 44 1.01 -5.49 -0.30
CA VAL A 44 1.88 -4.69 -1.17
C VAL A 44 2.43 -5.58 -2.31
N ASP A 45 2.68 -4.96 -3.47
CA ASP A 45 3.24 -5.64 -4.65
C ASP A 45 4.71 -6.07 -4.39
N GLY A 46 5.00 -7.34 -4.69
CA GLY A 46 6.33 -7.92 -4.48
C GLY A 46 6.46 -8.65 -3.15
N ILE A 47 5.44 -8.54 -2.31
CA ILE A 47 5.41 -9.16 -0.97
C ILE A 47 4.78 -10.57 -1.07
N ALA A 48 5.24 -11.49 -0.17
CA ALA A 48 4.78 -12.88 -0.12
C ALA A 48 3.26 -12.99 0.04
N ALA A 49 2.69 -12.21 1.00
CA ALA A 49 1.23 -12.13 1.18
C ALA A 49 0.79 -10.76 1.74
N TRP A 50 1.32 -10.38 2.93
CA TRP A 50 0.93 -9.11 3.61
C TRP A 50 2.12 -8.46 4.31
N ILE A 51 2.00 -7.14 4.52
CA ILE A 51 2.84 -6.34 5.43
C ILE A 51 1.92 -5.71 6.50
N HIS A 52 2.13 -6.07 7.77
CA HIS A 52 1.25 -5.68 8.88
C HIS A 52 1.36 -4.15 9.13
N ALA A 53 0.27 -3.55 9.65
CA ALA A 53 0.00 -2.09 9.60
C ALA A 53 1.14 -1.17 10.09
N ALA A 54 1.79 -1.52 11.21
CA ALA A 54 2.83 -0.67 11.85
C ALA A 54 4.15 -0.66 11.06
N HIS A 55 4.35 -1.68 10.20
CA HIS A 55 5.49 -1.71 9.25
C HIS A 55 5.20 -0.82 8.03
N VAL A 56 3.93 -0.42 7.83
CA VAL A 56 3.54 0.44 6.70
C VAL A 56 3.42 1.89 7.16
N LYS A 57 3.93 2.81 6.32
CA LYS A 57 3.72 4.25 6.46
C LYS A 57 3.40 4.83 5.08
N ALA A 58 2.43 5.73 4.99
CA ALA A 58 2.10 6.44 3.73
C ALA A 58 3.29 7.32 3.28
N ALA A 59 3.59 7.28 1.98
CA ALA A 59 4.75 7.96 1.37
C ALA A 59 4.29 8.93 0.27
N ASP A 60 5.16 9.91 -0.04
CA ASP A 60 4.90 10.96 -1.03
C ASP A 60 5.48 10.53 -2.40
N PRO A 61 4.61 10.27 -3.44
CA PRO A 61 5.08 9.97 -4.81
C PRO A 61 5.37 11.23 -5.66
N GLY A 62 4.88 12.40 -5.20
CA GLY A 62 4.94 13.65 -5.96
C GLY A 62 4.13 13.57 -7.26
N GLY A 63 2.97 12.90 -7.18
CA GLY A 63 2.13 12.59 -8.34
C GLY A 63 2.33 11.15 -8.81
N GLY A 64 2.91 10.99 -10.00
CA GLY A 64 3.24 9.67 -10.56
C GLY A 64 2.01 8.80 -10.88
N PRO A 65 1.14 9.20 -11.88
CA PRO A 65 -0.03 8.40 -12.32
C PRO A 65 0.26 7.58 -13.62
N SER A 66 1.54 7.21 -13.81
CA SER A 66 2.03 6.62 -15.08
C SER A 66 1.38 5.27 -15.43
N SER A 67 1.00 4.48 -14.41
CA SER A 67 0.54 3.09 -14.58
C SER A 67 -0.50 2.66 -13.52
N ARG A 68 -0.52 3.36 -12.38
CA ARG A 68 -1.40 3.01 -11.24
C ARG A 68 -2.89 3.30 -11.52
N LEU A 69 -3.16 4.00 -12.64
CA LEU A 69 -4.54 4.35 -13.06
C LEU A 69 -5.33 3.13 -13.59
N THR A 70 -4.64 1.98 -13.69
CA THR A 70 -5.28 0.70 -14.06
C THR A 70 -6.30 0.30 -12.96
N TRP A 71 -5.86 0.40 -11.68
CA TRP A 71 -6.68 0.08 -10.50
C TRP A 71 -7.33 -1.33 -10.62
N ARG A 72 -6.54 -2.28 -11.14
CA ARG A 72 -7.03 -3.62 -11.53
C ARG A 72 -7.64 -4.40 -10.34
N VAL A 73 -7.08 -4.20 -9.13
CA VAL A 73 -7.55 -4.86 -7.90
C VAL A 73 -8.83 -4.16 -7.40
N GLN A 74 -8.92 -2.84 -7.67
CA GLN A 74 -10.08 -2.01 -7.27
C GLN A 74 -11.20 -2.05 -8.34
N ARG A 75 -10.97 -2.75 -9.46
CA ARG A 75 -11.99 -2.93 -10.52
C ARG A 75 -13.18 -3.80 -10.01
N SER A 76 -12.90 -4.64 -9.01
CA SER A 76 -13.87 -5.61 -8.46
C SER A 76 -15.00 -4.96 -7.64
N GLN A 77 -14.89 -3.64 -7.37
CA GLN A 77 -15.90 -2.90 -6.56
C GLN A 77 -15.85 -1.42 -6.95
N ASN A 78 -14.63 -0.87 -6.92
CA ASN A 78 -14.33 0.56 -7.10
C ASN A 78 -14.81 1.38 -5.88
N PRO A 79 -14.07 1.30 -4.72
CA PRO A 79 -14.29 2.16 -3.53
C PRO A 79 -13.43 3.44 -3.59
N LEU A 80 -12.99 3.78 -4.82
CA LEU A 80 -12.04 4.85 -5.08
C LEU A 80 -12.72 6.21 -4.97
N LYS A 81 -12.51 6.85 -3.81
CA LYS A 81 -13.07 8.15 -3.47
C LYS A 81 -12.36 9.26 -4.29
N ILE A 82 -13.15 10.07 -5.01
CA ILE A 82 -12.63 11.18 -5.82
C ILE A 82 -12.14 12.34 -4.92
N ARG A 83 -10.93 12.17 -4.38
CA ARG A 83 -10.31 13.13 -3.45
C ARG A 83 -9.81 14.38 -4.20
N LEU A 84 -9.40 15.39 -3.41
CA LEU A 84 -8.89 16.67 -3.94
C LEU A 84 -7.42 16.55 -4.34
N THR A 85 -7.18 15.71 -5.36
CA THR A 85 -5.86 15.49 -5.94
C THR A 85 -5.85 16.11 -7.34
N ARG A 86 -5.37 17.36 -7.41
CA ARG A 86 -5.36 18.17 -8.64
C ARG A 86 -4.44 17.54 -9.71
N GLU A 87 -5.08 16.96 -10.74
CA GLU A 87 -4.39 16.35 -11.88
C GLU A 87 -3.70 17.43 -12.74
N ALA A 88 -2.53 17.09 -13.28
CA ALA A 88 -1.81 17.93 -14.25
C ALA A 88 -1.60 17.12 -15.56
N PRO A 89 -2.59 17.15 -16.50
CA PRO A 89 -2.52 16.39 -17.77
C PRO A 89 -1.67 17.16 -18.83
N HIS A 1 -5.70 -17.20 -4.63
CA HIS A 1 -6.49 -16.45 -3.61
C HIS A 1 -6.78 -15.03 -4.11
N HIS A 2 -7.74 -14.90 -5.05
CA HIS A 2 -8.25 -13.61 -5.51
C HIS A 2 -9.40 -13.18 -4.59
N HIS A 3 -9.10 -12.26 -3.67
CA HIS A 3 -10.09 -11.71 -2.72
C HIS A 3 -9.94 -10.18 -2.63
N HIS A 4 -11.02 -9.53 -2.19
CA HIS A 4 -11.10 -8.07 -2.03
C HIS A 4 -12.08 -7.73 -0.89
N HIS A 5 -11.88 -6.54 -0.29
CA HIS A 5 -12.76 -6.03 0.78
C HIS A 5 -12.53 -4.51 0.91
N HIS A 6 -12.46 -3.86 -0.28
CA HIS A 6 -12.05 -2.44 -0.43
C HIS A 6 -10.56 -2.26 -0.06
N SER A 7 -9.92 -1.23 -0.66
CA SER A 7 -8.53 -0.89 -0.38
C SER A 7 -8.21 0.56 -0.75
N HIS A 8 -6.94 0.93 -0.50
CA HIS A 8 -6.27 2.07 -1.14
C HIS A 8 -6.05 1.73 -2.62
N MET A 9 -5.80 2.74 -3.48
CA MET A 9 -5.62 2.49 -4.94
C MET A 9 -4.53 1.42 -5.16
N VAL A 10 -4.83 0.44 -6.00
CA VAL A 10 -3.87 -0.60 -6.38
C VAL A 10 -2.67 0.05 -7.13
N GLY A 11 -1.53 0.13 -6.43
CA GLY A 11 -0.38 0.94 -6.87
C GLY A 11 -0.06 2.09 -5.89
N ASP A 12 -0.70 2.10 -4.70
CA ASP A 12 -0.55 3.22 -3.71
C ASP A 12 0.91 3.34 -3.22
N THR A 13 1.42 4.58 -3.22
CA THR A 13 2.83 4.86 -2.93
C THR A 13 3.06 4.92 -1.40
N VAL A 14 3.71 3.87 -0.87
CA VAL A 14 4.08 3.75 0.55
C VAL A 14 5.55 3.33 0.68
N TRP A 15 5.98 3.14 1.92
CA TRP A 15 7.29 2.63 2.30
C TRP A 15 7.07 1.46 3.28
N VAL A 16 8.02 0.52 3.34
CA VAL A 16 8.03 -0.54 4.34
C VAL A 16 9.15 -0.24 5.34
N ARG A 17 8.73 0.17 6.54
CA ARG A 17 9.61 0.47 7.66
C ARG A 17 10.00 -0.83 8.38
N ARG A 18 11.15 -1.39 8.00
CA ARG A 18 11.65 -2.65 8.57
C ARG A 18 12.25 -2.38 9.95
N HIS A 19 11.60 -2.90 11.00
CA HIS A 19 12.14 -2.83 12.36
C HIS A 19 13.24 -3.87 12.53
N GLN A 20 14.40 -3.45 13.06
CA GLN A 20 15.50 -4.36 13.41
C GLN A 20 15.19 -5.04 14.77
N THR A 21 16.22 -5.48 15.51
CA THR A 21 16.02 -6.25 16.76
C THR A 21 15.41 -5.34 17.89
N LYS A 22 15.06 -5.93 19.06
CA LYS A 22 14.36 -5.24 20.17
C LYS A 22 15.06 -3.94 20.60
N ASN A 23 16.38 -4.04 20.85
CA ASN A 23 17.21 -2.91 21.34
C ASN A 23 17.65 -1.98 20.19
N LEU A 24 17.20 -2.29 18.96
CA LEU A 24 17.52 -1.52 17.75
C LEU A 24 16.24 -0.83 17.21
N GLU A 25 16.46 0.24 16.44
CA GLU A 25 15.39 1.08 15.86
C GLU A 25 15.04 0.62 14.42
N PRO A 26 13.85 1.03 13.85
CA PRO A 26 13.47 0.68 12.46
C PRO A 26 14.08 1.63 11.39
N ARG A 27 13.89 1.25 10.12
CA ARG A 27 14.33 2.03 8.95
C ARG A 27 13.45 1.68 7.74
N TRP A 28 12.91 2.70 7.06
CA TRP A 28 12.03 2.50 5.90
C TRP A 28 12.84 2.38 4.59
N LYS A 29 12.26 1.65 3.63
CA LYS A 29 12.69 1.62 2.21
C LYS A 29 11.45 1.71 1.33
N GLY A 30 11.63 2.04 0.04
CA GLY A 30 10.52 2.12 -0.90
C GLY A 30 10.93 2.73 -2.25
N PRO A 31 9.96 3.26 -3.07
CA PRO A 31 8.51 3.23 -2.76
C PRO A 31 7.83 1.89 -3.15
N TYR A 32 7.25 1.23 -2.13
CA TYR A 32 6.43 0.03 -2.30
C TYR A 32 5.00 0.42 -2.69
N THR A 33 4.27 -0.47 -3.38
CA THR A 33 2.92 -0.18 -3.87
C THR A 33 1.86 -1.07 -3.18
N VAL A 34 0.99 -0.47 -2.32
CA VAL A 34 -0.16 -1.17 -1.71
C VAL A 34 -1.22 -1.44 -2.78
N LEU A 35 -1.68 -2.69 -2.82
CA LEU A 35 -2.76 -3.13 -3.71
C LEU A 35 -4.05 -3.28 -2.91
N LEU A 36 -3.99 -4.14 -1.89
CA LEU A 36 -5.17 -4.54 -1.09
C LEU A 36 -4.92 -4.24 0.40
N THR A 37 -6.01 -4.07 1.17
CA THR A 37 -5.95 -3.77 2.61
C THR A 37 -6.78 -4.80 3.39
N THR A 38 -6.18 -5.40 4.45
CA THR A 38 -6.82 -6.45 5.28
C THR A 38 -6.46 -6.20 6.77
N PRO A 39 -7.35 -5.49 7.56
CA PRO A 39 -7.05 -4.91 8.93
C PRO A 39 -5.93 -5.62 9.75
N THR A 40 -4.94 -4.81 10.21
CA THR A 40 -3.69 -5.25 10.92
C THR A 40 -2.55 -5.61 9.92
N ALA A 41 -2.89 -5.73 8.61
CA ALA A 41 -1.90 -5.95 7.53
C ALA A 41 -2.39 -5.38 6.20
N LEU A 42 -1.46 -4.95 5.33
CA LEU A 42 -1.78 -4.45 3.98
C LEU A 42 -1.04 -5.33 2.95
N LYS A 43 -1.75 -5.74 1.88
CA LYS A 43 -1.16 -6.54 0.82
C LYS A 43 -0.45 -5.61 -0.16
N VAL A 44 0.89 -5.67 -0.14
CA VAL A 44 1.77 -4.82 -0.93
C VAL A 44 2.44 -5.66 -2.04
N ASP A 45 2.50 -5.09 -3.26
CA ASP A 45 3.19 -5.71 -4.41
C ASP A 45 4.71 -5.71 -4.19
N GLY A 46 5.38 -6.79 -4.63
CA GLY A 46 6.82 -6.98 -4.39
C GLY A 46 7.09 -7.79 -3.12
N ILE A 47 6.09 -7.84 -2.23
CA ILE A 47 6.15 -8.56 -0.94
C ILE A 47 5.57 -9.98 -1.10
N ALA A 48 5.95 -10.90 -0.17
CA ALA A 48 5.50 -12.31 -0.16
C ALA A 48 3.96 -12.40 -0.21
N ALA A 49 3.28 -11.69 0.72
CA ALA A 49 1.82 -11.50 0.66
C ALA A 49 1.37 -10.21 1.37
N TRP A 50 1.70 -10.07 2.66
CA TRP A 50 1.21 -8.95 3.52
C TRP A 50 2.33 -8.36 4.39
N ILE A 51 2.41 -7.03 4.43
CA ILE A 51 3.21 -6.27 5.41
C ILE A 51 2.29 -5.88 6.58
N HIS A 52 2.69 -6.25 7.81
CA HIS A 52 1.94 -5.92 9.04
C HIS A 52 1.95 -4.39 9.20
N ALA A 53 0.78 -3.81 9.56
CA ALA A 53 0.45 -2.36 9.36
C ALA A 53 1.43 -1.38 10.04
N ALA A 54 2.07 -1.80 11.14
CA ALA A 54 3.06 -0.97 11.87
C ALA A 54 4.41 -0.86 11.13
N HIS A 55 4.53 -1.56 9.99
CA HIS A 55 5.70 -1.46 9.09
C HIS A 55 5.30 -0.75 7.79
N VAL A 56 4.09 -0.17 7.72
CA VAL A 56 3.64 0.59 6.54
C VAL A 56 3.66 2.10 6.85
N LYS A 57 4.36 2.87 6.02
CA LYS A 57 4.44 4.33 6.12
C LYS A 57 4.02 4.93 4.79
N ALA A 58 2.86 5.59 4.77
CA ALA A 58 2.31 6.23 3.56
C ALA A 58 3.30 7.29 3.02
N ALA A 59 3.81 7.08 1.80
CA ALA A 59 4.83 7.95 1.21
C ALA A 59 4.17 9.20 0.61
N ASP A 60 4.94 10.30 0.54
CA ASP A 60 4.49 11.57 -0.05
C ASP A 60 5.10 11.73 -1.46
N PRO A 61 4.34 11.38 -2.55
CA PRO A 61 4.81 11.58 -3.94
C PRO A 61 4.43 12.97 -4.50
N GLY A 62 3.68 13.77 -3.71
CA GLY A 62 3.05 15.00 -4.20
C GLY A 62 1.86 14.67 -5.10
N GLY A 63 2.17 14.25 -6.34
CA GLY A 63 1.17 13.70 -7.26
C GLY A 63 1.43 12.21 -7.47
N GLY A 64 2.39 11.91 -8.36
CA GLY A 64 2.77 10.53 -8.66
C GLY A 64 2.78 10.26 -10.17
N PRO A 65 2.24 9.10 -10.67
CA PRO A 65 2.13 8.84 -12.12
C PRO A 65 1.01 9.71 -12.74
N SER A 66 1.39 10.70 -13.58
CA SER A 66 0.43 11.59 -14.27
C SER A 66 -0.43 10.81 -15.29
N SER A 67 0.13 9.71 -15.81
CA SER A 67 -0.58 8.76 -16.70
C SER A 67 -1.45 7.76 -15.88
N ARG A 68 -1.59 8.02 -14.55
CA ARG A 68 -2.49 7.29 -13.61
C ARG A 68 -2.35 5.75 -13.69
N LEU A 69 -1.08 5.31 -13.83
CA LEU A 69 -0.72 3.90 -14.01
C LEU A 69 -0.96 3.09 -12.72
N THR A 70 -2.22 2.68 -12.54
CA THR A 70 -2.68 1.83 -11.43
C THR A 70 -3.03 0.45 -11.99
N TRP A 71 -2.89 -0.60 -11.15
CA TRP A 71 -3.10 -2.02 -11.56
C TRP A 71 -4.59 -2.32 -11.91
N ARG A 72 -5.49 -1.43 -11.42
CA ARG A 72 -6.97 -1.49 -11.61
C ARG A 72 -7.59 -2.85 -11.20
N VAL A 73 -6.96 -3.52 -10.21
CA VAL A 73 -7.48 -4.77 -9.62
C VAL A 73 -8.74 -4.48 -8.78
N GLN A 74 -8.63 -3.49 -7.87
CA GLN A 74 -9.76 -3.11 -6.99
C GLN A 74 -10.64 -2.05 -7.71
N ARG A 75 -11.56 -2.56 -8.53
CA ARG A 75 -12.67 -1.76 -9.11
C ARG A 75 -14.02 -2.27 -8.56
N SER A 76 -13.94 -3.29 -7.68
CA SER A 76 -15.10 -3.99 -7.11
C SER A 76 -15.89 -3.06 -6.18
N GLN A 77 -15.29 -2.68 -5.03
CA GLN A 77 -15.87 -1.69 -4.12
C GLN A 77 -15.46 -0.29 -4.60
N ASN A 78 -16.19 0.19 -5.62
CA ASN A 78 -15.99 1.50 -6.30
C ASN A 78 -14.63 1.54 -7.06
N PRO A 79 -14.58 2.15 -8.29
CA PRO A 79 -13.30 2.50 -8.94
C PRO A 79 -12.54 3.56 -8.11
N LEU A 80 -11.46 3.12 -7.45
CA LEU A 80 -10.71 3.93 -6.49
C LEU A 80 -10.00 5.11 -7.16
N LYS A 81 -9.94 6.23 -6.42
CA LYS A 81 -9.28 7.46 -6.86
C LYS A 81 -7.78 7.22 -7.12
N ILE A 82 -7.25 7.85 -8.19
CA ILE A 82 -5.87 7.64 -8.69
C ILE A 82 -4.81 8.42 -7.85
N ARG A 83 -5.28 9.02 -6.72
CA ARG A 83 -4.45 9.68 -5.68
C ARG A 83 -3.86 11.03 -6.15
N LEU A 84 -4.07 11.39 -7.43
CA LEU A 84 -3.48 12.60 -8.03
C LEU A 84 -4.27 13.87 -7.61
N THR A 85 -3.58 15.00 -7.67
CA THR A 85 -4.15 16.34 -7.48
C THR A 85 -4.94 16.77 -8.76
N ARG A 86 -5.22 18.09 -8.97
CA ARG A 86 -5.91 18.57 -10.18
C ARG A 86 -5.11 18.22 -11.45
N GLU A 87 -5.82 17.78 -12.49
CA GLU A 87 -5.21 17.39 -13.79
C GLU A 87 -5.41 18.56 -14.77
N ALA A 88 -4.44 18.75 -15.69
CA ALA A 88 -4.39 19.87 -16.66
C ALA A 88 -4.19 21.22 -15.91
N PRO A 89 -2.89 21.70 -15.78
CA PRO A 89 -2.57 22.96 -15.08
C PRO A 89 -3.04 24.20 -15.89
N HIS A 1 -7.74 -18.56 -8.17
CA HIS A 1 -8.06 -17.94 -6.87
C HIS A 1 -8.36 -16.45 -7.08
N HIS A 2 -9.61 -16.03 -6.79
CA HIS A 2 -10.10 -14.65 -6.96
C HIS A 2 -10.91 -14.23 -5.72
N HIS A 3 -10.41 -13.21 -4.99
CA HIS A 3 -11.04 -12.72 -3.75
C HIS A 3 -10.73 -11.21 -3.58
N HIS A 4 -11.53 -10.39 -4.27
CA HIS A 4 -11.39 -8.91 -4.25
C HIS A 4 -12.22 -8.31 -3.11
N HIS A 5 -11.67 -7.28 -2.44
CA HIS A 5 -12.30 -6.65 -1.25
C HIS A 5 -12.21 -5.12 -1.34
N HIS A 6 -12.81 -4.43 -0.33
CA HIS A 6 -12.71 -2.97 -0.20
C HIS A 6 -11.27 -2.61 0.22
N SER A 7 -10.43 -2.35 -0.78
CA SER A 7 -8.99 -2.15 -0.60
C SER A 7 -8.56 -0.75 -1.06
N HIS A 8 -7.29 -0.40 -0.83
CA HIS A 8 -6.68 0.85 -1.34
C HIS A 8 -6.45 0.74 -2.85
N MET A 9 -6.32 1.90 -3.51
CA MET A 9 -5.96 1.99 -4.94
C MET A 9 -4.64 1.24 -5.20
N VAL A 10 -4.62 0.41 -6.26
CA VAL A 10 -3.43 -0.39 -6.61
C VAL A 10 -2.25 0.52 -6.96
N GLY A 11 -1.08 0.23 -6.36
CA GLY A 11 0.10 1.09 -6.53
C GLY A 11 0.23 2.16 -5.45
N ASP A 12 -0.59 2.06 -4.36
CA ASP A 12 -0.61 3.05 -3.26
C ASP A 12 0.82 3.32 -2.70
N THR A 13 1.30 4.55 -2.90
CA THR A 13 2.68 4.94 -2.57
C THR A 13 2.87 5.05 -1.05
N VAL A 14 3.72 4.18 -0.51
CA VAL A 14 4.00 4.06 0.93
C VAL A 14 5.50 3.80 1.17
N TRP A 15 5.92 3.90 2.45
CA TRP A 15 7.25 3.50 2.92
C TRP A 15 7.07 2.28 3.84
N VAL A 16 7.84 1.22 3.61
CA VAL A 16 7.80 0.01 4.45
C VAL A 16 9.11 -0.10 5.26
N ARG A 17 8.95 0.01 6.58
CA ARG A 17 10.02 -0.12 7.57
C ARG A 17 10.17 -1.58 8.00
N ARG A 18 11.38 -2.13 7.84
CA ARG A 18 11.73 -3.49 8.30
C ARG A 18 12.89 -3.35 9.31
N HIS A 19 12.95 -4.27 10.30
CA HIS A 19 13.87 -4.13 11.45
C HIS A 19 15.33 -4.13 11.00
N GLN A 20 15.71 -5.17 10.22
CA GLN A 20 17.05 -5.28 9.57
C GLN A 20 18.22 -5.30 10.60
N THR A 21 17.91 -5.52 11.89
CA THR A 21 18.87 -5.39 13.01
C THR A 21 18.52 -6.38 14.14
N LYS A 22 19.32 -6.36 15.23
CA LYS A 22 19.07 -7.14 16.45
C LYS A 22 18.62 -6.21 17.60
N ASN A 23 19.44 -5.16 17.87
CA ASN A 23 19.25 -4.24 19.02
C ASN A 23 19.36 -2.76 18.59
N LEU A 24 19.26 -2.49 17.29
CA LEU A 24 19.21 -1.11 16.74
C LEU A 24 17.82 -0.82 16.14
N GLU A 25 17.64 0.40 15.62
CA GLU A 25 16.35 0.90 15.11
C GLU A 25 15.97 0.22 13.77
N PRO A 26 14.63 0.06 13.48
CA PRO A 26 14.15 -0.51 12.20
C PRO A 26 14.29 0.52 11.05
N ARG A 27 14.89 0.08 9.93
CA ARG A 27 15.18 0.96 8.78
C ARG A 27 14.04 0.89 7.76
N TRP A 28 13.56 2.06 7.28
CA TRP A 28 12.50 2.12 6.26
C TRP A 28 13.11 2.30 4.86
N LYS A 29 12.34 1.88 3.82
CA LYS A 29 12.63 2.20 2.41
C LYS A 29 11.33 2.57 1.69
N GLY A 30 11.47 3.04 0.44
CA GLY A 30 10.34 3.35 -0.40
C GLY A 30 10.80 3.84 -1.79
N PRO A 31 9.86 4.26 -2.70
CA PRO A 31 8.40 4.24 -2.46
C PRO A 31 7.74 2.89 -2.87
N TYR A 32 7.38 2.09 -1.86
CA TYR A 32 6.60 0.84 -2.04
C TYR A 32 5.20 1.15 -2.58
N THR A 33 4.53 0.14 -3.14
CA THR A 33 3.22 0.30 -3.79
C THR A 33 2.23 -0.80 -3.33
N VAL A 34 1.19 -0.42 -2.57
CA VAL A 34 0.20 -1.38 -2.02
C VAL A 34 -0.86 -1.69 -3.09
N LEU A 35 -1.12 -2.99 -3.32
CA LEU A 35 -2.07 -3.47 -4.34
C LEU A 35 -3.39 -3.91 -3.70
N LEU A 36 -3.30 -4.45 -2.47
CA LEU A 36 -4.44 -5.07 -1.77
C LEU A 36 -4.35 -4.74 -0.26
N THR A 37 -5.50 -4.50 0.41
CA THR A 37 -5.52 -4.22 1.87
C THR A 37 -6.66 -4.99 2.56
N THR A 38 -6.29 -5.63 3.67
CA THR A 38 -7.19 -6.30 4.62
C THR A 38 -7.07 -5.60 6.02
N PRO A 39 -8.01 -5.82 7.00
CA PRO A 39 -7.94 -5.22 8.37
C PRO A 39 -6.55 -5.38 9.06
N THR A 40 -5.84 -4.24 9.21
CA THR A 40 -4.53 -4.13 9.91
C THR A 40 -3.38 -4.91 9.20
N ALA A 41 -3.63 -5.36 7.95
CA ALA A 41 -2.63 -6.07 7.15
C ALA A 41 -2.69 -5.52 5.71
N LEU A 42 -1.56 -4.96 5.23
CA LEU A 42 -1.52 -4.30 3.92
C LEU A 42 -0.63 -5.14 2.99
N LYS A 43 -1.21 -5.64 1.89
CA LYS A 43 -0.46 -6.40 0.89
C LYS A 43 0.17 -5.42 -0.12
N VAL A 44 1.48 -5.27 0.02
CA VAL A 44 2.30 -4.45 -0.87
C VAL A 44 2.84 -5.34 -2.02
N ASP A 45 3.15 -4.70 -3.16
CA ASP A 45 3.79 -5.36 -4.31
C ASP A 45 5.16 -5.95 -3.93
N GLY A 46 5.31 -7.26 -4.15
CA GLY A 46 6.57 -7.96 -3.91
C GLY A 46 6.67 -8.59 -2.53
N ILE A 47 5.60 -8.47 -1.73
CA ILE A 47 5.52 -9.06 -0.37
C ILE A 47 4.96 -10.50 -0.45
N ALA A 48 5.40 -11.35 0.53
CA ALA A 48 5.01 -12.78 0.62
C ALA A 48 3.48 -12.97 0.60
N ALA A 49 2.77 -12.24 1.48
CA ALA A 49 1.30 -12.17 1.45
C ALA A 49 0.79 -10.84 2.03
N TRP A 50 1.16 -10.52 3.28
CA TRP A 50 0.76 -9.25 3.96
C TRP A 50 1.89 -8.73 4.87
N ILE A 51 1.85 -7.41 5.15
CA ILE A 51 2.70 -6.74 6.17
C ILE A 51 1.77 -6.13 7.22
N HIS A 52 2.11 -6.30 8.52
CA HIS A 52 1.34 -5.67 9.62
C HIS A 52 1.48 -4.13 9.49
N ALA A 53 0.32 -3.45 9.50
CA ALA A 53 0.16 -2.03 9.06
C ALA A 53 1.09 -1.02 9.77
N ALA A 54 1.58 -1.37 10.98
CA ALA A 54 2.50 -0.51 11.76
C ALA A 54 3.81 -0.22 10.99
N HIS A 55 4.31 -1.25 10.28
CA HIS A 55 5.56 -1.17 9.46
C HIS A 55 5.34 -0.43 8.13
N VAL A 56 4.13 0.06 7.88
CA VAL A 56 3.80 0.79 6.64
C VAL A 56 3.33 2.22 6.99
N LYS A 57 3.83 3.23 6.25
CA LYS A 57 3.39 4.64 6.39
C LYS A 57 2.99 5.17 5.00
N ALA A 58 1.94 6.02 4.96
CA ALA A 58 1.51 6.68 3.71
C ALA A 58 2.59 7.66 3.21
N ALA A 59 3.07 7.47 1.98
CA ALA A 59 4.05 8.37 1.32
C ALA A 59 3.39 9.17 0.19
N ASP A 60 4.00 10.32 -0.15
CA ASP A 60 3.52 11.25 -1.18
C ASP A 60 4.22 10.94 -2.53
N PRO A 61 3.45 10.51 -3.60
CA PRO A 61 4.02 10.29 -4.96
C PRO A 61 4.10 11.57 -5.80
N GLY A 62 3.46 12.66 -5.32
CA GLY A 62 3.27 13.88 -6.11
C GLY A 62 2.13 13.72 -7.11
N GLY A 63 2.34 12.86 -8.09
CA GLY A 63 1.32 12.48 -9.04
C GLY A 63 1.65 11.10 -9.60
N GLY A 64 2.12 11.07 -10.87
CA GLY A 64 2.56 9.84 -11.53
C GLY A 64 1.46 8.80 -11.78
N PRO A 65 0.40 9.12 -12.59
CA PRO A 65 -0.60 8.12 -13.00
C PRO A 65 -0.10 7.39 -14.28
N SER A 66 0.33 6.13 -14.11
CA SER A 66 0.94 5.35 -15.21
C SER A 66 0.64 3.85 -15.04
N SER A 67 1.43 3.15 -14.21
CA SER A 67 1.25 1.70 -13.96
C SER A 67 -0.01 1.42 -13.12
N ARG A 68 -0.43 2.44 -12.35
CA ARG A 68 -1.62 2.40 -11.48
C ARG A 68 -2.93 2.45 -12.29
N LEU A 69 -2.88 3.04 -13.51
CA LEU A 69 -4.07 3.21 -14.38
C LEU A 69 -4.70 1.85 -14.79
N THR A 70 -3.93 0.75 -14.64
CA THR A 70 -4.37 -0.62 -14.90
C THR A 70 -5.63 -0.98 -14.07
N TRP A 71 -5.54 -0.75 -12.73
CA TRP A 71 -6.66 -0.91 -11.77
C TRP A 71 -7.42 -2.25 -11.86
N ARG A 72 -6.74 -3.33 -12.32
CA ARG A 72 -7.38 -4.65 -12.55
C ARG A 72 -7.95 -5.31 -11.27
N VAL A 73 -7.37 -5.00 -10.10
CA VAL A 73 -7.87 -5.48 -8.79
C VAL A 73 -9.08 -4.61 -8.35
N GLN A 74 -9.08 -3.35 -8.81
CA GLN A 74 -10.17 -2.38 -8.54
C GLN A 74 -11.34 -2.60 -9.53
N ARG A 75 -11.12 -3.42 -10.60
CA ARG A 75 -12.17 -3.80 -11.57
C ARG A 75 -13.02 -4.97 -11.01
N SER A 76 -13.78 -4.68 -9.92
CA SER A 76 -14.65 -5.64 -9.23
C SER A 76 -15.73 -4.87 -8.44
N GLN A 77 -15.32 -4.29 -7.30
CA GLN A 77 -16.20 -3.48 -6.41
C GLN A 77 -16.04 -1.98 -6.72
N ASN A 78 -14.84 -1.63 -7.25
CA ASN A 78 -14.41 -0.24 -7.51
C ASN A 78 -14.37 0.58 -6.19
N PRO A 79 -13.24 0.49 -5.42
CA PRO A 79 -12.97 1.41 -4.29
C PRO A 79 -12.43 2.78 -4.77
N LEU A 80 -12.37 2.97 -6.12
CA LEU A 80 -11.93 4.21 -6.76
C LEU A 80 -13.02 5.27 -6.65
N LYS A 81 -13.04 5.96 -5.52
CA LYS A 81 -13.98 7.05 -5.26
C LYS A 81 -13.40 8.34 -5.85
N ILE A 82 -14.19 9.00 -6.72
CA ILE A 82 -13.77 10.21 -7.44
C ILE A 82 -13.39 11.35 -6.46
N ARG A 83 -12.15 11.81 -6.60
CA ARG A 83 -11.59 12.92 -5.82
C ARG A 83 -11.24 14.05 -6.78
N LEU A 84 -11.56 15.29 -6.39
CA LEU A 84 -11.19 16.48 -7.15
C LEU A 84 -9.68 16.71 -6.99
N THR A 85 -8.92 15.99 -7.81
CA THR A 85 -7.47 16.09 -7.91
C THR A 85 -7.14 17.20 -8.93
N ARG A 86 -6.15 18.04 -8.62
CA ARG A 86 -5.75 19.15 -9.51
C ARG A 86 -5.13 18.62 -10.82
N GLU A 87 -6.00 18.29 -11.78
CA GLU A 87 -5.60 17.86 -13.11
C GLU A 87 -5.22 19.11 -13.93
N ALA A 88 -3.92 19.29 -14.18
CA ALA A 88 -3.39 20.43 -14.95
C ALA A 88 -2.66 19.91 -16.20
N PRO A 89 -3.41 19.57 -17.30
CA PRO A 89 -2.82 19.02 -18.54
C PRO A 89 -1.88 20.04 -19.25
N HIS A 1 -14.21 -3.32 -15.73
CA HIS A 1 -13.81 -2.37 -14.65
C HIS A 1 -15.04 -1.66 -14.06
N HIS A 2 -15.04 -1.47 -12.73
CA HIS A 2 -15.99 -0.60 -12.00
C HIS A 2 -15.21 0.62 -11.49
N HIS A 3 -15.35 1.75 -12.21
CA HIS A 3 -14.56 2.96 -11.99
C HIS A 3 -15.07 3.74 -10.75
N HIS A 4 -14.80 3.16 -9.56
CA HIS A 4 -15.20 3.70 -8.24
C HIS A 4 -14.22 3.17 -7.16
N HIS A 5 -13.74 4.08 -6.30
CA HIS A 5 -12.76 3.80 -5.23
C HIS A 5 -12.59 5.08 -4.36
N HIS A 6 -13.46 5.23 -3.36
CA HIS A 6 -13.38 6.36 -2.40
C HIS A 6 -12.45 5.96 -1.24
N SER A 7 -12.36 4.65 -1.01
CA SER A 7 -11.34 4.02 -0.19
C SER A 7 -10.01 3.91 -0.97
N HIS A 8 -9.03 3.18 -0.39
CA HIS A 8 -7.73 2.95 -1.01
C HIS A 8 -7.87 2.04 -2.25
N MET A 9 -6.89 2.13 -3.15
CA MET A 9 -6.81 1.33 -4.38
C MET A 9 -5.38 0.79 -4.56
N VAL A 10 -5.17 -0.01 -5.61
CA VAL A 10 -3.85 -0.54 -5.96
C VAL A 10 -2.99 0.62 -6.52
N GLY A 11 -1.68 0.60 -6.23
CA GLY A 11 -0.78 1.67 -6.65
C GLY A 11 -0.49 2.68 -5.54
N ASP A 12 -0.94 2.38 -4.32
CA ASP A 12 -0.82 3.30 -3.15
C ASP A 12 0.66 3.45 -2.75
N THR A 13 1.25 4.63 -2.98
CA THR A 13 2.67 4.89 -2.72
C THR A 13 2.94 4.92 -1.20
N VAL A 14 3.77 3.98 -0.74
CA VAL A 14 4.14 3.82 0.68
C VAL A 14 5.65 3.46 0.78
N TRP A 15 6.09 3.20 2.02
CA TRP A 15 7.45 2.71 2.34
C TRP A 15 7.32 1.47 3.22
N VAL A 16 8.29 0.54 3.16
CA VAL A 16 8.27 -0.68 4.02
C VAL A 16 9.38 -0.55 5.07
N ARG A 17 8.96 -0.25 6.30
CA ARG A 17 9.83 -0.05 7.46
C ARG A 17 10.08 -1.40 8.17
N ARG A 18 11.18 -2.06 7.79
CA ARG A 18 11.50 -3.42 8.26
C ARG A 18 12.42 -3.36 9.51
N HIS A 19 11.99 -4.07 10.57
CA HIS A 19 12.73 -4.17 11.84
C HIS A 19 13.68 -5.39 11.77
N GLN A 20 14.99 -5.13 11.81
CA GLN A 20 16.02 -6.18 11.77
C GLN A 20 16.24 -6.78 13.18
N THR A 21 16.86 -5.98 14.07
CA THR A 21 17.17 -6.40 15.46
C THR A 21 16.30 -5.59 16.46
N LYS A 22 16.04 -6.19 17.64
CA LYS A 22 15.27 -5.55 18.73
C LYS A 22 16.04 -4.36 19.34
N ASN A 23 17.38 -4.41 19.23
CA ASN A 23 18.29 -3.35 19.69
C ASN A 23 18.07 -2.07 18.86
N LEU A 24 18.15 -2.23 17.53
CA LEU A 24 17.97 -1.12 16.58
C LEU A 24 16.47 -0.82 16.36
N GLU A 25 16.18 0.40 15.88
CA GLU A 25 14.83 0.81 15.46
C GLU A 25 14.56 0.29 14.02
N PRO A 26 13.26 0.09 13.62
CA PRO A 26 12.90 -0.39 12.25
C PRO A 26 13.32 0.62 11.16
N ARG A 27 14.09 0.14 10.16
CA ARG A 27 14.64 0.99 9.08
C ARG A 27 13.77 0.82 7.82
N TRP A 28 13.34 1.95 7.22
CA TRP A 28 12.45 1.92 6.03
C TRP A 28 13.25 1.99 4.72
N LYS A 29 12.70 1.31 3.72
CA LYS A 29 13.09 1.44 2.32
C LYS A 29 11.91 2.06 1.55
N GLY A 30 12.24 2.67 0.41
CA GLY A 30 11.24 3.22 -0.50
C GLY A 30 11.81 3.31 -1.93
N PRO A 31 10.96 3.63 -2.96
CA PRO A 31 9.50 3.70 -2.83
C PRO A 31 8.84 2.29 -2.94
N TYR A 32 7.61 2.20 -2.47
CA TYR A 32 6.78 0.97 -2.53
C TYR A 32 5.35 1.32 -2.93
N THR A 33 4.52 0.27 -3.10
CA THR A 33 3.17 0.42 -3.61
C THR A 33 2.24 -0.70 -3.08
N VAL A 34 1.26 -0.30 -2.23
CA VAL A 34 0.18 -1.17 -1.74
C VAL A 34 -0.75 -1.53 -2.90
N LEU A 35 -0.92 -2.85 -3.11
CA LEU A 35 -1.82 -3.40 -4.14
C LEU A 35 -3.08 -3.99 -3.49
N LEU A 36 -3.03 -4.26 -2.16
CA LEU A 36 -4.22 -4.68 -1.38
C LEU A 36 -4.13 -4.12 0.05
N THR A 37 -5.27 -3.66 0.55
CA THR A 37 -5.44 -3.17 1.92
C THR A 37 -6.26 -4.20 2.70
N THR A 38 -5.84 -4.47 3.93
CA THR A 38 -6.45 -5.50 4.79
C THR A 38 -6.47 -4.96 6.25
N PRO A 39 -7.49 -5.34 7.10
CA PRO A 39 -7.46 -5.02 8.55
C PRO A 39 -6.08 -5.33 9.22
N THR A 40 -5.35 -4.24 9.55
CA THR A 40 -4.07 -4.25 10.32
C THR A 40 -2.89 -4.85 9.48
N ALA A 41 -3.08 -4.90 8.14
CA ALA A 41 -2.09 -5.48 7.21
C ALA A 41 -2.24 -4.87 5.81
N LEU A 42 -1.11 -4.70 5.10
CA LEU A 42 -1.09 -4.14 3.74
C LEU A 42 -0.22 -5.03 2.86
N LYS A 43 -0.81 -5.57 1.79
CA LYS A 43 -0.05 -6.35 0.80
C LYS A 43 0.54 -5.36 -0.23
N VAL A 44 1.85 -5.22 -0.14
CA VAL A 44 2.66 -4.34 -0.99
C VAL A 44 3.39 -5.18 -2.05
N ASP A 45 3.75 -4.56 -3.20
CA ASP A 45 4.51 -5.22 -4.28
C ASP A 45 5.89 -5.70 -3.77
N GLY A 46 6.14 -7.02 -3.88
CA GLY A 46 7.39 -7.64 -3.45
C GLY A 46 7.22 -8.51 -2.20
N ILE A 47 6.16 -8.20 -1.42
CA ILE A 47 5.88 -8.87 -0.13
C ILE A 47 5.28 -10.28 -0.37
N ALA A 48 5.59 -11.23 0.54
CA ALA A 48 5.13 -12.63 0.44
C ALA A 48 3.60 -12.72 0.43
N ALA A 49 2.94 -12.06 1.41
CA ALA A 49 1.46 -12.03 1.48
C ALA A 49 0.94 -10.70 2.11
N TRP A 50 1.34 -10.39 3.36
CA TRP A 50 0.94 -9.13 4.06
C TRP A 50 2.05 -8.59 4.98
N ILE A 51 2.16 -7.25 5.08
CA ILE A 51 2.98 -6.56 6.09
C ILE A 51 2.07 -5.94 7.16
N HIS A 52 2.31 -6.27 8.43
CA HIS A 52 1.59 -5.69 9.59
C HIS A 52 1.79 -4.15 9.55
N ALA A 53 0.66 -3.41 9.50
CA ALA A 53 0.59 -1.96 9.10
C ALA A 53 1.50 -1.01 9.91
N ALA A 54 1.93 -1.46 11.10
CA ALA A 54 2.92 -0.75 11.94
C ALA A 54 4.36 -0.89 11.39
N HIS A 55 4.51 -1.44 10.16
CA HIS A 55 5.78 -1.48 9.41
C HIS A 55 5.60 -0.80 8.04
N VAL A 56 4.55 0.03 7.88
CA VAL A 56 4.26 0.73 6.60
C VAL A 56 4.11 2.24 6.84
N LYS A 57 4.89 3.04 6.08
CA LYS A 57 4.85 4.51 6.16
C LYS A 57 4.20 5.05 4.87
N ALA A 58 2.98 5.61 4.97
CA ALA A 58 2.22 6.14 3.82
C ALA A 58 2.90 7.40 3.22
N ALA A 59 3.28 7.33 1.93
CA ALA A 59 4.00 8.42 1.22
C ALA A 59 3.09 9.09 0.17
N ASP A 60 3.13 10.43 0.08
CA ASP A 60 2.27 11.21 -0.83
C ASP A 60 3.01 11.46 -2.19
N PRO A 61 2.51 10.87 -3.33
CA PRO A 61 3.13 11.05 -4.67
C PRO A 61 2.56 12.26 -5.45
N GLY A 62 1.59 12.97 -4.85
CA GLY A 62 0.82 13.99 -5.53
C GLY A 62 -0.20 13.37 -6.48
N GLY A 63 0.09 13.41 -7.79
CA GLY A 63 -0.73 12.75 -8.81
C GLY A 63 -0.34 11.26 -8.97
N GLY A 64 -1.04 10.37 -8.22
CA GLY A 64 -0.75 8.92 -8.23
C GLY A 64 -1.36 8.17 -9.43
N PRO A 65 -1.69 6.84 -9.29
CA PRO A 65 -2.18 5.98 -10.41
C PRO A 65 -3.47 6.50 -11.10
N SER A 66 -4.30 7.27 -10.36
CA SER A 66 -5.51 7.94 -10.88
C SER A 66 -6.59 6.94 -11.40
N SER A 67 -6.52 5.68 -10.89
CA SER A 67 -7.39 4.54 -11.31
C SER A 67 -7.09 4.09 -12.77
N ARG A 68 -5.96 4.58 -13.31
CA ARG A 68 -5.51 4.23 -14.68
C ARG A 68 -4.72 2.91 -14.62
N LEU A 69 -3.87 2.78 -13.61
CA LEU A 69 -3.02 1.60 -13.40
C LEU A 69 -3.69 0.57 -12.46
N THR A 70 -5.03 0.65 -12.31
CA THR A 70 -5.82 -0.25 -11.45
C THR A 70 -6.62 -1.25 -12.31
N TRP A 71 -6.17 -2.51 -12.33
CA TRP A 71 -6.81 -3.59 -13.08
C TRP A 71 -7.93 -4.23 -12.22
N ARG A 72 -7.55 -5.13 -11.29
CA ARG A 72 -8.49 -5.92 -10.46
C ARG A 72 -7.75 -6.60 -9.28
N VAL A 73 -7.95 -6.09 -8.04
CA VAL A 73 -7.48 -6.76 -6.80
C VAL A 73 -8.59 -6.66 -5.71
N GLN A 74 -8.90 -5.42 -5.30
CA GLN A 74 -9.92 -5.13 -4.27
C GLN A 74 -11.03 -4.22 -4.82
N ARG A 75 -11.43 -4.49 -6.08
CA ARG A 75 -12.51 -3.76 -6.76
C ARG A 75 -13.86 -4.44 -6.42
N SER A 76 -14.15 -4.49 -5.10
CA SER A 76 -15.23 -5.26 -4.51
C SER A 76 -16.54 -4.46 -4.46
N GLN A 77 -17.62 -5.11 -3.97
CA GLN A 77 -18.93 -4.48 -3.76
C GLN A 77 -18.83 -3.47 -2.59
N ASN A 78 -18.00 -3.82 -1.60
CA ASN A 78 -17.65 -2.93 -0.49
C ASN A 78 -16.15 -2.52 -0.61
N PRO A 79 -15.83 -1.23 -0.90
CA PRO A 79 -14.43 -0.73 -0.91
C PRO A 79 -13.85 -0.67 0.53
N LEU A 80 -12.60 -1.14 0.68
CA LEU A 80 -11.99 -1.43 1.98
C LEU A 80 -11.47 -0.16 2.68
N LYS A 81 -12.28 0.36 3.63
CA LYS A 81 -11.90 1.51 4.47
C LYS A 81 -11.01 1.04 5.63
N ILE A 82 -9.69 1.04 5.42
CA ILE A 82 -8.72 0.87 6.50
C ILE A 82 -8.60 2.17 7.32
N ARG A 83 -8.51 2.02 8.65
CA ARG A 83 -8.32 3.16 9.58
C ARG A 83 -6.89 3.11 10.15
N LEU A 84 -5.94 2.63 9.32
CA LEU A 84 -4.55 2.35 9.72
C LEU A 84 -3.70 3.66 9.72
N THR A 85 -4.03 4.54 10.68
CA THR A 85 -3.39 5.84 10.87
C THR A 85 -2.64 5.83 12.23
N ARG A 86 -1.47 5.16 12.25
CA ARG A 86 -0.70 4.94 13.50
C ARG A 86 0.32 6.07 13.72
N GLU A 87 0.98 6.50 12.63
CA GLU A 87 2.16 7.38 12.65
C GLU A 87 1.76 8.87 12.86
N ALA A 88 1.35 9.15 14.11
CA ALA A 88 1.07 10.49 14.66
C ALA A 88 0.70 10.31 16.15
N PRO A 89 1.62 9.71 17.01
CA PRO A 89 1.30 9.41 18.42
C PRO A 89 1.15 10.71 19.28
N HIS A 1 -21.67 3.27 7.28
CA HIS A 1 -21.50 2.55 8.57
C HIS A 1 -20.15 2.98 9.18
N HIS A 2 -20.13 3.16 10.52
CA HIS A 2 -18.94 3.65 11.25
C HIS A 2 -17.79 2.62 11.19
N HIS A 3 -16.54 3.14 11.15
CA HIS A 3 -15.29 2.33 11.10
C HIS A 3 -15.17 1.53 9.78
N HIS A 4 -15.96 1.92 8.76
CA HIS A 4 -15.98 1.25 7.44
C HIS A 4 -16.13 2.28 6.32
N HIS A 5 -15.47 3.45 6.50
CA HIS A 5 -15.58 4.59 5.58
C HIS A 5 -14.91 4.29 4.21
N HIS A 6 -13.58 4.09 4.21
CA HIS A 6 -12.80 3.90 2.97
C HIS A 6 -11.44 3.26 3.24
N SER A 7 -11.18 2.12 2.59
CA SER A 7 -9.87 1.43 2.61
C SER A 7 -8.89 2.08 1.60
N HIS A 8 -7.64 1.58 1.53
CA HIS A 8 -6.62 2.09 0.58
C HIS A 8 -6.84 1.46 -0.81
N MET A 9 -6.51 2.19 -1.88
CA MET A 9 -6.66 1.70 -3.27
C MET A 9 -5.35 1.03 -3.75
N VAL A 10 -5.42 0.45 -4.98
CA VAL A 10 -4.24 -0.12 -5.65
C VAL A 10 -3.22 1.00 -6.00
N GLY A 11 -1.93 0.74 -5.75
CA GLY A 11 -0.86 1.68 -6.12
C GLY A 11 -0.63 2.78 -5.09
N ASP A 12 -1.27 2.66 -3.90
CA ASP A 12 -1.12 3.64 -2.81
C ASP A 12 0.34 3.63 -2.30
N THR A 13 1.13 4.67 -2.64
CA THR A 13 2.59 4.66 -2.44
C THR A 13 2.94 4.80 -0.95
N VAL A 14 3.70 3.82 -0.46
CA VAL A 14 4.12 3.71 0.94
C VAL A 14 5.59 3.26 1.03
N TRP A 15 6.07 3.08 2.26
CA TRP A 15 7.35 2.45 2.57
C TRP A 15 7.09 1.26 3.51
N VAL A 16 8.04 0.31 3.55
CA VAL A 16 7.99 -0.74 4.57
C VAL A 16 9.14 -0.51 5.57
N ARG A 17 8.74 0.02 6.72
CA ARG A 17 9.60 0.21 7.89
C ARG A 17 9.85 -1.16 8.57
N ARG A 18 10.96 -1.79 8.17
CA ARG A 18 11.43 -3.06 8.74
C ARG A 18 12.47 -2.77 9.86
N HIS A 19 12.85 -3.83 10.62
CA HIS A 19 13.83 -3.80 11.73
C HIS A 19 13.17 -3.28 13.02
N GLN A 20 13.06 -4.17 14.02
CA GLN A 20 12.30 -3.90 15.25
C GLN A 20 13.06 -2.92 16.15
N THR A 21 12.49 -1.72 16.32
CA THR A 21 13.08 -0.63 17.10
C THR A 21 12.90 -0.88 18.63
N LYS A 22 13.93 -1.50 19.24
CA LYS A 22 13.95 -1.77 20.70
C LYS A 22 14.98 -0.86 21.40
N ASN A 23 16.22 -0.88 20.88
CA ASN A 23 17.34 -0.02 21.33
C ASN A 23 18.01 0.66 20.12
N LEU A 24 17.52 0.30 18.92
CA LEU A 24 18.11 0.71 17.63
C LEU A 24 17.01 1.34 16.74
N GLU A 25 17.44 2.07 15.70
CA GLU A 25 16.52 2.78 14.77
C GLU A 25 15.90 1.79 13.76
N PRO A 26 14.59 1.97 13.37
CA PRO A 26 13.94 1.14 12.34
C PRO A 26 14.22 1.65 10.91
N ARG A 27 14.51 0.74 9.98
CA ARG A 27 14.88 1.11 8.60
C ARG A 27 13.66 1.01 7.67
N TRP A 28 13.14 2.18 7.26
CA TRP A 28 12.14 2.25 6.17
C TRP A 28 12.84 1.98 4.83
N LYS A 29 12.18 1.22 3.96
CA LYS A 29 12.64 0.96 2.57
C LYS A 29 11.57 1.45 1.61
N GLY A 30 11.99 1.91 0.42
CA GLY A 30 11.06 2.39 -0.60
C GLY A 30 11.69 2.40 -2.00
N PRO A 31 10.90 2.74 -3.08
CA PRO A 31 9.44 3.00 -2.99
C PRO A 31 8.59 1.71 -3.08
N TYR A 32 7.52 1.67 -2.28
CA TYR A 32 6.52 0.59 -2.30
C TYR A 32 5.14 1.16 -2.61
N THR A 33 4.14 0.28 -2.83
CA THR A 33 2.76 0.68 -3.17
C THR A 33 1.76 -0.39 -2.69
N VAL A 34 0.90 -0.05 -1.70
CA VAL A 34 -0.22 -0.93 -1.29
C VAL A 34 -1.15 -1.18 -2.50
N LEU A 35 -1.31 -2.46 -2.86
CA LEU A 35 -2.21 -2.90 -3.95
C LEU A 35 -3.54 -3.38 -3.34
N LEU A 36 -3.45 -4.11 -2.23
CA LEU A 36 -4.61 -4.73 -1.56
C LEU A 36 -4.59 -4.42 -0.05
N THR A 37 -5.78 -4.25 0.52
CA THR A 37 -5.98 -4.06 1.95
C THR A 37 -6.78 -5.24 2.52
N THR A 38 -6.40 -5.68 3.73
CA THR A 38 -7.19 -6.58 4.59
C THR A 38 -7.04 -6.06 6.05
N PRO A 39 -7.99 -6.39 6.99
CA PRO A 39 -7.92 -5.92 8.40
C PRO A 39 -6.54 -6.19 9.08
N THR A 40 -5.77 -5.08 9.32
CA THR A 40 -4.48 -5.04 10.04
C THR A 40 -3.29 -5.62 9.20
N ALA A 41 -3.56 -5.95 7.91
CA ALA A 41 -2.53 -6.51 7.01
C ALA A 41 -2.71 -5.92 5.60
N LEU A 42 -1.64 -5.32 5.05
CA LEU A 42 -1.68 -4.67 3.72
C LEU A 42 -0.79 -5.46 2.76
N LYS A 43 -1.35 -5.87 1.62
CA LYS A 43 -0.59 -6.53 0.55
C LYS A 43 0.03 -5.43 -0.31
N VAL A 44 1.36 -5.31 -0.19
CA VAL A 44 2.13 -4.24 -0.81
C VAL A 44 2.95 -4.81 -1.97
N ASP A 45 3.17 -4.02 -3.04
CA ASP A 45 3.96 -4.44 -4.21
C ASP A 45 5.45 -4.58 -3.82
N GLY A 46 6.09 -5.64 -4.33
CA GLY A 46 7.43 -6.03 -3.89
C GLY A 46 7.37 -7.16 -2.87
N ILE A 47 6.36 -7.07 -1.99
CA ILE A 47 6.11 -8.06 -0.93
C ILE A 47 5.37 -9.28 -1.50
N ALA A 48 5.58 -10.46 -0.88
CA ALA A 48 5.03 -11.73 -1.35
C ALA A 48 3.49 -11.77 -1.25
N ALA A 49 2.93 -11.43 -0.07
CA ALA A 49 1.48 -11.54 0.18
C ALA A 49 0.94 -10.50 1.19
N TRP A 50 1.57 -10.36 2.37
CA TRP A 50 1.10 -9.35 3.40
C TRP A 50 2.27 -8.72 4.17
N ILE A 51 2.01 -7.50 4.68
CA ILE A 51 2.81 -6.83 5.73
C ILE A 51 1.83 -6.34 6.81
N HIS A 52 2.14 -6.59 8.10
CA HIS A 52 1.35 -6.03 9.23
C HIS A 52 1.43 -4.49 9.15
N ALA A 53 0.26 -3.82 9.10
CA ALA A 53 0.13 -2.39 8.70
C ALA A 53 0.98 -1.40 9.53
N ALA A 54 1.42 -1.81 10.73
CA ALA A 54 2.28 -0.98 11.61
C ALA A 54 3.72 -0.81 11.05
N HIS A 55 4.07 -1.63 10.04
CA HIS A 55 5.36 -1.50 9.30
C HIS A 55 5.16 -0.68 8.03
N VAL A 56 3.93 -0.27 7.74
CA VAL A 56 3.61 0.50 6.53
C VAL A 56 3.52 1.98 6.89
N LYS A 57 4.24 2.82 6.12
CA LYS A 57 4.25 4.28 6.32
C LYS A 57 3.86 4.97 4.99
N ALA A 58 2.79 5.79 5.03
CA ALA A 58 2.31 6.54 3.84
C ALA A 58 3.39 7.49 3.31
N ALA A 59 3.74 7.34 2.02
CA ALA A 59 4.85 8.08 1.37
C ALA A 59 4.38 8.76 0.08
N ASP A 60 4.82 10.00 -0.14
CA ASP A 60 4.49 10.81 -1.32
C ASP A 60 5.57 10.60 -2.41
N PRO A 61 5.20 10.07 -3.62
CA PRO A 61 6.16 9.84 -4.73
C PRO A 61 6.35 11.07 -5.65
N GLY A 62 5.57 12.13 -5.39
CA GLY A 62 5.53 13.31 -6.27
C GLY A 62 4.67 13.08 -7.51
N GLY A 63 3.84 12.03 -7.47
CA GLY A 63 2.97 11.66 -8.58
C GLY A 63 2.18 10.40 -8.30
N GLY A 64 2.78 9.23 -8.61
CA GLY A 64 2.13 7.94 -8.40
C GLY A 64 2.97 6.77 -8.94
N PRO A 65 2.37 5.55 -9.10
CA PRO A 65 3.07 4.37 -9.68
C PRO A 65 3.52 4.65 -11.13
N SER A 66 4.83 4.82 -11.32
CA SER A 66 5.43 5.12 -12.64
C SER A 66 5.62 3.85 -13.48
N SER A 67 5.21 2.68 -12.94
CA SER A 67 5.26 1.39 -13.65
C SER A 67 3.87 0.74 -13.70
N ARG A 68 3.72 -0.24 -14.61
CA ARG A 68 2.46 -0.96 -14.84
C ARG A 68 2.39 -2.13 -13.84
N LEU A 69 1.81 -1.89 -12.66
CA LEU A 69 1.75 -2.87 -11.55
C LEU A 69 0.58 -3.86 -11.77
N THR A 70 0.36 -4.75 -10.77
CA THR A 70 -0.78 -5.67 -10.77
C THR A 70 -2.03 -4.93 -10.21
N TRP A 71 -2.50 -3.94 -11.00
CA TRP A 71 -3.58 -3.00 -10.61
C TRP A 71 -4.93 -3.71 -10.39
N ARG A 72 -5.10 -4.89 -11.00
CA ARG A 72 -6.38 -5.61 -10.99
C ARG A 72 -6.68 -6.17 -9.59
N VAL A 73 -5.70 -6.94 -9.01
CA VAL A 73 -5.79 -7.56 -7.67
C VAL A 73 -6.93 -8.61 -7.53
N GLN A 74 -8.19 -8.18 -7.75
CA GLN A 74 -9.39 -9.06 -7.83
C GLN A 74 -9.18 -10.25 -8.80
N ARG A 75 -8.58 -11.33 -8.25
CA ARG A 75 -8.18 -12.53 -9.00
C ARG A 75 -8.24 -13.80 -8.13
N SER A 76 -8.54 -13.65 -6.83
CA SER A 76 -8.47 -14.76 -5.87
C SER A 76 -9.40 -14.56 -4.67
N GLN A 77 -10.59 -15.21 -4.71
CA GLN A 77 -11.51 -15.36 -3.56
C GLN A 77 -12.08 -14.00 -3.08
N ASN A 78 -12.22 -13.06 -4.04
CA ASN A 78 -12.76 -11.70 -3.81
C ASN A 78 -11.91 -10.93 -2.78
N PRO A 79 -10.65 -10.51 -3.15
CA PRO A 79 -9.77 -9.76 -2.24
C PRO A 79 -10.19 -8.27 -2.13
N LEU A 80 -10.66 -7.68 -3.25
CA LEU A 80 -11.13 -6.29 -3.30
C LEU A 80 -12.61 -6.19 -2.86
N LYS A 81 -13.11 -4.93 -2.79
CA LYS A 81 -14.52 -4.60 -2.50
C LYS A 81 -14.90 -5.03 -1.04
N ILE A 82 -13.89 -4.96 -0.13
CA ILE A 82 -14.04 -5.34 1.30
C ILE A 82 -14.70 -4.22 2.13
N ARG A 83 -15.17 -3.15 1.45
CA ARG A 83 -15.91 -2.04 2.06
C ARG A 83 -17.35 -2.51 2.41
N LEU A 84 -17.42 -3.42 3.39
CA LEU A 84 -18.66 -4.01 3.87
C LEU A 84 -19.28 -3.09 4.91
N THR A 85 -20.46 -2.55 4.58
CA THR A 85 -21.17 -1.63 5.45
C THR A 85 -21.67 -2.38 6.70
N ARG A 86 -22.58 -3.36 6.49
CA ARG A 86 -23.29 -4.11 7.56
C ARG A 86 -24.33 -3.22 8.28
N GLU A 87 -25.19 -3.85 9.09
CA GLU A 87 -26.16 -3.17 9.95
C GLU A 87 -26.07 -3.73 11.38
N ALA A 88 -26.53 -2.93 12.36
CA ALA A 88 -26.56 -3.34 13.77
C ALA A 88 -27.54 -2.46 14.59
N PRO A 89 -27.45 -1.08 14.54
CA PRO A 89 -28.53 -0.23 15.08
C PRO A 89 -29.71 -0.08 14.06
N HIS A 1 -15.88 -7.79 -17.01
CA HIS A 1 -16.60 -8.07 -15.74
C HIS A 1 -17.46 -6.84 -15.40
N HIS A 2 -18.57 -7.05 -14.67
CA HIS A 2 -19.46 -5.94 -14.26
C HIS A 2 -19.70 -5.95 -12.74
N HIS A 3 -18.79 -5.28 -12.02
CA HIS A 3 -18.94 -4.93 -10.60
C HIS A 3 -17.95 -3.81 -10.24
N HIS A 4 -18.40 -2.86 -9.40
CA HIS A 4 -17.66 -1.62 -9.09
C HIS A 4 -18.10 -1.08 -7.72
N HIS A 5 -17.11 -0.61 -6.92
CA HIS A 5 -17.37 0.13 -5.65
C HIS A 5 -16.11 0.92 -5.25
N HIS A 6 -16.32 2.01 -4.50
CA HIS A 6 -15.22 2.86 -4.01
C HIS A 6 -14.41 2.12 -2.93
N SER A 7 -13.10 1.94 -3.17
CA SER A 7 -12.17 1.27 -2.25
C SER A 7 -10.81 1.99 -2.32
N HIS A 8 -9.79 1.40 -1.68
CA HIS A 8 -8.39 1.85 -1.80
C HIS A 8 -7.91 1.75 -3.25
N MET A 9 -7.12 2.74 -3.70
CA MET A 9 -6.46 2.67 -5.01
C MET A 9 -5.20 1.78 -4.89
N VAL A 10 -5.04 0.87 -5.87
CA VAL A 10 -3.87 0.00 -5.97
C VAL A 10 -2.68 0.83 -6.51
N GLY A 11 -1.46 0.47 -6.09
CA GLY A 11 -0.28 1.26 -6.45
C GLY A 11 -0.01 2.40 -5.48
N ASP A 12 -0.74 2.39 -4.33
CA ASP A 12 -0.68 3.47 -3.30
C ASP A 12 0.75 3.56 -2.72
N THR A 13 1.44 4.69 -2.95
CA THR A 13 2.87 4.82 -2.66
C THR A 13 3.10 4.93 -1.15
N VAL A 14 3.76 3.90 -0.59
CA VAL A 14 4.09 3.79 0.83
C VAL A 14 5.58 3.42 1.01
N TRP A 15 5.99 3.24 2.27
CA TRP A 15 7.31 2.72 2.65
C TRP A 15 7.09 1.49 3.54
N VAL A 16 7.94 0.47 3.40
CA VAL A 16 7.90 -0.73 4.24
C VAL A 16 9.10 -0.70 5.19
N ARG A 17 8.81 -0.40 6.46
CA ARG A 17 9.80 -0.18 7.50
C ARG A 17 10.26 -1.52 8.10
N ARG A 18 11.36 -2.05 7.55
CA ARG A 18 11.92 -3.37 7.90
C ARG A 18 12.75 -3.26 9.19
N HIS A 19 12.86 -4.37 9.95
CA HIS A 19 13.62 -4.40 11.23
C HIS A 19 14.68 -5.53 11.19
N GLN A 20 15.95 -5.16 11.47
CA GLN A 20 17.06 -6.12 11.64
C GLN A 20 17.13 -6.56 13.12
N THR A 21 16.99 -5.55 13.99
CA THR A 21 16.87 -5.73 15.44
C THR A 21 15.61 -4.98 15.91
N LYS A 22 14.71 -5.71 16.60
CA LYS A 22 13.46 -5.14 17.14
C LYS A 22 13.74 -4.18 18.32
N ASN A 23 14.89 -4.39 19.00
CA ASN A 23 15.37 -3.49 20.08
C ASN A 23 15.91 -2.16 19.52
N LEU A 24 16.40 -2.19 18.27
CA LEU A 24 16.88 -0.99 17.55
C LEU A 24 15.76 -0.39 16.69
N GLU A 25 16.04 0.78 16.10
CA GLU A 25 15.10 1.49 15.21
C GLU A 25 14.95 0.73 13.87
N PRO A 26 13.69 0.40 13.45
CA PRO A 26 13.44 -0.26 12.15
C PRO A 26 13.67 0.74 11.00
N ARG A 27 14.39 0.30 9.98
CA ARG A 27 14.82 1.15 8.84
C ARG A 27 13.80 1.00 7.69
N TRP A 28 13.30 2.14 7.17
CA TRP A 28 12.28 2.13 6.11
C TRP A 28 12.93 1.91 4.73
N LYS A 29 12.18 1.22 3.87
CA LYS A 29 12.55 0.98 2.46
C LYS A 29 11.46 1.61 1.58
N GLY A 30 11.84 2.22 0.45
CA GLY A 30 10.89 2.86 -0.44
C GLY A 30 11.48 3.15 -1.83
N PRO A 31 10.64 3.45 -2.88
CA PRO A 31 9.16 3.50 -2.77
C PRO A 31 8.51 2.11 -3.01
N TYR A 32 7.52 1.80 -2.18
CA TYR A 32 6.64 0.63 -2.33
C TYR A 32 5.22 1.07 -2.68
N THR A 33 4.35 0.09 -2.97
CA THR A 33 2.99 0.34 -3.47
C THR A 33 2.00 -0.67 -2.85
N VAL A 34 1.06 -0.20 -2.01
CA VAL A 34 -0.06 -1.03 -1.51
C VAL A 34 -1.00 -1.34 -2.68
N LEU A 35 -1.20 -2.64 -2.92
CA LEU A 35 -2.18 -3.16 -3.87
C LEU A 35 -3.51 -3.47 -3.14
N LEU A 36 -3.42 -4.06 -1.94
CA LEU A 36 -4.63 -4.48 -1.20
C LEU A 36 -4.54 -4.04 0.28
N THR A 37 -5.71 -3.68 0.85
CA THR A 37 -5.84 -3.21 2.23
C THR A 37 -6.76 -4.15 3.01
N THR A 38 -6.28 -4.59 4.19
CA THR A 38 -7.04 -5.45 5.13
C THR A 38 -6.75 -4.97 6.60
N PRO A 39 -7.64 -5.28 7.61
CA PRO A 39 -7.43 -4.89 9.04
C PRO A 39 -5.99 -5.19 9.57
N THR A 40 -5.21 -4.11 9.80
CA THR A 40 -3.84 -4.13 10.39
C THR A 40 -2.81 -4.93 9.52
N ALA A 41 -3.16 -5.17 8.24
CA ALA A 41 -2.31 -5.89 7.28
C ALA A 41 -2.46 -5.26 5.89
N LEU A 42 -1.34 -5.01 5.20
CA LEU A 42 -1.34 -4.41 3.87
C LEU A 42 -0.58 -5.31 2.90
N LYS A 43 -1.23 -5.69 1.80
CA LYS A 43 -0.58 -6.42 0.72
C LYS A 43 0.09 -5.39 -0.18
N VAL A 44 1.42 -5.37 -0.11
CA VAL A 44 2.26 -4.44 -0.83
C VAL A 44 3.01 -5.20 -1.95
N ASP A 45 3.07 -4.60 -3.14
CA ASP A 45 3.88 -5.13 -4.25
C ASP A 45 5.37 -5.04 -3.89
N GLY A 46 6.13 -6.08 -4.24
CA GLY A 46 7.53 -6.22 -3.82
C GLY A 46 7.67 -7.03 -2.54
N ILE A 47 6.54 -7.23 -1.83
CA ILE A 47 6.46 -8.03 -0.59
C ILE A 47 5.86 -9.42 -0.92
N ALA A 48 6.31 -10.46 -0.18
CA ALA A 48 5.91 -11.86 -0.40
C ALA A 48 4.38 -12.05 -0.43
N ALA A 49 3.68 -11.49 0.58
CA ALA A 49 2.20 -11.52 0.64
C ALA A 49 1.62 -10.30 1.39
N TRP A 50 2.01 -10.12 2.68
CA TRP A 50 1.48 -9.02 3.55
C TRP A 50 2.58 -8.48 4.48
N ILE A 51 2.39 -7.22 4.94
CA ILE A 51 3.18 -6.62 6.05
C ILE A 51 2.19 -6.08 7.10
N HIS A 52 2.53 -6.27 8.38
CA HIS A 52 1.76 -5.71 9.51
C HIS A 52 1.85 -4.17 9.46
N ALA A 53 0.72 -3.48 9.76
CA ALA A 53 0.52 -2.02 9.53
C ALA A 53 1.53 -1.12 10.29
N ALA A 54 2.13 -1.64 11.37
CA ALA A 54 3.15 -0.92 12.17
C ALA A 54 4.51 -0.79 11.43
N HIS A 55 4.69 -1.59 10.37
CA HIS A 55 5.90 -1.58 9.52
C HIS A 55 5.56 -1.16 8.08
N VAL A 56 4.44 -0.42 7.91
CA VAL A 56 4.12 0.32 6.68
C VAL A 56 3.78 1.76 7.08
N LYS A 57 4.30 2.75 6.34
CA LYS A 57 4.01 4.18 6.57
C LYS A 57 3.77 4.85 5.20
N ALA A 58 2.73 5.69 5.12
CA ALA A 58 2.27 6.32 3.87
C ALA A 58 3.32 7.32 3.31
N ALA A 59 3.51 7.28 1.99
CA ALA A 59 4.36 8.22 1.23
C ALA A 59 3.48 8.99 0.23
N ASP A 60 4.04 10.05 -0.39
CA ASP A 60 3.36 10.80 -1.47
C ASP A 60 2.96 9.83 -2.63
N PRO A 61 1.63 9.63 -2.91
CA PRO A 61 1.15 8.81 -4.07
C PRO A 61 1.67 9.25 -5.46
N GLY A 62 2.16 10.51 -5.54
CA GLY A 62 2.84 11.03 -6.74
C GLY A 62 4.25 10.47 -6.95
N GLY A 63 4.74 9.71 -5.95
CA GLY A 63 6.04 9.05 -6.00
C GLY A 63 5.99 7.72 -6.76
N GLY A 64 4.82 7.07 -6.75
CA GLY A 64 4.58 5.81 -7.49
C GLY A 64 3.83 6.04 -8.79
N PRO A 65 3.20 4.97 -9.40
CA PRO A 65 2.48 5.10 -10.68
C PRO A 65 1.19 5.95 -10.55
N SER A 66 1.33 7.26 -10.77
CA SER A 66 0.20 8.23 -10.77
C SER A 66 -0.64 8.08 -12.06
N SER A 67 -0.01 7.52 -13.11
CA SER A 67 -0.70 7.14 -14.36
C SER A 67 -1.63 5.91 -14.13
N ARG A 68 -1.36 5.18 -13.01
CA ARG A 68 -2.14 4.02 -12.53
C ARG A 68 -2.11 2.87 -13.55
N LEU A 69 -1.09 2.00 -13.44
CA LEU A 69 -0.93 0.86 -14.37
C LEU A 69 -2.07 -0.15 -14.18
N THR A 70 -2.25 -0.59 -12.93
CA THR A 70 -3.35 -1.46 -12.51
C THR A 70 -4.52 -0.58 -12.01
N TRP A 71 -5.77 -1.02 -12.29
CA TRP A 71 -6.98 -0.37 -11.75
C TRP A 71 -7.28 -0.94 -10.36
N ARG A 72 -7.43 -2.27 -10.34
CA ARG A 72 -7.81 -3.07 -9.16
C ARG A 72 -7.13 -4.45 -9.26
N VAL A 73 -6.22 -4.77 -8.32
CA VAL A 73 -5.53 -6.08 -8.27
C VAL A 73 -6.56 -7.20 -7.95
N GLN A 74 -7.42 -6.92 -6.97
CA GLN A 74 -8.60 -7.72 -6.63
C GLN A 74 -9.82 -7.00 -7.19
N ARG A 75 -10.83 -7.76 -7.59
CA ARG A 75 -12.11 -7.22 -8.12
C ARG A 75 -13.25 -7.49 -7.13
N SER A 76 -13.09 -8.56 -6.31
CA SER A 76 -14.10 -9.01 -5.33
C SER A 76 -14.35 -7.96 -4.23
N GLN A 77 -15.56 -8.02 -3.66
CA GLN A 77 -16.06 -7.02 -2.70
C GLN A 77 -15.39 -7.15 -1.31
N ASN A 78 -15.09 -8.40 -0.92
CA ASN A 78 -14.55 -8.73 0.43
C ASN A 78 -13.09 -8.21 0.65
N PRO A 79 -12.08 -8.55 -0.25
CA PRO A 79 -10.68 -8.06 -0.07
C PRO A 79 -10.56 -6.54 -0.32
N LEU A 80 -11.34 -6.01 -1.29
CA LEU A 80 -11.38 -4.59 -1.59
C LEU A 80 -12.17 -3.84 -0.50
N LYS A 81 -11.45 -3.49 0.58
CA LYS A 81 -11.97 -2.63 1.65
C LYS A 81 -10.83 -1.81 2.26
N ILE A 82 -11.20 -0.94 3.20
CA ILE A 82 -10.26 -0.09 3.94
C ILE A 82 -10.60 -0.12 5.44
N ARG A 83 -9.74 0.52 6.21
CA ARG A 83 -10.02 0.94 7.58
C ARG A 83 -9.08 2.11 7.89
N LEU A 84 -9.53 3.03 8.77
CA LEU A 84 -8.73 4.20 9.16
C LEU A 84 -7.52 3.76 10.00
N THR A 85 -6.47 3.33 9.29
CA THR A 85 -5.19 2.95 9.87
C THR A 85 -4.47 4.21 10.38
N ARG A 86 -3.63 4.05 11.42
CA ARG A 86 -2.81 5.14 11.93
C ARG A 86 -1.37 4.94 11.45
N GLU A 87 -0.67 6.05 11.18
CA GLU A 87 0.77 6.06 10.93
C GLU A 87 1.51 5.57 12.18
N ALA A 88 2.36 4.56 11.99
CA ALA A 88 3.16 3.98 13.08
C ALA A 88 4.30 4.94 13.48
N PRO A 89 4.45 5.30 14.80
CA PRO A 89 5.50 6.24 15.29
C PRO A 89 6.93 5.88 14.79
#